data_1T9K
#
_entry.id   1T9K
#
_cell.length_a   103.885
_cell.length_b   103.885
_cell.length_c   259.929
_cell.angle_alpha   90.00
_cell.angle_beta   90.00
_cell.angle_gamma   120.00
#
_symmetry.space_group_name_H-M   'P 31 2 1'
#
loop_
_entity.id
_entity.type
_entity.pdbx_description
1 polymer 'Probable methylthioribose-1-phosphate isomerase'
2 non-polymer 'SULFATE ION'
3 non-polymer 'CHLORIDE ION'
4 water water
#
_entity_poly.entity_id   1
_entity_poly.type   'polypeptide(L)'
_entity_poly.pdbx_seq_one_letter_code
;GH(MSE)KLKTKT(MSE)EWSGNSLKLLDQRKLPFIEEYVECKTHEEVAHAIKE(MSE)IVRGAPAIGVAAAFGYVLGLR
DYKTGSLTDW(MSE)KQVKETLARTRPTAVNLFWALNR(MSE)EKVFFENADRENLFEILENEALK(MSE)AYEDIEVNK
AIGKNGAQLIKDGSTILTHCNAGALATVDYGTALGVIRAAVESGKRIRVFADETRPYLQGARLTAWEL(MSE)KDGIEVY
VITDN(MSE)AGWL(MSE)KRGLIDAVVVGADRIALNGDTANKIGTYSLAVLAKRNNIPFYVAAPVSTIDPTIRSGEEIP
IEERRPEEVTHCGGNRIAPEGVKVLNPAFDVTENTLITAIITEKGVIRPPFEENIKKILEVGS
;
_entity_poly.pdbx_strand_id   A,B,C,D
#
# COMPACT_ATOMS: atom_id res chain seq x y z
N LEU A 5 -33.34 16.84 6.45
CA LEU A 5 -32.85 15.81 5.50
C LEU A 5 -31.54 15.16 5.95
N LYS A 6 -31.66 13.94 6.47
CA LYS A 6 -30.49 13.19 6.94
C LYS A 6 -30.62 11.68 6.68
N THR A 7 -29.72 11.16 5.83
CA THR A 7 -29.70 9.74 5.51
C THR A 7 -28.24 9.34 5.32
N LYS A 8 -27.99 8.08 5.01
CA LYS A 8 -26.61 7.63 4.82
C LYS A 8 -25.93 8.23 3.59
N THR A 9 -26.69 8.41 2.51
CA THR A 9 -26.14 8.95 1.27
C THR A 9 -25.82 10.45 1.33
N GLU A 11 -26.79 14.55 3.46
CA GLU A 11 -27.39 15.34 4.52
C GLU A 11 -27.34 16.82 4.15
N TRP A 12 -28.46 17.50 4.41
CA TRP A 12 -28.59 18.93 4.11
C TRP A 12 -28.49 19.78 5.38
N SER A 13 -27.40 20.52 5.52
CA SER A 13 -27.17 21.36 6.69
C SER A 13 -27.76 22.76 6.50
N GLY A 14 -28.58 22.94 5.47
CA GLY A 14 -29.18 24.24 5.24
C GLY A 14 -28.33 25.17 4.39
N ASN A 15 -27.01 25.10 4.58
CA ASN A 15 -26.12 25.96 3.80
C ASN A 15 -24.95 25.17 3.22
N SER A 16 -25.11 23.84 3.18
CA SER A 16 -24.07 22.97 2.63
C SER A 16 -24.63 21.56 2.49
N LEU A 17 -24.05 20.78 1.58
CA LEU A 17 -24.51 19.42 1.33
C LEU A 17 -23.44 18.39 1.66
N LYS A 18 -23.72 17.55 2.65
CA LYS A 18 -22.78 16.50 3.06
C LYS A 18 -23.09 15.20 2.33
N LEU A 19 -22.09 14.69 1.62
CA LEU A 19 -22.24 13.46 0.85
C LEU A 19 -21.33 12.35 1.37
N LEU A 20 -21.89 11.16 1.53
CA LEU A 20 -21.09 10.03 1.97
C LEU A 20 -20.12 9.80 0.82
N ASP A 21 -18.82 9.77 1.11
CA ASP A 21 -17.85 9.57 0.03
C ASP A 21 -17.86 8.13 -0.46
N GLN A 22 -18.79 7.84 -1.37
CA GLN A 22 -18.95 6.50 -1.91
C GLN A 22 -17.74 5.91 -2.61
N ARG A 23 -16.71 6.72 -2.84
CA ARG A 23 -15.51 6.21 -3.50
C ARG A 23 -14.50 5.73 -2.48
N LYS A 24 -14.91 5.65 -1.22
CA LYS A 24 -14.05 5.22 -0.13
C LYS A 24 -14.57 4.00 0.62
N LEU A 25 -15.86 3.70 0.46
CA LEU A 25 -16.45 2.54 1.12
C LEU A 25 -15.79 1.28 0.54
N PRO A 26 -16.01 0.11 1.16
CA PRO A 26 -16.82 -0.15 2.35
C PRO A 26 -16.08 0.05 3.68
N PHE A 27 -14.78 0.33 3.60
CA PHE A 27 -13.98 0.48 4.81
C PHE A 27 -14.05 1.84 5.51
N ILE A 28 -13.96 2.92 4.74
CA ILE A 28 -14.03 4.25 5.33
C ILE A 28 -15.41 4.87 5.13
N GLU A 29 -16.03 5.30 6.21
CA GLU A 29 -17.35 5.90 6.14
C GLU A 29 -17.34 7.41 6.39
N GLU A 30 -16.48 8.15 5.67
CA GLU A 30 -16.42 9.59 5.85
C GLU A 30 -17.37 10.35 4.93
N TYR A 31 -17.57 11.63 5.24
CA TYR A 31 -18.45 12.49 4.46
C TYR A 31 -17.69 13.65 3.83
N VAL A 32 -18.27 14.21 2.77
CA VAL A 32 -17.68 15.34 2.06
C VAL A 32 -18.68 16.49 2.10
N GLU A 33 -18.22 17.66 2.51
CA GLU A 33 -19.08 18.84 2.60
C GLU A 33 -18.95 19.74 1.39
N CYS A 34 -20.08 19.96 0.73
CA CYS A 34 -20.14 20.78 -0.47
C CYS A 34 -20.83 22.10 -0.11
N LYS A 35 -20.16 23.21 -0.38
CA LYS A 35 -20.71 24.53 -0.07
C LYS A 35 -20.90 25.38 -1.31
N THR A 36 -20.29 24.97 -2.41
CA THR A 36 -20.40 25.70 -3.67
C THR A 36 -20.99 24.80 -4.73
N HIS A 37 -21.85 25.35 -5.58
CA HIS A 37 -22.46 24.55 -6.63
C HIS A 37 -21.37 23.79 -7.38
N GLU A 38 -20.16 24.36 -7.39
CA GLU A 38 -19.03 23.73 -8.07
C GLU A 38 -18.54 22.50 -7.34
N GLU A 39 -18.60 22.52 -6.02
CA GLU A 39 -18.17 21.37 -5.25
C GLU A 39 -19.15 20.22 -5.42
N VAL A 40 -20.44 20.53 -5.50
CA VAL A 40 -21.43 19.49 -5.70
C VAL A 40 -21.20 18.93 -7.09
N ALA A 41 -20.80 19.78 -8.01
CA ALA A 41 -20.54 19.35 -9.37
C ALA A 41 -19.38 18.39 -9.30
N HIS A 42 -18.29 18.84 -8.68
CA HIS A 42 -17.10 18.03 -8.53
C HIS A 42 -17.42 16.69 -7.90
N ALA A 43 -18.22 16.70 -6.83
CA ALA A 43 -18.59 15.47 -6.13
C ALA A 43 -19.29 14.53 -7.10
N ILE A 44 -20.16 15.09 -7.93
CA ILE A 44 -20.90 14.30 -8.92
C ILE A 44 -19.95 13.77 -9.97
N LYS A 45 -19.11 14.64 -10.50
CA LYS A 45 -18.16 14.28 -11.54
C LYS A 45 -17.19 13.17 -11.10
N GLU A 46 -16.75 13.22 -9.84
CA GLU A 46 -15.79 12.26 -9.31
C GLU A 46 -16.44 11.01 -8.73
N ILE A 48 -18.27 10.89 -5.96
CA ILE A 48 -18.25 10.88 -4.50
C ILE A 48 -19.66 10.47 -4.13
N VAL A 49 -20.59 10.94 -4.94
CA VAL A 49 -22.00 10.60 -4.81
C VAL A 49 -22.30 10.02 -6.18
N ARG A 50 -23.23 9.08 -6.25
CA ARG A 50 -23.59 8.48 -7.52
C ARG A 50 -24.83 7.63 -7.40
N GLY A 51 -25.38 7.26 -8.56
CA GLY A 51 -26.61 6.51 -8.59
C GLY A 51 -27.62 7.51 -9.12
N ALA A 52 -28.08 7.30 -10.36
CA ALA A 52 -29.03 8.19 -11.00
C ALA A 52 -29.92 8.96 -10.02
N PRO A 53 -30.77 8.26 -9.27
CA PRO A 53 -31.65 8.95 -8.32
C PRO A 53 -30.94 9.96 -7.42
N ALA A 54 -29.90 9.52 -6.74
CA ALA A 54 -29.16 10.40 -5.83
C ALA A 54 -28.40 11.53 -6.52
N ILE A 55 -28.03 11.34 -7.78
CA ILE A 55 -27.31 12.39 -8.48
C ILE A 55 -28.24 13.58 -8.69
N GLY A 56 -29.53 13.28 -8.84
CA GLY A 56 -30.51 14.33 -9.05
C GLY A 56 -30.72 15.21 -7.83
N VAL A 57 -31.14 14.60 -6.73
CA VAL A 57 -31.37 15.35 -5.51
C VAL A 57 -30.10 16.10 -5.13
N ALA A 58 -28.96 15.45 -5.26
CA ALA A 58 -27.69 16.08 -4.94
C ALA A 58 -27.48 17.26 -5.87
N ALA A 59 -27.91 17.13 -7.11
CA ALA A 59 -27.74 18.21 -8.08
C ALA A 59 -28.69 19.34 -7.76
N ALA A 60 -29.88 18.99 -7.28
CA ALA A 60 -30.90 19.97 -6.92
C ALA A 60 -30.42 20.86 -5.78
N PHE A 61 -29.68 20.27 -4.84
CA PHE A 61 -29.17 21.04 -3.72
C PHE A 61 -27.99 21.92 -4.15
N GLY A 62 -27.13 21.36 -4.99
CA GLY A 62 -25.99 22.12 -5.46
C GLY A 62 -26.49 23.33 -6.22
N TYR A 63 -27.75 23.26 -6.62
CA TYR A 63 -28.37 24.34 -7.38
C TYR A 63 -28.74 25.47 -6.42
N VAL A 64 -29.25 25.13 -5.22
CA VAL A 64 -29.61 26.16 -4.27
C VAL A 64 -28.33 26.82 -3.78
N LEU A 65 -27.29 26.03 -3.61
CA LEU A 65 -26.02 26.60 -3.18
C LEU A 65 -25.60 27.55 -4.30
N GLY A 66 -26.01 27.22 -5.52
CA GLY A 66 -25.68 28.05 -6.66
C GLY A 66 -26.13 29.48 -6.43
N LEU A 67 -27.30 29.61 -5.81
CA LEU A 67 -27.87 30.91 -5.50
C LEU A 67 -27.02 31.55 -4.41
N ARG A 68 -26.68 30.74 -3.40
CA ARG A 68 -25.86 31.18 -2.29
C ARG A 68 -24.48 31.64 -2.78
N ASP A 69 -24.11 31.24 -3.99
CA ASP A 69 -22.82 31.61 -4.56
C ASP A 69 -22.91 32.90 -5.36
N TYR A 70 -24.13 33.34 -5.64
CA TYR A 70 -24.36 34.55 -6.41
C TYR A 70 -23.74 35.78 -5.76
N LYS A 71 -23.18 36.66 -6.57
CA LYS A 71 -22.58 37.88 -6.07
C LYS A 71 -22.86 39.12 -6.91
N THR A 72 -22.59 39.03 -8.21
CA THR A 72 -22.80 40.18 -9.10
C THR A 72 -23.42 39.82 -10.45
N GLY A 73 -23.52 40.81 -11.34
CA GLY A 73 -24.09 40.60 -12.65
C GLY A 73 -25.53 40.09 -12.61
N SER A 74 -26.06 39.71 -13.76
CA SER A 74 -27.42 39.18 -13.83
C SER A 74 -27.59 37.90 -13.03
N LEU A 75 -28.71 37.79 -12.31
CA LEU A 75 -28.98 36.60 -11.52
C LEU A 75 -29.42 35.45 -12.40
N THR A 76 -30.09 35.77 -13.50
CA THR A 76 -30.57 34.76 -14.44
C THR A 76 -29.41 34.10 -15.20
N ASP A 77 -28.47 34.91 -15.70
CA ASP A 77 -27.32 34.37 -16.42
C ASP A 77 -26.49 33.45 -15.54
N TRP A 78 -26.29 33.86 -14.29
CA TRP A 78 -25.50 33.08 -13.34
C TRP A 78 -26.18 31.76 -12.94
N LYS A 80 -28.23 30.19 -14.75
CA LYS A 80 -28.21 29.41 -15.99
C LYS A 80 -26.88 28.68 -16.09
N GLN A 81 -25.81 29.36 -15.67
CA GLN A 81 -24.46 28.80 -15.69
C GLN A 81 -24.29 27.75 -14.60
N VAL A 82 -24.89 28.01 -13.44
CA VAL A 82 -24.80 27.06 -12.34
C VAL A 82 -25.43 25.77 -12.84
N LYS A 83 -26.60 25.90 -13.45
CA LYS A 83 -27.30 24.74 -13.99
C LYS A 83 -26.47 24.07 -15.06
N GLU A 84 -25.78 24.86 -15.86
CA GLU A 84 -24.97 24.31 -16.94
C GLU A 84 -23.73 23.59 -16.41
N THR A 85 -23.12 24.14 -15.36
CA THR A 85 -21.93 23.53 -14.78
C THR A 85 -22.28 22.22 -14.09
N LEU A 86 -23.47 22.16 -13.51
CA LEU A 86 -23.93 20.97 -12.81
C LEU A 86 -24.38 19.88 -13.79
N ALA A 87 -24.98 20.29 -14.90
CA ALA A 87 -25.47 19.36 -15.90
C ALA A 87 -24.33 18.76 -16.74
N ARG A 88 -23.25 19.51 -16.86
CA ARG A 88 -22.09 19.09 -17.63
C ARG A 88 -21.21 18.06 -16.91
N THR A 89 -21.67 17.52 -15.79
CA THR A 89 -20.89 16.55 -15.03
C THR A 89 -20.92 15.12 -15.56
N ARG A 90 -22.12 14.53 -15.61
CA ARG A 90 -22.30 13.17 -16.11
C ARG A 90 -23.51 13.08 -17.03
N PRO A 91 -23.30 12.64 -18.28
CA PRO A 91 -24.22 12.45 -19.41
C PRO A 91 -25.47 11.59 -19.26
N THR A 92 -25.21 10.29 -19.17
CA THR A 92 -26.22 9.24 -19.12
C THR A 92 -27.47 9.33 -18.25
N ALA A 93 -27.32 9.39 -16.94
CA ALA A 93 -28.49 9.45 -16.08
C ALA A 93 -29.30 10.72 -16.34
N VAL A 94 -30.58 10.54 -16.68
CA VAL A 94 -31.47 11.65 -16.99
C VAL A 94 -32.09 12.26 -15.72
N ASN A 95 -31.90 11.59 -14.59
CA ASN A 95 -32.44 12.09 -13.33
C ASN A 95 -31.83 13.47 -13.04
N LEU A 96 -30.58 13.64 -13.45
CA LEU A 96 -29.87 14.90 -13.24
C LEU A 96 -30.57 16.09 -13.91
N PHE A 97 -30.87 15.93 -15.19
CA PHE A 97 -31.53 16.98 -15.96
C PHE A 97 -32.95 17.18 -15.48
N TRP A 98 -33.61 16.08 -15.19
CA TRP A 98 -34.99 16.09 -14.69
C TRP A 98 -35.04 16.95 -13.43
N ALA A 99 -34.06 16.75 -12.56
CA ALA A 99 -33.98 17.51 -11.31
C ALA A 99 -33.67 18.97 -11.62
N LEU A 100 -32.58 19.20 -12.34
CA LEU A 100 -32.19 20.55 -12.69
C LEU A 100 -33.31 21.32 -13.34
N ASN A 101 -34.01 20.69 -14.28
CA ASN A 101 -35.11 21.37 -14.96
C ASN A 101 -36.24 21.73 -14.00
N ARG A 102 -36.57 20.79 -13.11
CA ARG A 102 -37.63 21.06 -12.14
C ARG A 102 -37.27 22.22 -11.23
N GLU A 104 -35.03 24.73 -11.91
CA GLU A 104 -34.96 25.97 -12.65
C GLU A 104 -36.35 26.53 -12.86
N LYS A 105 -37.34 25.66 -13.06
CA LYS A 105 -38.69 26.15 -13.27
C LYS A 105 -39.15 26.88 -12.02
N VAL A 106 -38.97 26.26 -10.85
CA VAL A 106 -39.35 26.89 -9.61
C VAL A 106 -38.67 28.25 -9.53
N PHE A 107 -37.39 28.29 -9.87
CA PHE A 107 -36.63 29.53 -9.85
C PHE A 107 -37.24 30.60 -10.73
N PHE A 108 -37.45 30.29 -12.01
CA PHE A 108 -38.04 31.24 -12.95
C PHE A 108 -39.32 31.87 -12.46
N GLU A 109 -40.08 31.14 -11.65
CA GLU A 109 -41.35 31.63 -11.15
C GLU A 109 -41.29 32.29 -9.77
N ASN A 110 -40.10 32.37 -9.19
CA ASN A 110 -39.96 32.97 -7.87
C ASN A 110 -38.72 33.85 -7.78
N ALA A 111 -38.10 34.09 -8.93
CA ALA A 111 -36.89 34.90 -9.00
C ALA A 111 -36.98 36.24 -8.28
N ASP A 112 -38.14 36.89 -8.35
CA ASP A 112 -38.33 38.18 -7.69
C ASP A 112 -38.78 38.07 -6.24
N ARG A 113 -39.00 36.85 -5.77
CA ARG A 113 -39.42 36.63 -4.39
C ARG A 113 -38.28 36.89 -3.42
N GLU A 114 -38.56 37.59 -2.32
CA GLU A 114 -37.57 37.91 -1.31
C GLU A 114 -37.08 36.62 -0.64
N ASN A 115 -37.96 35.62 -0.61
CA ASN A 115 -37.66 34.33 -0.01
C ASN A 115 -37.29 33.29 -1.06
N LEU A 116 -36.52 33.72 -2.07
CA LEU A 116 -36.08 32.84 -3.14
C LEU A 116 -35.34 31.63 -2.60
N PHE A 117 -34.29 31.87 -1.83
CA PHE A 117 -33.49 30.78 -1.25
C PHE A 117 -34.33 29.81 -0.45
N GLU A 118 -35.27 30.33 0.33
CA GLU A 118 -36.12 29.47 1.14
C GLU A 118 -37.02 28.64 0.23
N ILE A 119 -37.47 29.25 -0.87
CA ILE A 119 -38.35 28.56 -1.81
C ILE A 119 -37.62 27.45 -2.56
N LEU A 120 -36.49 27.78 -3.16
CA LEU A 120 -35.70 26.80 -3.90
C LEU A 120 -35.28 25.63 -3.02
N GLU A 121 -34.66 25.92 -1.89
CA GLU A 121 -34.23 24.89 -0.97
C GLU A 121 -35.41 24.01 -0.60
N ASN A 122 -36.57 24.63 -0.50
CA ASN A 122 -37.78 23.90 -0.11
C ASN A 122 -38.15 22.83 -1.12
N GLU A 123 -37.99 23.13 -2.40
CA GLU A 123 -38.31 22.15 -3.44
C GLU A 123 -37.33 20.99 -3.37
N ALA A 124 -36.05 21.31 -3.20
CA ALA A 124 -35.03 20.28 -3.09
C ALA A 124 -35.40 19.31 -1.97
N LEU A 125 -35.73 19.86 -0.80
CA LEU A 125 -36.11 19.03 0.32
C LEU A 125 -37.36 18.24 -0.04
N LYS A 126 -38.30 18.91 -0.71
CA LYS A 126 -39.54 18.28 -1.12
C LYS A 126 -39.23 17.17 -2.12
N ALA A 128 -36.25 15.38 -2.16
CA ALA A 128 -35.59 14.28 -1.47
C ALA A 128 -36.61 13.40 -0.76
N TYR A 129 -37.56 14.03 -0.07
CA TYR A 129 -38.60 13.31 0.65
C TYR A 129 -39.50 12.52 -0.29
N GLU A 130 -39.54 12.91 -1.55
CA GLU A 130 -40.37 12.22 -2.52
C GLU A 130 -39.65 11.01 -3.09
N ASP A 131 -38.35 11.14 -3.26
CA ASP A 131 -37.54 10.04 -3.79
C ASP A 131 -37.59 8.83 -2.87
N ILE A 132 -37.42 9.07 -1.58
CA ILE A 132 -37.47 7.98 -0.61
C ILE A 132 -38.84 7.32 -0.65
N GLU A 133 -39.88 8.14 -0.74
CA GLU A 133 -41.24 7.62 -0.80
C GLU A 133 -41.46 6.87 -2.12
N VAL A 134 -41.02 7.45 -3.22
CA VAL A 134 -41.17 6.81 -4.53
C VAL A 134 -40.50 5.44 -4.55
N ASN A 135 -39.35 5.34 -3.90
CA ASN A 135 -38.61 4.09 -3.84
C ASN A 135 -39.36 2.99 -3.11
N LYS A 136 -39.86 3.31 -1.92
CA LYS A 136 -40.60 2.32 -1.12
C LYS A 136 -41.80 1.78 -1.89
N ALA A 137 -42.29 2.55 -2.85
CA ALA A 137 -43.41 2.13 -3.67
C ALA A 137 -42.88 1.16 -4.73
N ILE A 138 -41.72 1.48 -5.30
CA ILE A 138 -41.10 0.61 -6.30
C ILE A 138 -40.80 -0.73 -5.61
N GLY A 139 -40.22 -0.64 -4.42
CA GLY A 139 -39.91 -1.84 -3.67
C GLY A 139 -41.14 -2.69 -3.54
N LYS A 140 -42.23 -2.09 -3.04
CA LYS A 140 -43.48 -2.82 -2.86
C LYS A 140 -44.03 -3.41 -4.15
N ASN A 141 -44.05 -2.64 -5.22
CA ASN A 141 -44.56 -3.16 -6.48
C ASN A 141 -43.72 -4.34 -6.99
N GLY A 142 -42.41 -4.28 -6.78
CA GLY A 142 -41.54 -5.35 -7.22
C GLY A 142 -41.57 -6.59 -6.35
N ALA A 143 -41.82 -6.39 -5.06
CA ALA A 143 -41.87 -7.51 -4.11
C ALA A 143 -42.78 -8.62 -4.61
N GLN A 144 -43.94 -8.23 -5.15
CA GLN A 144 -44.92 -9.18 -5.66
C GLN A 144 -44.38 -10.11 -6.75
N LEU A 145 -43.34 -9.67 -7.46
CA LEU A 145 -42.76 -10.50 -8.51
C LEU A 145 -41.73 -11.49 -7.98
N ILE A 146 -41.26 -11.29 -6.75
CA ILE A 146 -40.25 -12.17 -6.15
C ILE A 146 -40.82 -13.29 -5.28
N LYS A 147 -40.67 -14.54 -5.74
CA LYS A 147 -41.17 -15.68 -4.99
C LYS A 147 -40.29 -15.96 -3.76
N ASP A 148 -40.95 -16.24 -2.64
CA ASP A 148 -40.26 -16.52 -1.39
C ASP A 148 -39.16 -17.56 -1.55
N GLY A 149 -38.07 -17.37 -0.82
CA GLY A 149 -36.95 -18.29 -0.87
C GLY A 149 -36.18 -18.33 -2.18
N SER A 150 -36.09 -17.21 -2.88
CA SER A 150 -35.37 -17.20 -4.14
C SER A 150 -34.03 -16.45 -4.11
N THR A 151 -33.17 -16.78 -5.06
CA THR A 151 -31.87 -16.15 -5.17
C THR A 151 -31.94 -15.13 -6.29
N ILE A 152 -31.62 -13.88 -5.97
CA ILE A 152 -31.70 -12.81 -6.93
C ILE A 152 -30.36 -12.17 -7.23
N LEU A 153 -30.06 -12.06 -8.51
CA LEU A 153 -28.81 -11.44 -8.93
C LEU A 153 -29.05 -9.97 -9.22
N THR A 154 -28.13 -9.13 -8.79
CA THR A 154 -28.22 -7.69 -9.05
C THR A 154 -26.94 -7.27 -9.74
N HIS A 155 -26.89 -6.00 -10.14
CA HIS A 155 -25.72 -5.44 -10.80
C HIS A 155 -25.57 -4.03 -10.25
N CYS A 156 -24.36 -3.49 -10.29
CA CYS A 156 -24.11 -2.15 -9.79
C CYS A 156 -24.68 -2.01 -8.38
N ASN A 157 -25.12 -0.80 -8.06
CA ASN A 157 -25.70 -0.50 -6.77
C ASN A 157 -26.91 0.39 -6.96
N ALA A 158 -28.08 -0.22 -7.07
CA ALA A 158 -29.32 0.54 -7.24
C ALA A 158 -30.02 0.43 -5.90
N GLY A 159 -29.27 0.75 -4.84
CA GLY A 159 -29.84 0.66 -3.51
C GLY A 159 -29.83 1.96 -2.75
N ALA A 160 -29.75 1.85 -1.43
CA ALA A 160 -29.74 2.99 -0.53
C ALA A 160 -28.74 4.07 -0.96
N LEU A 161 -27.51 3.65 -1.25
CA LEU A 161 -26.47 4.60 -1.64
C LEU A 161 -26.65 5.20 -3.03
N ALA A 162 -27.62 4.70 -3.80
CA ALA A 162 -27.87 5.22 -5.13
C ALA A 162 -29.08 6.16 -5.13
N THR A 163 -29.73 6.27 -3.98
CA THR A 163 -30.90 7.13 -3.86
C THR A 163 -30.82 7.92 -2.57
N VAL A 164 -31.87 8.69 -2.27
CA VAL A 164 -31.87 9.46 -1.03
C VAL A 164 -31.87 8.41 0.07
N ASP A 165 -32.61 7.32 -0.16
CA ASP A 165 -32.68 6.22 0.80
C ASP A 165 -33.49 5.06 0.24
N TYR A 166 -33.48 3.94 0.97
CA TYR A 166 -34.20 2.72 0.61
C TYR A 166 -33.70 2.04 -0.66
N GLY A 167 -33.59 2.80 -1.74
CA GLY A 167 -33.10 2.23 -2.99
C GLY A 167 -34.20 1.77 -3.92
N THR A 168 -33.81 1.38 -5.13
CA THR A 168 -34.78 0.94 -6.14
C THR A 168 -34.82 -0.59 -6.31
N ALA A 169 -33.79 -1.16 -6.92
CA ALA A 169 -33.74 -2.61 -7.11
C ALA A 169 -33.54 -3.28 -5.76
N LEU A 170 -32.73 -2.67 -4.89
CA LEU A 170 -32.49 -3.19 -3.56
C LEU A 170 -33.71 -2.88 -2.68
N GLY A 171 -34.49 -1.88 -3.09
CA GLY A 171 -35.68 -1.52 -2.35
C GLY A 171 -36.65 -2.67 -2.56
N VAL A 172 -36.73 -3.16 -3.78
CA VAL A 172 -37.60 -4.28 -4.10
C VAL A 172 -37.24 -5.45 -3.19
N ILE A 173 -35.94 -5.60 -2.91
CA ILE A 173 -35.45 -6.67 -2.06
C ILE A 173 -35.81 -6.43 -0.59
N ARG A 174 -35.42 -5.27 -0.07
CA ARG A 174 -35.72 -4.93 1.31
C ARG A 174 -37.20 -5.14 1.59
N ALA A 175 -38.03 -4.82 0.60
CA ALA A 175 -39.47 -4.96 0.74
C ALA A 175 -39.91 -6.42 0.77
N ALA A 176 -39.33 -7.25 -0.09
CA ALA A 176 -39.68 -8.65 -0.12
C ALA A 176 -39.28 -9.28 1.21
N VAL A 177 -38.17 -8.81 1.77
CA VAL A 177 -37.69 -9.32 3.04
C VAL A 177 -38.63 -8.87 4.15
N GLU A 178 -39.05 -7.61 4.08
CA GLU A 178 -39.96 -7.04 5.06
C GLU A 178 -41.27 -7.82 5.06
N SER A 179 -41.70 -8.25 3.88
CA SER A 179 -42.93 -9.01 3.78
C SER A 179 -42.74 -10.36 4.46
N GLY A 180 -41.48 -10.70 4.73
CA GLY A 180 -41.17 -11.96 5.38
C GLY A 180 -40.78 -13.08 4.44
N LYS A 181 -39.98 -12.77 3.42
CA LYS A 181 -39.55 -13.77 2.47
C LYS A 181 -38.07 -14.04 2.60
N ARG A 182 -37.72 -15.31 2.72
CA ARG A 182 -36.32 -15.71 2.83
C ARG A 182 -35.70 -15.29 1.50
N ILE A 183 -34.69 -14.44 1.55
CA ILE A 183 -34.06 -13.98 0.32
C ILE A 183 -32.56 -13.75 0.48
N ARG A 184 -31.83 -14.01 -0.59
CA ARG A 184 -30.39 -13.80 -0.62
C ARG A 184 -30.07 -13.20 -1.98
N VAL A 185 -29.04 -12.38 -2.03
CA VAL A 185 -28.65 -11.71 -3.26
C VAL A 185 -27.25 -11.99 -3.75
N PHE A 186 -27.13 -12.29 -5.04
CA PHE A 186 -25.82 -12.48 -5.64
C PHE A 186 -25.57 -11.09 -6.20
N ALA A 187 -24.52 -10.43 -5.72
CA ALA A 187 -24.21 -9.10 -6.22
C ALA A 187 -22.91 -9.10 -7.01
N ASP A 188 -22.99 -8.76 -8.29
CA ASP A 188 -21.80 -8.67 -9.12
C ASP A 188 -20.96 -7.54 -8.54
N GLU A 189 -19.65 -7.74 -8.42
CA GLU A 189 -18.80 -6.69 -7.87
C GLU A 189 -18.93 -5.46 -8.75
N THR A 190 -19.10 -5.71 -10.05
CA THR A 190 -19.28 -4.66 -11.03
C THR A 190 -18.06 -3.75 -11.20
N ARG A 191 -17.12 -4.18 -12.02
CA ARG A 191 -15.93 -3.38 -12.26
C ARG A 191 -16.25 -2.38 -13.34
N PRO A 192 -15.40 -1.35 -13.51
CA PRO A 192 -14.18 -1.10 -12.73
C PRO A 192 -14.37 -0.48 -11.32
N TYR A 193 -15.35 0.39 -11.17
CA TYR A 193 -15.61 1.09 -9.91
C TYR A 193 -15.95 0.18 -8.72
N LEU A 194 -16.49 -1.00 -9.01
CA LEU A 194 -16.85 -1.94 -7.96
C LEU A 194 -17.98 -1.50 -7.04
N GLN A 195 -19.05 -0.96 -7.63
CA GLN A 195 -20.20 -0.53 -6.86
C GLN A 195 -20.77 -1.74 -6.10
N GLY A 196 -20.75 -2.89 -6.76
CA GLY A 196 -21.31 -4.10 -6.17
C GLY A 196 -20.62 -4.59 -4.92
N ALA A 197 -19.33 -4.87 -5.03
CA ALA A 197 -18.54 -5.36 -3.90
C ALA A 197 -18.33 -4.31 -2.81
N ARG A 198 -18.25 -3.04 -3.20
CA ARG A 198 -18.01 -1.97 -2.22
C ARG A 198 -19.27 -1.32 -1.66
N LEU A 199 -20.35 -1.29 -2.42
CA LEU A 199 -21.55 -0.63 -1.94
C LEU A 199 -22.75 -1.53 -1.70
N THR A 200 -23.16 -2.28 -2.71
CA THR A 200 -24.30 -3.17 -2.56
C THR A 200 -24.06 -4.15 -1.41
N ALA A 201 -22.90 -4.79 -1.40
CA ALA A 201 -22.56 -5.75 -0.36
C ALA A 201 -22.67 -5.10 1.03
N TRP A 202 -22.06 -3.91 1.13
CA TRP A 202 -22.02 -3.15 2.37
C TRP A 202 -23.39 -2.80 2.94
N GLU A 203 -24.20 -2.07 2.18
CA GLU A 203 -25.52 -1.68 2.68
C GLU A 203 -26.46 -2.86 2.89
N LEU A 204 -26.19 -3.96 2.21
CA LEU A 204 -27.03 -5.13 2.35
C LEU A 204 -26.67 -5.90 3.63
N LYS A 206 -25.28 -4.52 6.20
CA LYS A 206 -25.65 -3.61 7.28
C LYS A 206 -27.16 -3.64 7.54
N ASP A 207 -27.89 -4.25 6.61
CA ASP A 207 -29.35 -4.35 6.75
C ASP A 207 -29.77 -5.76 7.14
N GLY A 208 -28.78 -6.64 7.30
CA GLY A 208 -29.07 -8.01 7.68
C GLY A 208 -29.77 -8.79 6.58
N ILE A 209 -29.27 -8.67 5.36
CA ILE A 209 -29.83 -9.36 4.21
C ILE A 209 -28.75 -10.23 3.60
N GLU A 210 -29.00 -11.53 3.53
CA GLU A 210 -28.07 -12.51 2.97
C GLU A 210 -27.42 -12.02 1.67
N VAL A 211 -26.10 -11.97 1.63
CA VAL A 211 -25.42 -11.49 0.43
C VAL A 211 -24.15 -12.21 0.03
N TYR A 212 -24.00 -12.42 -1.28
CA TYR A 212 -22.83 -13.05 -1.85
C TYR A 212 -22.30 -12.12 -2.93
N VAL A 213 -20.99 -12.00 -3.01
CA VAL A 213 -20.37 -11.17 -4.02
C VAL A 213 -19.65 -12.11 -4.97
N ILE A 214 -19.84 -11.87 -6.28
CA ILE A 214 -19.21 -12.71 -7.29
C ILE A 214 -18.60 -11.77 -8.33
N THR A 215 -17.57 -12.23 -9.04
CA THR A 215 -16.93 -11.43 -10.08
C THR A 215 -17.93 -11.40 -11.23
N ASP A 216 -17.90 -10.33 -12.02
CA ASP A 216 -18.84 -10.20 -13.13
C ASP A 216 -18.85 -11.36 -14.13
N ASN A 217 -17.69 -11.93 -14.43
CA ASN A 217 -17.65 -13.02 -15.39
C ASN A 217 -18.27 -14.33 -14.86
N ALA A 219 -21.74 -14.44 -13.29
CA ALA A 219 -23.20 -14.44 -13.46
C ALA A 219 -23.71 -15.41 -14.51
N GLY A 220 -23.10 -15.37 -15.69
CA GLY A 220 -23.53 -16.25 -16.77
C GLY A 220 -23.59 -17.72 -16.40
N TRP A 221 -22.46 -18.25 -15.96
CA TRP A 221 -22.36 -19.65 -15.57
C TRP A 221 -23.34 -19.99 -14.44
N LEU A 222 -23.39 -19.13 -13.43
CA LEU A 222 -24.28 -19.36 -12.29
C LEU A 222 -25.74 -19.39 -12.70
N LYS A 224 -26.73 -20.50 -15.69
CA LYS A 224 -26.82 -21.77 -16.38
C LYS A 224 -26.86 -22.93 -15.39
N ARG A 225 -26.25 -22.73 -14.23
CA ARG A 225 -26.24 -23.78 -13.23
C ARG A 225 -27.53 -23.83 -12.41
N GLY A 226 -28.41 -22.86 -12.64
CA GLY A 226 -29.69 -22.83 -11.96
C GLY A 226 -29.73 -22.29 -10.54
N LEU A 227 -28.76 -21.47 -10.19
CA LEU A 227 -28.69 -20.89 -8.84
C LEU A 227 -29.36 -19.54 -8.73
N ILE A 228 -29.73 -18.96 -9.88
CA ILE A 228 -30.36 -17.65 -9.91
C ILE A 228 -31.79 -17.72 -10.40
N ASP A 229 -32.73 -17.32 -9.55
CA ASP A 229 -34.14 -17.34 -9.88
C ASP A 229 -34.58 -16.14 -10.71
N ALA A 230 -33.97 -14.99 -10.45
CA ALA A 230 -34.32 -13.80 -11.19
C ALA A 230 -33.26 -12.72 -11.08
N VAL A 231 -33.20 -11.89 -12.10
CA VAL A 231 -32.25 -10.79 -12.14
C VAL A 231 -33.01 -9.48 -12.03
N VAL A 232 -32.64 -8.67 -11.05
CA VAL A 232 -33.28 -7.37 -10.87
C VAL A 232 -32.20 -6.30 -10.79
N VAL A 233 -32.31 -5.27 -11.61
CA VAL A 233 -31.32 -4.20 -11.60
C VAL A 233 -32.02 -2.85 -11.70
N GLY A 234 -31.25 -1.78 -11.55
CA GLY A 234 -31.80 -0.45 -11.64
C GLY A 234 -31.58 0.06 -13.06
N ALA A 235 -31.67 1.38 -13.24
CA ALA A 235 -31.47 1.98 -14.55
C ALA A 235 -31.06 3.44 -14.40
N ASP A 236 -30.47 4.00 -15.46
CA ASP A 236 -30.05 5.40 -15.46
C ASP A 236 -30.88 6.20 -16.44
N ARG A 237 -31.38 5.52 -17.47
CA ARG A 237 -32.20 6.18 -18.49
C ARG A 237 -33.00 5.18 -19.29
N ILE A 238 -34.33 5.31 -19.22
CA ILE A 238 -35.23 4.43 -19.96
C ILE A 238 -35.93 5.27 -21.02
N ALA A 239 -35.98 4.75 -22.25
CA ALA A 239 -36.63 5.45 -23.36
C ALA A 239 -38.09 5.05 -23.48
N LEU A 240 -38.86 5.84 -24.23
CA LEU A 240 -40.28 5.57 -24.44
C LEU A 240 -40.43 4.16 -24.98
N ASN A 241 -39.37 3.73 -25.66
CA ASN A 241 -39.25 2.42 -26.29
C ASN A 241 -39.27 1.32 -25.23
N GLY A 242 -38.68 1.63 -24.08
CA GLY A 242 -38.59 0.67 -23.00
C GLY A 242 -37.13 0.29 -22.82
N ASP A 243 -36.32 0.54 -23.86
CA ASP A 243 -34.89 0.23 -23.78
C ASP A 243 -34.35 1.02 -22.59
N THR A 244 -33.50 0.39 -21.80
CA THR A 244 -32.97 1.06 -20.63
C THR A 244 -31.44 1.08 -20.58
N ALA A 245 -30.90 2.22 -20.20
CA ALA A 245 -29.45 2.39 -20.08
C ALA A 245 -29.12 2.16 -18.61
N ASN A 246 -28.17 1.26 -18.36
CA ASN A 246 -27.73 0.97 -17.00
C ASN A 246 -26.22 0.71 -16.98
N LYS A 247 -25.70 0.45 -15.80
CA LYS A 247 -24.27 0.19 -15.62
C LYS A 247 -23.76 -0.83 -16.60
N ILE A 248 -22.64 -0.51 -17.24
CA ILE A 248 -22.01 -1.40 -18.21
C ILE A 248 -22.03 -2.81 -17.64
N GLY A 249 -22.49 -3.77 -18.44
CA GLY A 249 -22.55 -5.14 -17.99
C GLY A 249 -24.00 -5.61 -17.82
N THR A 250 -24.93 -4.66 -17.79
CA THR A 250 -26.35 -4.96 -17.63
C THR A 250 -26.92 -5.62 -18.87
N TYR A 251 -26.45 -5.17 -20.03
CA TYR A 251 -26.89 -5.72 -21.30
C TYR A 251 -26.55 -7.21 -21.38
N SER A 252 -25.32 -7.56 -21.00
CA SER A 252 -24.89 -8.96 -21.05
C SER A 252 -25.75 -9.84 -20.14
N LEU A 253 -26.06 -9.34 -18.94
CA LEU A 253 -26.89 -10.10 -18.03
C LEU A 253 -28.24 -10.39 -18.70
N ALA A 254 -28.83 -9.38 -19.32
CA ALA A 254 -30.10 -9.51 -20.01
C ALA A 254 -30.00 -10.61 -21.08
N VAL A 255 -28.92 -10.61 -21.83
CA VAL A 255 -28.71 -11.63 -22.84
C VAL A 255 -28.64 -13.00 -22.17
N LEU A 256 -27.75 -13.13 -21.19
CA LEU A 256 -27.59 -14.40 -20.47
C LEU A 256 -28.89 -14.83 -19.81
N ALA A 257 -29.72 -13.86 -19.43
CA ALA A 257 -31.00 -14.15 -18.80
C ALA A 257 -31.96 -14.82 -19.79
N LYS A 258 -32.01 -14.30 -21.01
CA LYS A 258 -32.90 -14.86 -22.01
C LYS A 258 -32.49 -16.29 -22.32
N ARG A 259 -31.18 -16.51 -22.49
CA ARG A 259 -30.64 -17.83 -22.80
C ARG A 259 -30.98 -18.89 -21.76
N ASN A 260 -31.14 -18.49 -20.51
CA ASN A 260 -31.44 -19.43 -19.43
C ASN A 260 -32.87 -19.26 -18.91
N ASN A 261 -33.71 -18.66 -19.75
CA ASN A 261 -35.10 -18.42 -19.43
C ASN A 261 -35.26 -17.93 -18.00
N ILE A 262 -34.58 -16.83 -17.71
CA ILE A 262 -34.61 -16.23 -16.38
C ILE A 262 -35.17 -14.81 -16.45
N PRO A 263 -36.17 -14.51 -15.60
CA PRO A 263 -36.82 -13.19 -15.54
C PRO A 263 -35.80 -12.09 -15.33
N PHE A 264 -35.89 -11.04 -16.14
CA PHE A 264 -34.99 -9.89 -16.05
C PHE A 264 -35.84 -8.66 -15.74
N TYR A 265 -35.62 -8.04 -14.58
CA TYR A 265 -36.40 -6.87 -14.19
C TYR A 265 -35.61 -5.58 -14.02
N VAL A 266 -36.20 -4.48 -14.48
CA VAL A 266 -35.59 -3.17 -14.35
C VAL A 266 -36.44 -2.36 -13.38
N ALA A 267 -35.87 -2.02 -12.23
CA ALA A 267 -36.58 -1.24 -11.22
C ALA A 267 -36.10 0.21 -11.28
N ALA A 268 -37.00 1.14 -11.52
CA ALA A 268 -36.62 2.53 -11.61
C ALA A 268 -37.82 3.45 -11.50
N PRO A 269 -37.62 4.64 -10.93
CA PRO A 269 -38.72 5.59 -10.80
C PRO A 269 -39.05 6.18 -12.17
N VAL A 270 -40.27 6.69 -12.32
CA VAL A 270 -40.71 7.28 -13.57
C VAL A 270 -39.75 8.38 -13.99
N SER A 271 -39.15 9.05 -13.01
CA SER A 271 -38.22 10.14 -13.27
C SER A 271 -37.00 9.69 -14.09
N THR A 272 -36.86 8.38 -14.26
CA THR A 272 -35.73 7.86 -15.02
C THR A 272 -36.11 7.63 -16.47
N ILE A 273 -37.41 7.73 -16.76
CA ILE A 273 -37.91 7.55 -18.12
C ILE A 273 -37.80 8.89 -18.83
N ASP A 274 -36.92 8.96 -19.83
CA ASP A 274 -36.71 10.17 -20.62
C ASP A 274 -37.80 10.23 -21.70
N PRO A 275 -38.72 11.21 -21.60
CA PRO A 275 -39.83 11.39 -22.53
C PRO A 275 -39.48 11.99 -23.89
N THR A 276 -38.25 12.48 -24.04
CA THR A 276 -37.85 13.10 -25.29
C THR A 276 -37.21 12.14 -26.30
N ILE A 277 -36.98 10.90 -25.90
CA ILE A 277 -36.37 9.93 -26.79
C ILE A 277 -37.27 8.75 -27.11
N ARG A 278 -37.16 8.23 -28.33
CA ARG A 278 -38.00 7.12 -28.73
C ARG A 278 -37.37 5.77 -28.44
N SER A 279 -36.09 5.61 -28.73
CA SER A 279 -35.41 4.33 -28.48
C SER A 279 -34.11 4.47 -27.70
N GLY A 280 -33.48 3.35 -27.41
CA GLY A 280 -32.24 3.35 -26.65
C GLY A 280 -31.02 3.87 -27.37
N GLU A 281 -31.08 4.01 -28.68
CA GLU A 281 -29.93 4.51 -29.42
C GLU A 281 -29.72 6.01 -29.24
N GLU A 282 -30.72 6.66 -28.66
CA GLU A 282 -30.65 8.10 -28.42
C GLU A 282 -30.08 8.43 -27.03
N ILE A 283 -29.68 7.42 -26.27
CA ILE A 283 -29.14 7.63 -24.92
C ILE A 283 -27.63 7.88 -24.94
N PRO A 284 -27.20 9.03 -24.41
CA PRO A 284 -25.76 9.33 -24.39
C PRO A 284 -25.08 8.32 -23.48
N ILE A 285 -23.89 7.86 -23.87
CA ILE A 285 -23.14 6.89 -23.08
C ILE A 285 -21.83 7.49 -22.60
N GLU A 286 -21.73 7.66 -21.29
CA GLU A 286 -20.54 8.22 -20.66
C GLU A 286 -19.27 7.38 -20.80
N GLU A 287 -18.17 8.05 -21.10
CA GLU A 287 -16.87 7.41 -21.20
C GLU A 287 -16.04 8.06 -20.11
N ARG A 288 -15.58 7.27 -19.15
CA ARG A 288 -14.79 7.81 -18.07
C ARG A 288 -13.29 7.60 -18.26
N ARG A 289 -12.51 8.17 -17.34
CA ARG A 289 -11.06 8.08 -17.37
C ARG A 289 -10.51 6.67 -17.45
N PRO A 290 -9.39 6.50 -18.17
CA PRO A 290 -8.73 5.20 -18.36
C PRO A 290 -8.19 4.60 -17.05
N GLU A 291 -7.91 5.47 -16.08
CA GLU A 291 -7.40 5.03 -14.78
C GLU A 291 -8.30 4.00 -14.11
N GLU A 292 -9.61 4.20 -14.25
CA GLU A 292 -10.59 3.30 -13.63
C GLU A 292 -10.39 1.85 -14.06
N VAL A 293 -9.86 1.64 -15.25
CA VAL A 293 -9.66 0.29 -15.77
C VAL A 293 -8.27 -0.26 -15.45
N THR A 294 -7.25 0.55 -15.68
CA THR A 294 -5.87 0.14 -15.43
C THR A 294 -5.54 0.01 -13.93
N HIS A 295 -6.43 0.51 -13.08
CA HIS A 295 -6.25 0.43 -11.63
C HIS A 295 -7.46 -0.27 -11.04
N CYS A 296 -7.31 -0.83 -9.84
CA CYS A 296 -8.45 -1.46 -9.20
C CYS A 296 -8.60 -0.89 -7.80
N GLY A 297 -9.47 0.10 -7.69
CA GLY A 297 -9.69 0.73 -6.40
C GLY A 297 -8.49 1.58 -5.99
N GLY A 298 -7.28 1.05 -6.12
CA GLY A 298 -6.11 1.82 -5.73
C GLY A 298 -4.82 1.54 -6.48
N ASN A 299 -4.45 0.28 -6.62
CA ASN A 299 -3.22 -0.08 -7.31
C ASN A 299 -3.40 -0.23 -8.79
N ARG A 300 -2.32 -0.03 -9.54
CA ARG A 300 -2.37 -0.20 -10.99
C ARG A 300 -2.26 -1.70 -11.21
N ILE A 301 -3.09 -2.24 -12.09
CA ILE A 301 -3.10 -3.67 -12.35
C ILE A 301 -2.65 -4.03 -13.76
N ALA A 302 -2.82 -3.10 -14.69
CA ALA A 302 -2.42 -3.34 -16.08
C ALA A 302 -1.06 -2.73 -16.34
N PRO A 303 -0.39 -3.19 -17.41
CA PRO A 303 0.94 -2.69 -17.79
C PRO A 303 0.89 -1.19 -18.03
N GLU A 304 2.03 -0.54 -17.79
CA GLU A 304 2.17 0.90 -17.97
C GLU A 304 2.02 1.25 -19.46
N GLY A 305 1.21 2.26 -19.75
CA GLY A 305 1.02 2.68 -21.14
C GLY A 305 0.13 1.81 -22.00
N VAL A 306 -0.84 1.14 -21.39
CA VAL A 306 -1.75 0.26 -22.15
C VAL A 306 -3.01 1.01 -22.58
N LYS A 307 -3.58 0.58 -23.71
CA LYS A 307 -4.80 1.20 -24.19
C LYS A 307 -5.99 0.48 -23.59
N VAL A 308 -7.07 1.22 -23.39
CA VAL A 308 -8.28 0.65 -22.83
C VAL A 308 -9.49 1.40 -23.34
N LEU A 309 -10.66 0.90 -23.01
CA LEU A 309 -11.93 1.51 -23.37
C LEU A 309 -12.66 1.55 -22.03
N ASN A 310 -13.52 2.54 -21.82
CA ASN A 310 -14.20 2.58 -20.54
C ASN A 310 -15.61 3.15 -20.56
N PRO A 311 -16.56 2.41 -21.16
CA PRO A 311 -17.94 2.88 -21.19
C PRO A 311 -18.48 2.66 -19.78
N ALA A 312 -19.26 3.61 -19.27
CA ALA A 312 -19.81 3.48 -17.94
C ALA A 312 -21.21 2.87 -17.97
N PHE A 313 -21.79 2.75 -19.15
CA PHE A 313 -23.14 2.19 -19.27
C PHE A 313 -23.30 1.50 -20.62
N ASP A 314 -24.27 0.58 -20.70
CA ASP A 314 -24.58 -0.06 -21.98
C ASP A 314 -26.10 0.02 -22.10
N VAL A 315 -26.65 -0.34 -23.26
CA VAL A 315 -28.10 -0.27 -23.44
C VAL A 315 -28.73 -1.62 -23.72
N THR A 316 -29.81 -1.91 -23.00
CA THR A 316 -30.51 -3.17 -23.16
C THR A 316 -31.83 -2.96 -23.90
N GLU A 317 -31.97 -3.59 -25.08
CA GLU A 317 -33.19 -3.45 -25.86
C GLU A 317 -34.37 -3.93 -25.04
N ASN A 318 -35.52 -3.27 -25.20
CA ASN A 318 -36.70 -3.62 -24.43
C ASN A 318 -37.15 -5.06 -24.57
N THR A 319 -36.91 -5.66 -25.72
CA THR A 319 -37.33 -7.04 -25.97
C THR A 319 -36.63 -8.05 -25.08
N LEU A 320 -35.64 -7.62 -24.30
CA LEU A 320 -34.95 -8.52 -23.40
C LEU A 320 -35.38 -8.26 -21.96
N ILE A 321 -36.30 -7.30 -21.78
CA ILE A 321 -36.77 -6.96 -20.45
C ILE A 321 -38.15 -7.50 -20.16
N THR A 322 -38.26 -8.24 -19.05
CA THR A 322 -39.52 -8.83 -18.65
C THR A 322 -40.51 -7.78 -18.15
N ALA A 323 -40.00 -6.79 -17.44
CA ALA A 323 -40.86 -5.76 -16.90
C ALA A 323 -40.08 -4.64 -16.24
N ILE A 324 -40.71 -3.48 -16.16
CA ILE A 324 -40.10 -2.31 -15.54
C ILE A 324 -40.92 -1.98 -14.30
N ILE A 325 -40.27 -2.07 -13.14
CA ILE A 325 -40.92 -1.80 -11.86
C ILE A 325 -40.90 -0.33 -11.52
N THR A 326 -42.10 0.25 -11.42
CA THR A 326 -42.25 1.66 -11.15
C THR A 326 -43.09 1.94 -9.91
N GLU A 327 -43.00 3.15 -9.38
CA GLU A 327 -43.77 3.54 -8.21
C GLU A 327 -45.23 3.65 -8.61
N LYS A 328 -45.50 3.47 -9.90
CA LYS A 328 -46.86 3.56 -10.39
C LYS A 328 -47.36 2.24 -10.96
N GLY A 329 -46.54 1.20 -10.82
CA GLY A 329 -46.93 -0.11 -11.30
C GLY A 329 -45.87 -0.86 -12.10
N VAL A 330 -46.15 -2.12 -12.36
CA VAL A 330 -45.26 -2.99 -13.12
C VAL A 330 -45.61 -2.86 -14.59
N ILE A 331 -44.72 -2.25 -15.36
CA ILE A 331 -44.94 -2.06 -16.79
C ILE A 331 -44.49 -3.31 -17.54
N ARG A 332 -45.30 -3.74 -18.50
CA ARG A 332 -45.00 -4.93 -19.29
C ARG A 332 -45.23 -4.65 -20.76
N PRO A 333 -44.77 -5.56 -21.64
CA PRO A 333 -44.96 -5.37 -23.09
C PRO A 333 -46.44 -5.27 -23.43
N PRO A 334 -46.81 -4.40 -24.39
CA PRO A 334 -45.96 -3.51 -25.20
C PRO A 334 -45.50 -2.28 -24.42
N PHE A 335 -44.19 -2.18 -24.18
CA PHE A 335 -43.62 -1.05 -23.44
C PHE A 335 -44.00 0.33 -23.97
N GLU A 336 -43.71 0.59 -25.24
CA GLU A 336 -44.02 1.90 -25.81
C GLU A 336 -45.47 2.28 -25.56
N GLU A 337 -46.37 1.31 -25.72
CA GLU A 337 -47.79 1.55 -25.52
C GLU A 337 -48.12 1.78 -24.06
N ASN A 338 -47.61 0.92 -23.18
CA ASN A 338 -47.88 1.04 -21.77
C ASN A 338 -47.17 2.21 -21.09
N ILE A 339 -45.91 2.44 -21.43
CA ILE A 339 -45.17 3.54 -20.82
C ILE A 339 -45.87 4.87 -21.12
N LYS A 340 -46.48 4.94 -22.30
CA LYS A 340 -47.19 6.14 -22.70
C LYS A 340 -48.42 6.33 -21.79
N LYS A 341 -48.91 5.23 -21.23
CA LYS A 341 -50.07 5.27 -20.34
C LYS A 341 -49.67 5.77 -18.95
N ILE A 342 -48.54 5.27 -18.45
CA ILE A 342 -48.05 5.65 -17.14
C ILE A 342 -47.66 7.13 -17.11
N LEU A 343 -47.10 7.61 -18.22
CA LEU A 343 -46.68 9.01 -18.31
C LEU A 343 -47.85 9.99 -18.24
N GLU A 344 -48.90 9.73 -19.02
CA GLU A 344 -50.08 10.60 -19.03
C GLU A 344 -50.81 10.49 -17.69
N LEU B 5 16.33 -26.20 -22.19
CA LEU B 5 14.98 -25.60 -22.07
C LEU B 5 15.00 -24.28 -21.29
N LYS B 6 14.77 -23.18 -22.00
CA LYS B 6 14.77 -21.86 -21.37
C LYS B 6 13.85 -20.88 -22.10
N THR B 7 12.78 -20.46 -21.43
CA THR B 7 11.82 -19.51 -22.00
C THR B 7 11.35 -18.59 -20.87
N LYS B 8 10.45 -17.67 -21.19
CA LYS B 8 9.94 -16.74 -20.19
C LYS B 8 9.12 -17.41 -19.08
N THR B 9 8.37 -18.44 -19.43
CA THR B 9 7.52 -19.14 -18.46
C THR B 9 8.28 -20.05 -17.50
N GLU B 11 12.26 -22.53 -16.90
CA GLU B 11 13.61 -22.89 -17.27
C GLU B 11 14.05 -24.12 -16.50
N TRP B 12 14.66 -25.06 -17.21
CA TRP B 12 15.14 -26.31 -16.62
C TRP B 12 16.66 -26.30 -16.40
N SER B 13 17.06 -26.16 -15.13
CA SER B 13 18.47 -26.12 -14.78
C SER B 13 19.02 -27.52 -14.50
N GLY B 14 18.41 -28.53 -15.11
CA GLY B 14 18.87 -29.90 -14.91
C GLY B 14 18.53 -30.50 -13.56
N ASN B 15 18.60 -29.70 -12.51
CA ASN B 15 18.29 -30.21 -11.19
C ASN B 15 17.26 -29.36 -10.46
N SER B 16 16.65 -28.41 -11.17
CA SER B 16 15.63 -27.55 -10.59
C SER B 16 14.80 -26.91 -11.70
N LEU B 17 13.58 -26.47 -11.36
CA LEU B 17 12.70 -25.86 -12.34
C LEU B 17 12.38 -24.42 -11.98
N LYS B 18 12.85 -23.49 -12.80
CA LYS B 18 12.59 -22.08 -12.57
C LYS B 18 11.31 -21.67 -13.27
N LEU B 19 10.41 -21.05 -12.50
CA LEU B 19 9.13 -20.61 -13.02
C LEU B 19 8.95 -19.11 -12.83
N LEU B 20 8.51 -18.43 -13.88
CA LEU B 20 8.27 -17.00 -13.80
C LEU B 20 7.07 -16.88 -12.86
N ASP B 21 7.21 -16.10 -11.78
CA ASP B 21 6.10 -15.96 -10.85
C ASP B 21 4.97 -15.14 -11.48
N GLN B 22 4.06 -15.84 -12.16
CA GLN B 22 2.96 -15.18 -12.84
C GLN B 22 1.97 -14.46 -11.94
N ARG B 23 2.08 -14.66 -10.63
CA ARG B 23 1.19 -13.98 -9.70
C ARG B 23 1.79 -12.67 -9.25
N LYS B 24 2.86 -12.25 -9.94
CA LYS B 24 3.54 -11.00 -9.62
C LYS B 24 3.63 -10.03 -10.79
N LEU B 25 3.34 -10.51 -11.99
CA LEU B 25 3.35 -9.65 -13.17
C LEU B 25 2.20 -8.65 -13.07
N PRO B 26 2.17 -7.62 -13.94
CA PRO B 26 3.11 -7.28 -15.01
C PRO B 26 4.32 -6.44 -14.55
N PHE B 27 4.29 -5.99 -13.32
CA PHE B 27 5.36 -5.14 -12.81
C PHE B 27 6.64 -5.87 -12.38
N ILE B 28 6.50 -6.97 -11.65
CA ILE B 28 7.66 -7.73 -11.19
C ILE B 28 7.93 -8.96 -12.04
N GLU B 29 9.14 -9.04 -12.60
CA GLU B 29 9.52 -10.16 -13.43
C GLU B 29 10.50 -11.13 -12.75
N GLU B 30 10.20 -11.56 -11.53
CA GLU B 30 11.10 -12.47 -10.83
C GLU B 30 10.77 -13.94 -11.14
N TYR B 31 11.62 -14.84 -10.66
CA TYR B 31 11.45 -16.27 -10.88
C TYR B 31 11.44 -17.07 -9.58
N VAL B 32 10.82 -18.24 -9.62
CA VAL B 32 10.74 -19.12 -8.46
C VAL B 32 11.44 -20.44 -8.80
N GLU B 33 12.40 -20.82 -7.96
CA GLU B 33 13.14 -22.06 -8.18
C GLU B 33 12.54 -23.20 -7.39
N CYS B 34 12.11 -24.22 -8.13
CA CYS B 34 11.50 -25.40 -7.55
C CYS B 34 12.53 -26.53 -7.59
N LYS B 35 12.80 -27.12 -6.43
CA LYS B 35 13.78 -28.19 -6.33
C LYS B 35 13.15 -29.50 -5.88
N THR B 36 12.02 -29.41 -5.21
CA THR B 36 11.31 -30.58 -4.73
C THR B 36 9.98 -30.72 -5.42
N HIS B 37 9.60 -31.95 -5.76
CA HIS B 37 8.34 -32.19 -6.43
C HIS B 37 7.21 -31.49 -5.66
N GLU B 38 7.43 -31.31 -4.36
CA GLU B 38 6.41 -30.67 -3.53
C GLU B 38 6.36 -29.17 -3.80
N GLU B 39 7.49 -28.61 -4.22
CA GLU B 39 7.52 -27.19 -4.52
C GLU B 39 6.84 -26.96 -5.85
N VAL B 40 7.07 -27.82 -6.83
CA VAL B 40 6.42 -27.67 -8.13
C VAL B 40 4.91 -27.77 -7.89
N ALA B 41 4.52 -28.69 -7.01
CA ALA B 41 3.11 -28.87 -6.68
C ALA B 41 2.60 -27.55 -6.10
N HIS B 42 3.38 -26.99 -5.20
CA HIS B 42 3.01 -25.73 -4.57
C HIS B 42 2.90 -24.61 -5.61
N ALA B 43 3.89 -24.53 -6.49
CA ALA B 43 3.91 -23.50 -7.52
C ALA B 43 2.66 -23.60 -8.39
N ILE B 44 2.25 -24.84 -8.68
CA ILE B 44 1.06 -25.08 -9.47
C ILE B 44 -0.20 -24.71 -8.68
N LYS B 45 -0.26 -25.20 -7.44
CA LYS B 45 -1.40 -24.94 -6.58
C LYS B 45 -1.66 -23.45 -6.34
N GLU B 46 -0.58 -22.68 -6.21
CA GLU B 46 -0.68 -21.24 -5.95
C GLU B 46 -0.77 -20.39 -7.20
N ILE B 48 1.62 -19.93 -9.39
CA ILE B 48 2.88 -19.22 -9.67
C ILE B 48 3.07 -19.48 -11.16
N VAL B 49 2.73 -20.70 -11.56
CA VAL B 49 2.78 -21.11 -12.94
C VAL B 49 1.32 -21.48 -13.21
N ARG B 50 0.86 -21.26 -14.44
CA ARG B 50 -0.51 -21.61 -14.77
C ARG B 50 -0.77 -21.54 -16.27
N GLY B 51 -1.92 -22.09 -16.66
CA GLY B 51 -2.27 -22.17 -18.06
C GLY B 51 -2.15 -23.65 -18.37
N ALA B 52 -3.27 -24.32 -18.61
CA ALA B 52 -3.28 -25.74 -18.91
C ALA B 52 -1.97 -26.28 -19.50
N PRO B 53 -1.64 -25.93 -20.74
CA PRO B 53 -0.40 -26.43 -21.35
C PRO B 53 0.85 -26.35 -20.46
N ALA B 54 1.07 -25.20 -19.84
CA ALA B 54 2.25 -25.02 -19.00
C ALA B 54 2.19 -25.76 -17.66
N ILE B 55 0.99 -26.09 -17.19
CA ILE B 55 0.89 -26.79 -15.92
C ILE B 55 1.39 -28.22 -16.10
N GLY B 56 1.16 -28.76 -17.30
CA GLY B 56 1.57 -30.11 -17.60
C GLY B 56 3.08 -30.27 -17.67
N VAL B 57 3.73 -29.53 -18.57
CA VAL B 57 5.18 -29.62 -18.69
C VAL B 57 5.81 -29.35 -17.32
N ALA B 58 5.32 -28.32 -16.64
CA ALA B 58 5.86 -28.00 -15.33
C ALA B 58 5.61 -29.17 -14.38
N ALA B 59 4.49 -29.86 -14.57
CA ALA B 59 4.15 -31.01 -13.73
C ALA B 59 5.09 -32.15 -14.04
N ALA B 60 5.39 -32.31 -15.33
CA ALA B 60 6.27 -33.37 -15.79
C ALA B 60 7.64 -33.25 -15.15
N PHE B 61 8.13 -32.03 -15.01
CA PHE B 61 9.43 -31.81 -14.40
C PHE B 61 9.41 -32.07 -12.90
N GLY B 62 8.35 -31.63 -12.24
CA GLY B 62 8.24 -31.85 -10.81
C GLY B 62 8.28 -33.35 -10.54
N TYR B 63 7.88 -34.11 -11.55
CA TYR B 63 7.86 -35.56 -11.45
C TYR B 63 9.32 -36.04 -11.50
N VAL B 64 10.10 -35.44 -12.39
CA VAL B 64 11.50 -35.79 -12.54
C VAL B 64 12.22 -35.46 -11.24
N LEU B 65 11.88 -34.31 -10.67
CA LEU B 65 12.48 -33.92 -9.41
C LEU B 65 12.02 -34.93 -8.38
N GLY B 66 10.80 -35.44 -8.57
CA GLY B 66 10.24 -36.41 -7.65
C GLY B 66 11.18 -37.58 -7.40
N LEU B 67 11.89 -37.97 -8.45
CA LEU B 67 12.84 -39.07 -8.36
C LEU B 67 14.03 -38.60 -7.52
N ARG B 68 14.52 -37.41 -7.86
CA ARG B 68 15.64 -36.81 -7.18
C ARG B 68 15.33 -36.60 -5.68
N ASP B 69 14.07 -36.79 -5.31
CA ASP B 69 13.66 -36.62 -3.91
C ASP B 69 13.64 -37.96 -3.19
N TYR B 70 13.63 -39.04 -3.97
CA TYR B 70 13.60 -40.39 -3.42
C TYR B 70 14.75 -40.68 -2.46
N LYS B 71 14.46 -41.40 -1.39
CA LYS B 71 15.48 -41.74 -0.42
C LYS B 71 15.41 -43.19 0.06
N THR B 72 14.24 -43.58 0.58
CA THR B 72 14.06 -44.93 1.11
C THR B 72 12.79 -45.63 0.62
N GLY B 73 12.51 -46.80 1.21
CA GLY B 73 11.33 -47.57 0.83
C GLY B 73 11.24 -47.86 -0.66
N SER B 74 10.12 -48.42 -1.09
CA SER B 74 9.89 -48.74 -2.50
C SER B 74 9.92 -47.51 -3.41
N LEU B 75 10.57 -47.64 -4.56
CA LEU B 75 10.65 -46.53 -5.50
C LEU B 75 9.30 -46.33 -6.18
N THR B 76 8.63 -47.43 -6.49
CA THR B 76 7.32 -47.38 -7.13
C THR B 76 6.29 -46.67 -6.26
N ASP B 77 6.14 -47.10 -5.01
CA ASP B 77 5.18 -46.48 -4.11
C ASP B 77 5.41 -44.97 -4.01
N TRP B 78 6.68 -44.60 -3.86
CA TRP B 78 7.04 -43.19 -3.75
C TRP B 78 6.77 -42.38 -5.01
N LYS B 80 4.57 -43.05 -7.02
CA LYS B 80 3.12 -43.07 -7.11
C LYS B 80 2.55 -41.93 -6.27
N GLN B 81 3.24 -41.62 -5.18
CA GLN B 81 2.84 -40.55 -4.28
C GLN B 81 3.23 -39.20 -4.87
N VAL B 82 4.37 -39.16 -5.55
CA VAL B 82 4.82 -37.93 -6.16
C VAL B 82 3.77 -37.54 -7.18
N LYS B 83 3.42 -38.51 -8.03
CA LYS B 83 2.42 -38.28 -9.05
C LYS B 83 1.09 -37.87 -8.44
N GLU B 84 0.75 -38.47 -7.31
CA GLU B 84 -0.52 -38.15 -6.67
C GLU B 84 -0.51 -36.76 -6.05
N THR B 85 0.64 -36.35 -5.52
CA THR B 85 0.75 -35.04 -4.90
C THR B 85 0.67 -33.93 -5.97
N LEU B 86 1.22 -34.21 -7.14
CA LEU B 86 1.21 -33.25 -8.23
C LEU B 86 -0.16 -33.14 -8.90
N ALA B 87 -0.83 -34.27 -9.06
CA ALA B 87 -2.14 -34.32 -9.70
C ALA B 87 -3.22 -33.71 -8.82
N ARG B 88 -3.00 -33.77 -7.51
CA ARG B 88 -3.96 -33.24 -6.54
C ARG B 88 -3.92 -31.72 -6.40
N THR B 89 -3.13 -31.05 -7.23
CA THR B 89 -3.01 -29.60 -7.15
C THR B 89 -4.21 -28.83 -7.72
N ARG B 90 -4.48 -29.02 -9.02
CA ARG B 90 -5.60 -28.36 -9.68
C ARG B 90 -6.36 -29.32 -10.60
N PRO B 91 -7.67 -29.47 -10.38
CA PRO B 91 -8.70 -30.30 -11.02
C PRO B 91 -8.92 -30.23 -12.53
N THR B 92 -9.56 -29.14 -12.94
CA THR B 92 -9.97 -28.88 -14.31
C THR B 92 -9.08 -29.18 -15.51
N ALA B 93 -7.92 -28.53 -15.62
CA ALA B 93 -7.06 -28.78 -16.76
C ALA B 93 -6.60 -30.23 -16.82
N VAL B 94 -6.93 -30.91 -17.91
CA VAL B 94 -6.59 -32.32 -18.10
C VAL B 94 -5.14 -32.49 -18.58
N ASN B 95 -4.54 -31.40 -19.05
CA ASN B 95 -3.17 -31.47 -19.52
C ASN B 95 -2.27 -32.00 -18.42
N LEU B 96 -2.58 -31.61 -17.18
CA LEU B 96 -1.81 -32.05 -16.02
C LEU B 96 -1.75 -33.56 -15.89
N PHE B 97 -2.90 -34.22 -16.00
CA PHE B 97 -2.97 -35.66 -15.90
C PHE B 97 -2.34 -36.33 -17.11
N TRP B 98 -2.56 -35.72 -18.26
CA TRP B 98 -2.03 -36.21 -19.53
C TRP B 98 -0.50 -36.24 -19.46
N ALA B 99 0.08 -35.19 -18.87
CA ALA B 99 1.52 -35.10 -18.71
C ALA B 99 1.97 -36.16 -17.71
N LEU B 100 1.37 -36.13 -16.52
CA LEU B 100 1.72 -37.09 -15.48
C LEU B 100 1.60 -38.54 -15.96
N ASN B 101 0.52 -38.86 -16.65
CA ASN B 101 0.34 -40.23 -17.12
C ASN B 101 1.42 -40.61 -18.11
N ARG B 102 1.76 -39.71 -19.03
CA ARG B 102 2.79 -39.99 -20.02
C ARG B 102 4.14 -40.24 -19.34
N GLU B 104 4.68 -41.17 -16.09
CA GLU B 104 4.63 -42.38 -15.29
C GLU B 104 4.83 -43.61 -16.17
N LYS B 105 4.34 -43.53 -17.41
CA LYS B 105 4.49 -44.67 -18.31
C LYS B 105 5.97 -44.89 -18.63
N VAL B 106 6.68 -43.80 -18.94
CA VAL B 106 8.09 -43.91 -19.23
C VAL B 106 8.77 -44.56 -18.03
N PHE B 107 8.46 -44.07 -16.85
CA PHE B 107 9.03 -44.58 -15.60
C PHE B 107 8.87 -46.09 -15.45
N PHE B 108 7.64 -46.58 -15.56
CA PHE B 108 7.37 -48.01 -15.43
C PHE B 108 8.18 -48.87 -16.40
N GLU B 109 8.64 -48.27 -17.48
CA GLU B 109 9.39 -49.03 -18.48
C GLU B 109 10.90 -48.81 -18.42
N ASN B 110 11.37 -48.13 -17.38
CA ASN B 110 12.79 -47.89 -17.23
C ASN B 110 13.21 -47.86 -15.77
N ALA B 111 12.26 -48.18 -14.89
CA ALA B 111 12.50 -48.19 -13.46
C ALA B 111 13.75 -48.98 -13.07
N ASP B 112 14.14 -49.95 -13.90
CA ASP B 112 15.32 -50.76 -13.63
C ASP B 112 16.57 -50.23 -14.31
N ARG B 113 16.39 -49.28 -15.22
CA ARG B 113 17.51 -48.66 -15.92
C ARG B 113 18.28 -47.77 -14.95
N GLU B 114 19.61 -47.83 -15.01
CA GLU B 114 20.43 -47.01 -14.10
C GLU B 114 20.39 -45.55 -14.53
N ASN B 115 20.09 -45.32 -15.80
CA ASN B 115 20.01 -43.96 -16.34
C ASN B 115 18.56 -43.49 -16.32
N LEU B 116 17.86 -43.84 -15.24
CA LEU B 116 16.45 -43.47 -15.06
C LEU B 116 16.25 -41.96 -15.11
N PHE B 117 16.94 -41.24 -14.23
CA PHE B 117 16.83 -39.79 -14.17
C PHE B 117 17.08 -39.14 -15.52
N GLU B 118 18.09 -39.62 -16.24
CA GLU B 118 18.39 -39.07 -17.54
C GLU B 118 17.24 -39.32 -18.51
N ILE B 119 16.67 -40.51 -18.42
CA ILE B 119 15.56 -40.90 -19.28
C ILE B 119 14.30 -40.09 -19.03
N LEU B 120 13.90 -39.99 -17.76
CA LEU B 120 12.72 -39.23 -17.39
C LEU B 120 12.87 -37.75 -17.77
N GLU B 121 13.98 -37.15 -17.32
CA GLU B 121 14.24 -35.75 -17.63
C GLU B 121 14.18 -35.55 -19.14
N ASN B 122 14.58 -36.58 -19.88
CA ASN B 122 14.61 -36.50 -21.33
C ASN B 122 13.22 -36.34 -21.93
N GLU B 123 12.25 -37.10 -21.40
CA GLU B 123 10.87 -37.01 -21.89
C GLU B 123 10.32 -35.63 -21.59
N ALA B 124 10.51 -35.18 -20.35
CA ALA B 124 10.03 -33.85 -19.95
C ALA B 124 10.58 -32.84 -20.95
N LEU B 125 11.87 -32.96 -21.26
CA LEU B 125 12.49 -32.06 -22.22
C LEU B 125 11.81 -32.24 -23.56
N LYS B 126 11.71 -33.50 -24.00
CA LYS B 126 11.08 -33.82 -25.27
C LYS B 126 9.67 -33.26 -25.29
N ALA B 128 8.44 -30.50 -23.50
CA ALA B 128 8.44 -29.05 -23.61
C ALA B 128 8.68 -28.62 -25.05
N TYR B 129 9.68 -29.21 -25.68
CA TYR B 129 10.02 -28.87 -27.06
C TYR B 129 8.87 -29.18 -28.02
N GLU B 130 7.97 -30.06 -27.62
CA GLU B 130 6.85 -30.42 -28.46
C GLU B 130 5.70 -29.44 -28.30
N ASP B 131 5.52 -28.93 -27.09
CA ASP B 131 4.46 -27.98 -26.81
C ASP B 131 4.63 -26.71 -27.63
N ILE B 132 5.85 -26.20 -27.67
CA ILE B 132 6.13 -25.00 -28.43
C ILE B 132 5.86 -25.27 -29.91
N GLU B 133 6.27 -26.45 -30.36
CA GLU B 133 6.06 -26.83 -31.75
C GLU B 133 4.57 -27.03 -32.02
N VAL B 134 3.87 -27.67 -31.09
CA VAL B 134 2.44 -27.90 -31.25
C VAL B 134 1.69 -26.57 -31.32
N ASN B 135 2.12 -25.62 -30.50
CA ASN B 135 1.49 -24.30 -30.46
C ASN B 135 1.65 -23.53 -31.76
N LYS B 136 2.88 -23.43 -32.26
CA LYS B 136 3.13 -22.71 -33.51
C LYS B 136 2.26 -23.28 -34.63
N ALA B 137 1.89 -24.54 -34.50
CA ALA B 137 1.05 -25.20 -35.49
C ALA B 137 -0.40 -24.75 -35.31
N ILE B 138 -0.84 -24.64 -34.06
CA ILE B 138 -2.20 -24.19 -33.75
C ILE B 138 -2.32 -22.76 -34.28
N GLY B 139 -1.32 -21.95 -33.98
CA GLY B 139 -1.33 -20.58 -34.44
C GLY B 139 -1.51 -20.57 -35.94
N LYS B 140 -0.71 -21.37 -36.64
CA LYS B 140 -0.77 -21.44 -38.10
C LYS B 140 -2.16 -21.81 -38.61
N ASN B 141 -2.78 -22.83 -38.02
CA ASN B 141 -4.11 -23.23 -38.48
C ASN B 141 -5.18 -22.17 -38.17
N GLY B 142 -5.01 -21.45 -37.06
CA GLY B 142 -5.99 -20.44 -36.70
C GLY B 142 -5.90 -19.17 -37.53
N ALA B 143 -4.68 -18.79 -37.91
CA ALA B 143 -4.45 -17.59 -38.70
C ALA B 143 -5.36 -17.48 -39.91
N GLN B 144 -5.52 -18.58 -40.65
CA GLN B 144 -6.36 -18.60 -41.84
C GLN B 144 -7.80 -18.20 -41.56
N LEU B 145 -8.22 -18.31 -40.31
CA LEU B 145 -9.59 -17.95 -39.94
C LEU B 145 -9.73 -16.48 -39.57
N ILE B 146 -8.60 -15.79 -39.41
CA ILE B 146 -8.61 -14.37 -39.03
C ILE B 146 -8.38 -13.41 -40.20
N LYS B 147 -9.46 -12.76 -40.66
CA LYS B 147 -9.34 -11.82 -41.76
C LYS B 147 -8.49 -10.62 -41.39
N ASP B 148 -7.57 -10.26 -42.28
CA ASP B 148 -6.69 -9.13 -42.08
C ASP B 148 -7.43 -7.88 -41.63
N GLY B 149 -6.80 -7.13 -40.73
CA GLY B 149 -7.40 -5.91 -40.22
C GLY B 149 -8.58 -6.07 -39.27
N SER B 150 -8.63 -7.17 -38.53
CA SER B 150 -9.76 -7.37 -37.61
C SER B 150 -9.41 -7.23 -36.14
N THR B 151 -10.46 -7.08 -35.32
CA THR B 151 -10.31 -6.94 -33.88
C THR B 151 -10.79 -8.22 -33.20
N ILE B 152 -9.86 -8.91 -32.53
CA ILE B 152 -10.20 -10.14 -31.86
C ILE B 152 -10.22 -9.99 -30.35
N LEU B 153 -11.30 -10.47 -29.75
CA LEU B 153 -11.45 -10.43 -28.30
C LEU B 153 -10.96 -11.74 -27.73
N THR B 154 -10.26 -11.69 -26.60
CA THR B 154 -9.79 -12.91 -25.94
C THR B 154 -10.22 -12.92 -24.49
N HIS B 155 -9.90 -14.01 -23.81
CA HIS B 155 -10.24 -14.16 -22.40
C HIS B 155 -9.06 -14.86 -21.76
N CYS B 156 -8.87 -14.64 -20.47
CA CYS B 156 -7.77 -15.23 -19.72
C CYS B 156 -6.46 -14.99 -20.47
N ASN B 157 -5.52 -15.92 -20.31
CA ASN B 157 -4.23 -15.82 -20.96
C ASN B 157 -3.89 -17.19 -21.56
N ALA B 158 -4.14 -17.33 -22.85
CA ALA B 158 -3.86 -18.58 -23.54
C ALA B 158 -2.72 -18.24 -24.48
N GLY B 159 -1.65 -17.69 -23.90
CA GLY B 159 -0.51 -17.32 -24.70
C GLY B 159 0.82 -17.87 -24.20
N ALA B 160 1.85 -17.06 -24.36
CA ALA B 160 3.19 -17.43 -23.96
C ALA B 160 3.27 -17.92 -22.52
N LEU B 161 2.71 -17.14 -21.60
CA LEU B 161 2.75 -17.48 -20.18
C LEU B 161 1.90 -18.69 -19.79
N ALA B 162 1.03 -19.13 -20.69
CA ALA B 162 0.18 -20.28 -20.41
C ALA B 162 0.75 -21.56 -21.00
N THR B 163 1.84 -21.43 -21.75
CA THR B 163 2.47 -22.58 -22.39
C THR B 163 3.98 -22.50 -22.24
N VAL B 164 4.69 -23.44 -22.86
CA VAL B 164 6.14 -23.42 -22.80
C VAL B 164 6.58 -22.17 -23.57
N ASP B 165 5.82 -21.83 -24.61
CA ASP B 165 6.10 -20.64 -25.42
C ASP B 165 5.07 -20.48 -26.53
N TYR B 166 5.12 -19.32 -27.19
CA TYR B 166 4.24 -18.97 -28.30
C TYR B 166 2.78 -18.82 -27.88
N GLY B 167 2.21 -19.87 -27.28
CA GLY B 167 0.83 -19.79 -26.83
C GLY B 167 -0.13 -20.48 -27.79
N THR B 168 -1.40 -20.55 -27.38
CA THR B 168 -2.42 -21.20 -28.21
C THR B 168 -3.34 -20.19 -28.90
N ALA B 169 -4.16 -19.47 -28.14
CA ALA B 169 -5.06 -18.49 -28.74
C ALA B 169 -4.25 -17.27 -29.16
N LEU B 170 -3.25 -16.91 -28.36
CA LEU B 170 -2.39 -15.78 -28.68
C LEU B 170 -1.39 -16.22 -29.75
N GLY B 171 -1.21 -17.53 -29.87
CA GLY B 171 -0.32 -18.07 -30.89
C GLY B 171 -0.98 -17.82 -32.23
N VAL B 172 -2.28 -18.05 -32.28
CA VAL B 172 -3.04 -17.83 -33.51
C VAL B 172 -2.86 -16.37 -33.91
N ILE B 173 -2.83 -15.48 -32.91
CA ILE B 173 -2.68 -14.05 -33.15
C ILE B 173 -1.29 -13.70 -33.66
N ARG B 174 -0.25 -14.16 -32.96
CA ARG B 174 1.12 -13.88 -33.36
C ARG B 174 1.34 -14.36 -34.80
N ALA B 175 0.73 -15.47 -35.15
CA ALA B 175 0.88 -16.05 -36.49
C ALA B 175 0.19 -15.20 -37.55
N ALA B 176 -0.97 -14.65 -37.22
CA ALA B 176 -1.69 -13.82 -38.18
C ALA B 176 -0.88 -12.55 -38.40
N VAL B 177 -0.28 -12.04 -37.32
CA VAL B 177 0.53 -10.84 -37.41
C VAL B 177 1.79 -11.14 -38.21
N GLU B 178 2.36 -12.31 -37.97
CA GLU B 178 3.57 -12.73 -38.67
C GLU B 178 3.28 -12.83 -40.16
N SER B 179 2.07 -13.28 -40.50
CA SER B 179 1.71 -13.41 -41.91
C SER B 179 1.59 -12.00 -42.49
N GLY B 180 1.58 -11.00 -41.60
CA GLY B 180 1.48 -9.63 -42.04
C GLY B 180 0.07 -9.06 -42.06
N LYS B 181 -0.72 -9.38 -41.04
CA LYS B 181 -2.07 -8.87 -40.97
C LYS B 181 -2.16 -7.85 -39.84
N ARG B 182 -2.83 -6.74 -40.13
CA ARG B 182 -3.01 -5.68 -39.14
C ARG B 182 -3.99 -6.27 -38.14
N ILE B 183 -3.59 -6.37 -36.88
CA ILE B 183 -4.46 -6.94 -35.87
C ILE B 183 -4.33 -6.27 -34.52
N ARG B 184 -5.44 -6.23 -33.79
CA ARG B 184 -5.47 -5.67 -32.45
C ARG B 184 -6.35 -6.57 -31.62
N VAL B 185 -6.00 -6.74 -30.35
CA VAL B 185 -6.72 -7.61 -29.45
C VAL B 185 -7.38 -6.91 -28.28
N PHE B 186 -8.67 -7.19 -28.09
CA PHE B 186 -9.38 -6.66 -26.95
C PHE B 186 -9.17 -7.81 -25.97
N ALA B 187 -8.55 -7.51 -24.83
CA ALA B 187 -8.31 -8.55 -23.83
C ALA B 187 -9.04 -8.26 -22.53
N ASP B 188 -9.95 -9.15 -22.14
CA ASP B 188 -10.66 -8.97 -20.87
C ASP B 188 -9.61 -9.12 -19.77
N GLU B 189 -9.68 -8.26 -18.75
CA GLU B 189 -8.72 -8.35 -17.66
C GLU B 189 -8.86 -9.72 -17.02
N THR B 190 -10.10 -10.23 -17.06
CA THR B 190 -10.44 -11.54 -16.53
C THR B 190 -10.20 -11.67 -15.03
N ARG B 191 -11.20 -11.27 -14.25
CA ARG B 191 -11.08 -11.36 -12.80
C ARG B 191 -11.48 -12.77 -12.38
N PRO B 192 -11.18 -13.15 -11.14
CA PRO B 192 -10.47 -12.36 -10.13
C PRO B 192 -8.94 -12.27 -10.26
N TYR B 193 -8.31 -13.33 -10.74
CA TYR B 193 -6.85 -13.38 -10.88
C TYR B 193 -6.26 -12.34 -11.83
N LEU B 194 -7.07 -11.89 -12.78
CA LEU B 194 -6.62 -10.87 -13.73
C LEU B 194 -5.52 -11.34 -14.69
N GLN B 195 -5.72 -12.50 -15.31
CA GLN B 195 -4.75 -13.02 -16.26
C GLN B 195 -4.68 -12.07 -17.46
N GLY B 196 -5.83 -11.56 -17.88
CA GLY B 196 -5.88 -10.68 -19.03
C GLY B 196 -5.11 -9.39 -18.92
N ALA B 197 -5.41 -8.62 -17.88
CA ALA B 197 -4.75 -7.34 -17.65
C ALA B 197 -3.30 -7.49 -17.21
N ARG B 198 -2.99 -8.56 -16.47
CA ARG B 198 -1.63 -8.75 -15.98
C ARG B 198 -0.73 -9.61 -16.86
N LEU B 199 -1.31 -10.58 -17.55
CA LEU B 199 -0.50 -11.46 -18.37
C LEU B 199 -0.66 -11.27 -19.88
N THR B 200 -1.87 -11.42 -20.38
CA THR B 200 -2.11 -11.25 -21.81
C THR B 200 -1.62 -9.89 -22.30
N ALA B 201 -2.05 -8.82 -21.62
CA ALA B 201 -1.65 -7.47 -22.01
C ALA B 201 -0.13 -7.34 -22.08
N TRP B 202 0.53 -7.80 -21.03
CA TRP B 202 1.98 -7.75 -20.91
C TRP B 202 2.74 -8.44 -22.05
N GLU B 203 2.51 -9.74 -22.24
CA GLU B 203 3.22 -10.46 -23.28
C GLU B 203 2.89 -9.97 -24.68
N LEU B 204 1.72 -9.36 -24.83
CA LEU B 204 1.33 -8.86 -26.13
C LEU B 204 2.02 -7.54 -26.44
N LYS B 206 4.79 -6.63 -25.16
CA LYS B 206 6.19 -6.99 -25.24
C LYS B 206 6.52 -7.61 -26.61
N ASP B 207 5.49 -7.93 -27.38
CA ASP B 207 5.68 -8.52 -28.70
C ASP B 207 5.31 -7.56 -29.81
N GLY B 208 4.96 -6.33 -29.40
CA GLY B 208 4.58 -5.32 -30.38
C GLY B 208 3.28 -5.59 -31.10
N ILE B 209 2.27 -6.03 -30.34
CA ILE B 209 0.96 -6.33 -30.89
C ILE B 209 -0.07 -5.40 -30.23
N GLU B 210 -0.85 -4.70 -31.06
CA GLU B 210 -1.86 -3.77 -30.59
C GLU B 210 -2.76 -4.38 -29.51
N VAL B 211 -2.81 -3.78 -28.33
CA VAL B 211 -3.64 -4.34 -27.27
C VAL B 211 -4.46 -3.35 -26.46
N TYR B 212 -5.68 -3.75 -26.14
CA TYR B 212 -6.59 -2.96 -25.33
C TYR B 212 -7.09 -3.85 -24.21
N VAL B 213 -7.20 -3.30 -23.01
CA VAL B 213 -7.70 -4.05 -21.88
C VAL B 213 -9.07 -3.46 -21.55
N ILE B 214 -10.03 -4.34 -21.30
CA ILE B 214 -11.39 -3.91 -20.96
C ILE B 214 -11.84 -4.75 -19.77
N THR B 215 -12.79 -4.23 -18.99
CA THR B 215 -13.31 -4.97 -17.85
C THR B 215 -14.19 -6.07 -18.44
N ASP B 216 -14.37 -7.16 -17.70
CA ASP B 216 -15.17 -8.26 -18.21
C ASP B 216 -16.60 -7.90 -18.60
N ASN B 217 -17.25 -7.06 -17.81
CA ASN B 217 -18.63 -6.67 -18.11
C ASN B 217 -18.76 -5.80 -19.37
N ALA B 219 -17.17 -6.70 -22.75
CA ALA B 219 -17.20 -7.53 -23.95
C ALA B 219 -18.57 -7.59 -24.61
N GLY B 220 -19.62 -7.83 -23.81
CA GLY B 220 -20.95 -7.92 -24.36
C GLY B 220 -21.37 -6.72 -25.19
N TRP B 221 -21.35 -5.55 -24.58
CA TRP B 221 -21.74 -4.31 -25.24
C TRP B 221 -20.90 -4.03 -26.49
N LEU B 222 -19.59 -4.21 -26.36
CA LEU B 222 -18.68 -3.96 -27.48
C LEU B 222 -18.94 -4.87 -28.66
N LYS B 224 -21.97 -5.97 -29.37
CA LYS B 224 -23.21 -5.40 -29.89
C LYS B 224 -22.94 -4.14 -30.68
N ARG B 225 -21.91 -3.40 -30.28
CA ARG B 225 -21.57 -2.19 -30.99
C ARG B 225 -20.79 -2.47 -32.28
N GLY B 226 -20.49 -3.75 -32.50
CA GLY B 226 -19.79 -4.16 -33.72
C GLY B 226 -18.31 -3.86 -33.82
N LEU B 227 -17.61 -3.83 -32.69
CA LEU B 227 -16.19 -3.54 -32.67
C LEU B 227 -15.34 -4.81 -32.62
N ILE B 228 -16.00 -5.94 -32.43
CA ILE B 228 -15.29 -7.21 -32.36
C ILE B 228 -15.65 -8.13 -33.53
N ASP B 229 -14.65 -8.48 -34.32
CA ASP B 229 -14.85 -9.33 -35.48
C ASP B 229 -14.90 -10.82 -35.13
N ALA B 230 -14.18 -11.19 -34.08
CA ALA B 230 -14.14 -12.59 -33.68
C ALA B 230 -13.62 -12.75 -32.26
N VAL B 231 -14.08 -13.82 -31.62
CA VAL B 231 -13.67 -14.16 -30.26
C VAL B 231 -12.85 -15.45 -30.33
N VAL B 232 -11.61 -15.39 -29.87
CA VAL B 232 -10.75 -16.57 -29.86
C VAL B 232 -10.21 -16.75 -28.44
N VAL B 233 -10.40 -17.93 -27.87
CA VAL B 233 -9.90 -18.21 -26.53
C VAL B 233 -9.27 -19.59 -26.47
N GLY B 234 -8.63 -19.89 -25.34
CA GLY B 234 -8.01 -21.19 -25.17
C GLY B 234 -8.99 -22.11 -24.47
N ALA B 235 -8.47 -23.18 -23.86
CA ALA B 235 -9.32 -24.13 -23.15
C ALA B 235 -8.50 -24.90 -22.13
N ASP B 236 -9.19 -25.58 -21.22
CA ASP B 236 -8.51 -26.37 -20.19
C ASP B 236 -8.91 -27.83 -20.31
N ARG B 237 -10.11 -28.06 -20.83
CA ARG B 237 -10.61 -29.41 -20.99
C ARG B 237 -11.75 -29.47 -22.01
N ILE B 238 -11.50 -30.15 -23.12
CA ILE B 238 -12.50 -30.32 -24.16
C ILE B 238 -12.92 -31.78 -24.14
N ALA B 239 -14.22 -32.02 -24.19
CA ALA B 239 -14.75 -33.39 -24.16
C ALA B 239 -14.95 -33.91 -25.59
N LEU B 240 -15.17 -35.21 -25.71
CA LEU B 240 -15.39 -35.84 -27.01
C LEU B 240 -16.56 -35.15 -27.68
N ASN B 241 -17.40 -34.57 -26.83
CA ASN B 241 -18.61 -33.85 -27.21
C ASN B 241 -18.25 -32.57 -27.95
N GLY B 242 -17.14 -31.96 -27.53
CA GLY B 242 -16.71 -30.71 -28.12
C GLY B 242 -16.89 -29.61 -27.08
N ASP B 243 -17.68 -29.90 -26.04
CA ASP B 243 -17.90 -28.93 -24.97
C ASP B 243 -16.53 -28.65 -24.39
N THR B 244 -16.22 -27.39 -24.15
CA THR B 244 -14.91 -27.06 -23.61
C THR B 244 -14.95 -26.27 -22.32
N ALA B 245 -14.16 -26.72 -21.34
CA ALA B 245 -14.05 -26.03 -20.06
C ALA B 245 -12.93 -25.02 -20.21
N ASN B 246 -13.19 -23.79 -19.79
CA ASN B 246 -12.19 -22.73 -19.87
C ASN B 246 -12.44 -21.73 -18.74
N LYS B 247 -11.55 -20.75 -18.63
CA LYS B 247 -11.63 -19.70 -17.61
C LYS B 247 -13.03 -19.17 -17.44
N ILE B 248 -13.50 -19.18 -16.19
CA ILE B 248 -14.82 -18.68 -15.86
C ILE B 248 -15.08 -17.39 -16.63
N GLY B 249 -16.22 -17.31 -17.31
CA GLY B 249 -16.54 -16.14 -18.09
C GLY B 249 -16.49 -16.43 -19.58
N THR B 250 -15.88 -17.56 -19.95
CA THR B 250 -15.77 -17.95 -21.35
C THR B 250 -17.13 -18.34 -21.91
N TYR B 251 -17.94 -18.95 -21.05
CA TYR B 251 -19.28 -19.37 -21.43
C TYR B 251 -20.15 -18.18 -21.81
N SER B 252 -20.14 -17.14 -20.99
CA SER B 252 -20.95 -15.95 -21.26
C SER B 252 -20.56 -15.32 -22.58
N LEU B 253 -19.26 -15.23 -22.86
CA LEU B 253 -18.82 -14.67 -24.13
C LEU B 253 -19.41 -15.48 -25.28
N ALA B 254 -19.37 -16.81 -25.15
CA ALA B 254 -19.89 -17.70 -26.17
C ALA B 254 -21.37 -17.38 -26.42
N VAL B 255 -22.12 -17.17 -25.35
CA VAL B 255 -23.52 -16.82 -25.46
C VAL B 255 -23.65 -15.49 -26.18
N LEU B 256 -22.94 -14.47 -25.68
CA LEU B 256 -22.98 -13.13 -26.27
C LEU B 256 -22.54 -13.15 -27.73
N ALA B 257 -21.64 -14.07 -28.07
CA ALA B 257 -21.15 -14.17 -29.44
C ALA B 257 -22.26 -14.67 -30.38
N LYS B 258 -23.07 -15.61 -29.91
CA LYS B 258 -24.15 -16.14 -30.73
C LYS B 258 -25.18 -15.05 -30.96
N ARG B 259 -25.50 -14.32 -29.91
CA ARG B 259 -26.49 -13.25 -29.98
C ARG B 259 -26.09 -12.14 -30.95
N ASN B 260 -24.80 -11.96 -31.20
CA ASN B 260 -24.33 -10.92 -32.10
C ASN B 260 -23.67 -11.49 -33.36
N ASN B 261 -24.02 -12.74 -33.65
CA ASN B 261 -23.51 -13.45 -34.83
C ASN B 261 -22.01 -13.26 -35.00
N ILE B 262 -21.27 -13.53 -33.94
CA ILE B 262 -19.82 -13.39 -33.96
C ILE B 262 -19.13 -14.73 -33.77
N PRO B 263 -18.21 -15.07 -34.68
CA PRO B 263 -17.47 -16.33 -34.62
C PRO B 263 -16.80 -16.51 -33.26
N PHE B 264 -16.95 -17.71 -32.69
CA PHE B 264 -16.36 -18.03 -31.38
C PHE B 264 -15.43 -19.23 -31.61
N TYR B 265 -14.13 -19.01 -31.44
CA TYR B 265 -13.14 -20.07 -31.64
C TYR B 265 -12.39 -20.51 -30.39
N VAL B 266 -12.19 -21.81 -30.26
CA VAL B 266 -11.45 -22.36 -29.15
C VAL B 266 -10.13 -22.90 -29.69
N ALA B 267 -9.00 -22.32 -29.26
CA ALA B 267 -7.68 -22.75 -29.70
C ALA B 267 -7.03 -23.58 -28.60
N ALA B 268 -6.77 -24.85 -28.89
CA ALA B 268 -6.17 -25.72 -27.90
C ALA B 268 -5.51 -26.94 -28.54
N PRO B 269 -4.44 -27.44 -27.91
CA PRO B 269 -3.76 -28.62 -28.45
C PRO B 269 -4.61 -29.85 -28.18
N VAL B 270 -4.39 -30.90 -28.97
CA VAL B 270 -5.14 -32.15 -28.80
C VAL B 270 -5.02 -32.67 -27.38
N SER B 271 -3.90 -32.41 -26.72
CA SER B 271 -3.68 -32.88 -25.35
C SER B 271 -4.67 -32.31 -24.35
N THR B 272 -5.46 -31.35 -24.79
CA THR B 272 -6.45 -30.74 -23.90
C THR B 272 -7.77 -31.46 -24.05
N ILE B 273 -7.87 -32.34 -25.05
CA ILE B 273 -9.09 -33.11 -25.27
C ILE B 273 -9.05 -34.36 -24.38
N ASP B 274 -9.97 -34.44 -23.43
CA ASP B 274 -10.08 -35.57 -22.52
C ASP B 274 -10.84 -36.67 -23.25
N PRO B 275 -10.17 -37.78 -23.58
CA PRO B 275 -10.78 -38.91 -24.30
C PRO B 275 -11.67 -39.82 -23.44
N THR B 276 -11.68 -39.60 -22.14
CA THR B 276 -12.47 -40.44 -21.25
C THR B 276 -13.87 -39.92 -20.96
N ILE B 277 -14.18 -38.71 -21.42
CA ILE B 277 -15.51 -38.15 -21.17
C ILE B 277 -16.30 -37.92 -22.44
N ARG B 278 -17.62 -37.97 -22.33
CA ARG B 278 -18.46 -37.79 -23.49
C ARG B 278 -18.96 -36.36 -23.64
N SER B 279 -19.37 -35.74 -22.54
CA SER B 279 -19.88 -34.38 -22.57
C SER B 279 -19.18 -33.48 -21.55
N GLY B 280 -19.52 -32.19 -21.58
CA GLY B 280 -18.92 -31.24 -20.66
C GLY B 280 -19.38 -31.29 -19.22
N GLU B 281 -20.45 -32.03 -18.95
CA GLU B 281 -20.95 -32.13 -17.58
C GLU B 281 -20.09 -33.05 -16.73
N GLU B 282 -19.16 -33.72 -17.38
CA GLU B 282 -18.24 -34.64 -16.71
C GLU B 282 -16.93 -33.96 -16.34
N ILE B 283 -16.77 -32.68 -16.68
CA ILE B 283 -15.55 -31.95 -16.39
C ILE B 283 -15.55 -31.35 -14.99
N PRO B 284 -14.55 -31.71 -14.16
CA PRO B 284 -14.47 -31.18 -12.80
C PRO B 284 -14.23 -29.68 -12.87
N ILE B 285 -14.89 -28.93 -12.00
CA ILE B 285 -14.74 -27.48 -11.98
C ILE B 285 -14.11 -27.03 -10.67
N GLU B 286 -12.90 -26.46 -10.78
CA GLU B 286 -12.16 -25.99 -9.62
C GLU B 286 -12.81 -24.81 -8.90
N GLU B 287 -12.81 -24.89 -7.57
CA GLU B 287 -13.33 -23.82 -6.72
C GLU B 287 -12.14 -23.35 -5.92
N ARG B 288 -11.73 -22.11 -6.11
CA ARG B 288 -10.58 -21.60 -5.38
C ARG B 288 -10.94 -20.78 -4.15
N ARG B 289 -9.91 -20.35 -3.43
CA ARG B 289 -10.06 -19.57 -2.20
C ARG B 289 -10.88 -18.29 -2.35
N PRO B 290 -11.65 -17.96 -1.30
CA PRO B 290 -12.51 -16.78 -1.24
C PRO B 290 -11.75 -15.45 -1.36
N GLU B 291 -10.48 -15.47 -0.96
CA GLU B 291 -9.63 -14.29 -1.01
C GLU B 291 -9.57 -13.68 -2.41
N GLU B 292 -9.37 -14.54 -3.41
CA GLU B 292 -9.28 -14.11 -4.79
C GLU B 292 -10.40 -13.17 -5.21
N VAL B 293 -11.58 -13.34 -4.63
CA VAL B 293 -12.73 -12.51 -4.97
C VAL B 293 -12.82 -11.25 -4.11
N THR B 294 -12.60 -11.42 -2.81
CA THR B 294 -12.68 -10.30 -1.87
C THR B 294 -11.49 -9.34 -1.95
N HIS B 295 -10.45 -9.74 -2.67
CA HIS B 295 -9.25 -8.91 -2.82
C HIS B 295 -8.98 -8.71 -4.31
N CYS B 296 -8.08 -7.79 -4.63
CA CYS B 296 -7.72 -7.55 -6.02
C CYS B 296 -6.28 -7.07 -6.13
N GLY B 297 -5.35 -8.02 -6.16
CA GLY B 297 -3.95 -7.65 -6.25
C GLY B 297 -3.35 -7.24 -4.93
N GLY B 298 -4.01 -7.63 -3.85
CA GLY B 298 -3.49 -7.29 -2.52
C GLY B 298 -4.49 -6.67 -1.57
N ASN B 299 -5.19 -5.64 -2.03
CA ASN B 299 -6.16 -4.96 -1.20
C ASN B 299 -7.51 -5.65 -1.18
N ARG B 300 -8.13 -5.65 0.00
CA ARG B 300 -9.45 -6.23 0.17
C ARG B 300 -10.40 -5.18 -0.41
N ILE B 301 -11.31 -5.62 -1.27
CA ILE B 301 -12.26 -4.71 -1.90
C ILE B 301 -13.67 -4.87 -1.36
N ALA B 302 -14.01 -6.07 -0.93
CA ALA B 302 -15.33 -6.34 -0.39
C ALA B 302 -15.33 -6.18 1.12
N PRO B 303 -16.52 -6.05 1.72
CA PRO B 303 -16.64 -5.88 3.17
C PRO B 303 -16.05 -7.08 3.89
N GLU B 304 -15.72 -6.89 5.16
CA GLU B 304 -15.13 -7.94 5.98
C GLU B 304 -16.19 -8.96 6.37
N GLY B 305 -15.92 -10.23 6.10
CA GLY B 305 -16.87 -11.28 6.44
C GLY B 305 -17.97 -11.53 5.43
N VAL B 306 -17.73 -11.16 4.17
CA VAL B 306 -18.72 -11.35 3.13
C VAL B 306 -18.65 -12.76 2.54
N LYS B 307 -19.78 -13.24 2.03
CA LYS B 307 -19.82 -14.56 1.42
C LYS B 307 -19.62 -14.39 -0.07
N VAL B 308 -18.97 -15.38 -0.69
CA VAL B 308 -18.74 -15.33 -2.12
C VAL B 308 -18.73 -16.73 -2.71
N LEU B 309 -18.57 -16.78 -4.02
CA LEU B 309 -18.48 -18.02 -4.75
C LEU B 309 -17.28 -17.78 -5.64
N ASN B 310 -16.54 -18.84 -5.99
CA ASN B 310 -15.39 -18.63 -6.84
C ASN B 310 -15.01 -19.75 -7.78
N PRO B 311 -15.85 -20.00 -8.79
CA PRO B 311 -15.54 -21.07 -9.75
C PRO B 311 -14.41 -20.53 -10.62
N ALA B 312 -13.42 -21.36 -10.93
CA ALA B 312 -12.31 -20.91 -11.75
C ALA B 312 -12.51 -21.21 -13.23
N PHE B 313 -13.58 -21.94 -13.56
CA PHE B 313 -13.86 -22.29 -14.95
C PHE B 313 -15.35 -22.50 -15.13
N ASP B 314 -15.82 -22.41 -16.38
CA ASP B 314 -17.21 -22.70 -16.69
C ASP B 314 -17.17 -23.58 -17.93
N VAL B 315 -18.31 -24.13 -18.32
CA VAL B 315 -18.33 -25.00 -19.50
C VAL B 315 -19.20 -24.46 -20.62
N THR B 316 -18.65 -24.47 -21.82
CA THR B 316 -19.36 -23.99 -23.00
C THR B 316 -19.79 -25.16 -23.88
N GLU B 317 -21.11 -25.33 -24.01
CA GLU B 317 -21.64 -26.41 -24.83
C GLU B 317 -21.10 -26.25 -26.25
N ASN B 318 -20.83 -27.37 -26.91
CA ASN B 318 -20.26 -27.33 -28.25
C ASN B 318 -21.09 -26.58 -29.28
N THR B 319 -22.40 -26.54 -29.11
CA THR B 319 -23.28 -25.88 -30.05
C THR B 319 -23.10 -24.37 -30.10
N LEU B 320 -22.27 -23.83 -29.21
CA LEU B 320 -22.02 -22.39 -29.17
C LEU B 320 -20.62 -22.10 -29.71
N ILE B 321 -19.93 -23.15 -30.15
CA ILE B 321 -18.58 -23.01 -30.68
C ILE B 321 -18.57 -23.16 -32.19
N THR B 322 -17.90 -22.23 -32.86
CA THR B 322 -17.81 -22.26 -34.30
C THR B 322 -16.81 -23.32 -34.76
N ALA B 323 -15.69 -23.41 -34.05
CA ALA B 323 -14.66 -24.37 -34.40
C ALA B 323 -13.59 -24.49 -33.33
N ILE B 324 -12.84 -25.58 -33.39
CA ILE B 324 -11.77 -25.82 -32.43
C ILE B 324 -10.47 -25.89 -33.23
N ILE B 325 -9.54 -24.99 -32.91
CA ILE B 325 -8.26 -24.93 -33.60
C ILE B 325 -7.22 -25.85 -32.97
N THR B 326 -6.77 -26.82 -33.76
CA THR B 326 -5.80 -27.82 -33.31
C THR B 326 -4.53 -27.81 -34.13
N GLU B 327 -3.48 -28.42 -33.59
CA GLU B 327 -2.21 -28.51 -34.31
C GLU B 327 -2.37 -29.54 -35.42
N LYS B 328 -3.54 -30.15 -35.48
CA LYS B 328 -3.83 -31.16 -36.49
C LYS B 328 -4.94 -30.72 -37.42
N GLY B 329 -5.40 -29.49 -37.25
CA GLY B 329 -6.47 -28.99 -38.10
C GLY B 329 -7.59 -28.29 -37.38
N VAL B 330 -8.47 -27.66 -38.15
CA VAL B 330 -9.62 -26.94 -37.62
C VAL B 330 -10.83 -27.88 -37.56
N ILE B 331 -11.26 -28.20 -36.35
CA ILE B 331 -12.39 -29.09 -36.16
C ILE B 331 -13.70 -28.29 -36.18
N ARG B 332 -14.68 -28.82 -36.91
CA ARG B 332 -15.98 -28.17 -37.03
C ARG B 332 -17.09 -29.18 -36.81
N PRO B 333 -18.32 -28.72 -36.61
CA PRO B 333 -19.46 -29.63 -36.40
C PRO B 333 -19.59 -30.61 -37.58
N PRO B 334 -19.94 -31.88 -37.30
CA PRO B 334 -20.22 -32.50 -36.00
C PRO B 334 -18.94 -32.79 -35.21
N PHE B 335 -18.81 -32.15 -34.04
CA PHE B 335 -17.64 -32.33 -33.20
C PHE B 335 -17.37 -33.76 -32.76
N GLU B 336 -18.34 -34.36 -32.09
CA GLU B 336 -18.20 -35.73 -31.62
C GLU B 336 -17.73 -36.63 -32.76
N GLU B 337 -18.23 -36.35 -33.95
CA GLU B 337 -17.87 -37.14 -35.13
C GLU B 337 -16.47 -36.84 -35.63
N ASN B 338 -16.12 -35.56 -35.72
CA ASN B 338 -14.82 -35.17 -36.20
C ASN B 338 -13.68 -35.33 -35.19
N ILE B 339 -13.94 -35.02 -33.94
CA ILE B 339 -12.90 -35.14 -32.91
C ILE B 339 -12.43 -36.59 -32.83
N LYS B 340 -13.36 -37.52 -33.03
CA LYS B 340 -13.05 -38.94 -33.00
C LYS B 340 -12.07 -39.29 -34.13
N LYS B 341 -12.16 -38.55 -35.23
CA LYS B 341 -11.29 -38.76 -36.39
C LYS B 341 -9.88 -38.27 -36.10
N ILE B 342 -9.78 -37.07 -35.55
CA ILE B 342 -8.51 -36.46 -35.22
C ILE B 342 -7.78 -37.22 -34.12
N LEU B 343 -8.51 -37.67 -33.11
CA LEU B 343 -7.92 -38.40 -31.99
C LEU B 343 -7.03 -39.55 -32.43
N GLU B 344 -7.51 -40.37 -33.36
CA GLU B 344 -6.69 -41.49 -33.86
C GLU B 344 -5.58 -40.90 -34.73
N LYS C 4 25.63 17.86 -22.47
CA LYS C 4 26.90 18.37 -21.98
C LYS C 4 27.22 17.95 -20.54
N LEU C 5 26.25 17.33 -19.87
CA LEU C 5 26.43 16.87 -18.49
C LEU C 5 25.52 15.67 -18.21
N LYS C 6 26.11 14.60 -17.69
CA LYS C 6 25.34 13.39 -17.41
C LYS C 6 25.87 12.63 -16.20
N THR C 7 25.27 12.87 -15.05
CA THR C 7 25.65 12.18 -13.81
C THR C 7 24.40 11.52 -13.25
N LYS C 8 24.54 10.80 -12.15
CA LYS C 8 23.40 10.13 -11.55
C LYS C 8 22.41 11.12 -10.97
N THR C 9 22.93 12.26 -10.52
CA THR C 9 22.10 13.30 -9.93
C THR C 9 21.37 14.15 -10.96
N GLU C 11 21.32 15.72 -15.41
CA GLU C 11 21.72 15.63 -16.80
C GLU C 11 21.30 16.91 -17.51
N TRP C 12 22.26 17.55 -18.16
CA TRP C 12 21.99 18.78 -18.90
C TRP C 12 22.01 18.46 -20.39
N SER C 13 20.85 18.54 -21.05
CA SER C 13 20.75 18.25 -22.48
C SER C 13 20.97 19.51 -23.31
N GLY C 14 21.27 20.61 -22.64
CA GLY C 14 21.50 21.85 -23.34
C GLY C 14 20.24 22.69 -23.53
N ASN C 15 19.09 22.11 -23.21
CA ASN C 15 17.80 22.80 -23.35
C ASN C 15 16.90 22.54 -22.15
N SER C 16 17.12 21.40 -21.48
CA SER C 16 16.33 21.04 -20.32
C SER C 16 17.21 20.40 -19.25
N LEU C 17 16.88 20.62 -17.98
CA LEU C 17 17.66 20.02 -16.90
C LEU C 17 16.94 18.78 -16.38
N LYS C 18 17.63 17.65 -16.41
CA LYS C 18 17.06 16.38 -15.94
C LYS C 18 17.52 16.12 -14.52
N LEU C 19 16.59 15.79 -13.64
CA LEU C 19 16.94 15.54 -12.25
C LEU C 19 16.47 14.18 -11.76
N LEU C 20 17.35 13.47 -11.06
CA LEU C 20 17.01 12.17 -10.52
C LEU C 20 16.01 12.46 -9.41
N ASP C 21 14.83 11.85 -9.46
CA ASP C 21 13.84 12.09 -8.43
C ASP C 21 14.32 11.41 -7.15
N GLN C 22 15.06 12.16 -6.34
CA GLN C 22 15.64 11.64 -5.12
C GLN C 22 14.67 11.30 -4.00
N ARG C 23 13.38 11.52 -4.22
CA ARG C 23 12.41 11.21 -3.17
C ARG C 23 11.70 9.89 -3.44
N LYS C 24 12.05 9.23 -4.54
CA LYS C 24 11.46 7.95 -4.90
C LYS C 24 12.46 6.79 -4.81
N LEU C 25 13.74 7.12 -4.63
CA LEU C 25 14.74 6.07 -4.47
C LEU C 25 14.37 5.39 -3.15
N PRO C 26 14.93 4.20 -2.90
CA PRO C 26 15.86 3.51 -3.79
C PRO C 26 15.24 2.45 -4.68
N PHE C 27 13.91 2.35 -4.69
CA PHE C 27 13.25 1.33 -5.50
C PHE C 27 12.74 1.81 -6.87
N ILE C 28 12.69 3.12 -7.04
CA ILE C 28 12.25 3.67 -8.31
C ILE C 28 13.34 4.62 -8.82
N GLU C 29 13.66 4.51 -10.10
CA GLU C 29 14.70 5.34 -10.70
C GLU C 29 14.18 6.09 -11.91
N GLU C 30 13.47 7.18 -11.69
CA GLU C 30 12.98 7.97 -12.81
C GLU C 30 13.51 9.40 -12.70
N TYR C 31 13.54 10.09 -13.84
CA TYR C 31 14.04 11.46 -13.89
C TYR C 31 12.96 12.47 -14.18
N VAL C 32 13.01 13.59 -13.46
CA VAL C 32 12.05 14.67 -13.64
C VAL C 32 12.71 15.70 -14.55
N GLU C 33 12.06 16.04 -15.65
CA GLU C 33 12.63 17.02 -16.57
C GLU C 33 12.18 18.44 -16.24
N CYS C 34 13.11 19.38 -16.27
CA CYS C 34 12.80 20.77 -15.96
C CYS C 34 13.11 21.65 -17.16
N LYS C 35 12.07 22.25 -17.73
CA LYS C 35 12.23 23.09 -18.91
C LYS C 35 12.24 24.59 -18.61
N THR C 36 11.70 24.98 -17.45
CA THR C 36 11.67 26.40 -17.07
C THR C 36 12.38 26.63 -15.74
N HIS C 37 12.53 27.88 -15.34
CA HIS C 37 13.19 28.17 -14.08
C HIS C 37 12.27 27.87 -12.91
N GLU C 38 10.96 27.98 -13.12
CA GLU C 38 10.02 27.72 -12.04
C GLU C 38 9.95 26.22 -11.72
N GLU C 39 10.12 25.39 -12.74
CA GLU C 39 10.10 23.96 -12.54
C GLU C 39 11.32 23.51 -11.73
N VAL C 40 12.46 24.13 -11.96
CA VAL C 40 13.66 23.78 -11.20
C VAL C 40 13.45 24.25 -9.76
N ALA C 41 12.95 25.46 -9.60
CA ALA C 41 12.69 26.02 -8.28
C ALA C 41 11.81 25.02 -7.52
N HIS C 42 10.78 24.55 -8.21
CA HIS C 42 9.85 23.57 -7.65
C HIS C 42 10.59 22.30 -7.27
N ALA C 43 11.44 21.83 -8.17
CA ALA C 43 12.21 20.62 -7.94
C ALA C 43 13.02 20.74 -6.66
N ILE C 44 13.50 21.95 -6.40
CA ILE C 44 14.31 22.26 -5.22
C ILE C 44 13.49 22.22 -3.92
N LYS C 45 12.33 22.87 -3.93
CA LYS C 45 11.47 22.90 -2.74
C LYS C 45 10.93 21.52 -2.39
N GLU C 46 10.55 20.77 -3.42
CA GLU C 46 9.99 19.44 -3.24
C GLU C 46 11.05 18.39 -2.97
N ILE C 48 13.19 17.15 -4.94
CA ILE C 48 13.35 16.18 -6.01
C ILE C 48 14.86 16.07 -6.13
N VAL C 49 15.51 17.22 -6.06
CA VAL C 49 16.96 17.27 -6.08
C VAL C 49 17.25 17.89 -4.72
N ARG C 50 18.29 17.41 -4.05
CA ARG C 50 18.65 17.94 -2.75
C ARG C 50 20.13 17.71 -2.49
N GLY C 51 20.65 18.32 -1.43
CA GLY C 51 22.06 18.22 -1.11
C GLY C 51 22.60 19.58 -1.50
N ALA C 52 23.11 20.32 -0.52
CA ALA C 52 23.61 21.68 -0.73
C ALA C 52 24.30 21.94 -2.08
N PRO C 53 25.42 21.27 -2.36
CA PRO C 53 26.09 21.51 -3.64
C PRO C 53 25.14 21.33 -4.83
N ALA C 54 24.60 20.14 -4.99
CA ALA C 54 23.70 19.81 -6.09
C ALA C 54 22.59 20.84 -6.26
N ILE C 55 22.07 21.35 -5.14
CA ILE C 55 21.02 22.35 -5.19
C ILE C 55 21.57 23.60 -5.84
N GLY C 56 22.80 23.94 -5.47
CA GLY C 56 23.44 25.12 -6.01
C GLY C 56 23.56 25.08 -7.53
N VAL C 57 24.12 23.99 -8.04
CA VAL C 57 24.30 23.83 -9.47
C VAL C 57 22.95 23.77 -10.19
N ALA C 58 22.05 22.94 -9.66
CA ALA C 58 20.73 22.79 -10.26
C ALA C 58 20.10 24.17 -10.41
N ALA C 59 20.38 25.04 -9.44
CA ALA C 59 19.84 26.39 -9.45
C ALA C 59 20.50 27.25 -10.53
N ALA C 60 21.79 27.04 -10.75
CA ALA C 60 22.50 27.82 -11.74
C ALA C 60 21.89 27.53 -13.10
N PHE C 61 21.56 26.26 -13.34
CA PHE C 61 20.94 25.89 -14.60
C PHE C 61 19.53 26.46 -14.66
N GLY C 62 18.90 26.56 -13.48
CA GLY C 62 17.57 27.13 -13.43
C GLY C 62 17.63 28.56 -13.88
N TYR C 63 18.74 29.23 -13.53
CA TYR C 63 18.95 30.62 -13.90
C TYR C 63 19.10 30.75 -15.42
N VAL C 64 19.81 29.83 -16.06
CA VAL C 64 19.96 29.91 -17.51
C VAL C 64 18.61 29.65 -18.16
N LEU C 65 17.83 28.75 -17.57
CA LEU C 65 16.52 28.47 -18.13
C LEU C 65 15.67 29.72 -18.04
N GLY C 66 15.90 30.50 -16.98
CA GLY C 66 15.14 31.72 -16.78
C GLY C 66 15.32 32.65 -17.95
N LEU C 67 16.55 32.77 -18.43
CA LEU C 67 16.84 33.63 -19.56
C LEU C 67 15.99 33.22 -20.75
N ARG C 68 15.80 31.91 -20.89
CA ARG C 68 15.00 31.38 -21.99
C ARG C 68 13.48 31.47 -21.76
N ASP C 69 13.09 31.70 -20.51
CA ASP C 69 11.67 31.84 -20.19
C ASP C 69 11.24 33.28 -20.43
N TYR C 70 12.23 34.16 -20.59
CA TYR C 70 11.95 35.58 -20.82
C TYR C 70 10.97 35.77 -21.96
N LYS C 71 10.13 36.79 -21.83
CA LYS C 71 9.13 37.10 -22.83
C LYS C 71 9.03 38.60 -23.12
N THR C 72 8.71 39.39 -22.11
CA THR C 72 8.59 40.83 -22.30
C THR C 72 9.11 41.60 -21.10
N GLY C 73 9.02 42.92 -21.21
CA GLY C 73 9.49 43.77 -20.13
C GLY C 73 11.00 43.85 -20.08
N SER C 74 11.51 44.53 -19.05
CA SER C 74 12.93 44.69 -18.85
C SER C 74 13.57 43.31 -18.65
N LEU C 75 14.59 42.99 -19.44
CA LEU C 75 15.27 41.72 -19.30
C LEU C 75 15.92 41.67 -17.91
N THR C 76 16.38 42.82 -17.45
CA THR C 76 17.02 42.94 -16.15
C THR C 76 16.06 42.67 -14.99
N ASP C 77 14.90 43.32 -15.02
CA ASP C 77 13.95 43.09 -13.94
C ASP C 77 13.58 41.60 -13.92
N TRP C 78 13.47 41.02 -15.12
CA TRP C 78 13.11 39.63 -15.26
C TRP C 78 14.13 38.67 -14.68
N LYS C 80 16.11 39.43 -12.54
CA LYS C 80 16.15 39.82 -11.13
C LYS C 80 15.03 39.04 -10.44
N GLN C 81 13.95 38.81 -11.18
CA GLN C 81 12.80 38.07 -10.68
C GLN C 81 13.08 36.56 -10.69
N VAL C 82 13.87 36.09 -11.65
CA VAL C 82 14.20 34.68 -11.75
C VAL C 82 15.09 34.26 -10.58
N LYS C 83 16.08 35.09 -10.28
CA LYS C 83 17.00 34.80 -9.19
C LYS C 83 16.22 34.70 -7.89
N GLU C 84 15.29 35.63 -7.70
CA GLU C 84 14.45 35.71 -6.53
C GLU C 84 13.66 34.40 -6.36
N THR C 85 12.99 33.98 -7.42
CA THR C 85 12.21 32.75 -7.41
C THR C 85 13.04 31.54 -7.01
N LEU C 86 14.26 31.47 -7.55
CA LEU C 86 15.14 30.35 -7.25
C LEU C 86 15.77 30.44 -5.87
N ALA C 87 15.91 31.66 -5.37
CA ALA C 87 16.50 31.87 -4.05
C ALA C 87 15.52 31.56 -2.94
N ARG C 88 14.23 31.77 -3.20
CA ARG C 88 13.20 31.54 -2.21
C ARG C 88 12.66 30.12 -2.15
N THR C 89 13.50 29.15 -2.49
CA THR C 89 13.06 27.76 -2.46
C THR C 89 13.35 27.14 -1.08
N ARG C 90 14.62 27.15 -0.68
CA ARG C 90 15.05 26.62 0.61
C ARG C 90 16.15 27.53 1.18
N PRO C 91 15.98 28.01 2.41
CA PRO C 91 16.87 28.90 3.16
C PRO C 91 18.25 28.50 3.66
N THR C 92 18.33 27.38 4.37
CA THR C 92 19.60 26.96 4.97
C THR C 92 20.85 26.85 4.09
N ALA C 93 20.88 25.88 3.18
CA ALA C 93 22.03 25.68 2.31
C ALA C 93 22.50 26.99 1.70
N VAL C 94 23.78 27.31 1.85
CA VAL C 94 24.32 28.56 1.33
C VAL C 94 24.75 28.49 -0.15
N ASN C 95 25.11 27.29 -0.62
CA ASN C 95 25.51 27.11 -2.00
C ASN C 95 24.47 27.71 -2.95
N LEU C 96 23.20 27.53 -2.60
CA LEU C 96 22.11 28.04 -3.41
C LEU C 96 22.33 29.49 -3.83
N PHE C 97 22.67 30.33 -2.87
CA PHE C 97 22.89 31.75 -3.10
C PHE C 97 24.23 32.03 -3.73
N TRP C 98 25.25 31.31 -3.28
CA TRP C 98 26.58 31.47 -3.83
C TRP C 98 26.50 31.26 -5.36
N ALA C 99 25.76 30.25 -5.77
CA ALA C 99 25.60 29.94 -7.18
C ALA C 99 24.77 31.00 -7.89
N LEU C 100 23.63 31.36 -7.32
CA LEU C 100 22.77 32.36 -7.92
C LEU C 100 23.47 33.71 -8.07
N ASN C 101 24.32 34.05 -7.11
CA ASN C 101 25.04 35.32 -7.16
C ASN C 101 26.12 35.27 -8.23
N ARG C 102 26.81 34.14 -8.31
CA ARG C 102 27.88 33.99 -9.29
C ARG C 102 27.28 33.96 -10.69
N GLU C 104 24.61 35.54 -11.53
CA GLU C 104 24.12 36.89 -11.80
C GLU C 104 25.25 37.81 -12.24
N LYS C 105 26.36 37.77 -11.52
CA LYS C 105 27.50 38.60 -11.87
C LYS C 105 27.81 38.40 -13.36
N VAL C 106 27.70 37.17 -13.82
CA VAL C 106 27.96 36.87 -15.22
C VAL C 106 26.91 37.52 -16.11
N PHE C 107 25.64 37.44 -15.71
CA PHE C 107 24.58 38.06 -16.48
C PHE C 107 24.74 39.58 -16.56
N PHE C 108 25.11 40.19 -15.44
CA PHE C 108 25.32 41.64 -15.38
C PHE C 108 26.48 42.09 -16.27
N GLU C 109 27.48 41.21 -16.42
CA GLU C 109 28.64 41.52 -17.23
C GLU C 109 28.45 41.23 -18.71
N ASN C 110 27.29 40.66 -19.08
CA ASN C 110 27.04 40.34 -20.46
C ASN C 110 25.60 40.54 -20.90
N ALA C 111 24.84 41.33 -20.14
CA ALA C 111 23.44 41.58 -20.46
C ALA C 111 23.18 41.97 -21.91
N ASP C 112 24.03 42.81 -22.47
CA ASP C 112 23.84 43.26 -23.85
C ASP C 112 24.26 42.27 -24.94
N ARG C 113 25.11 41.31 -24.59
CA ARG C 113 25.58 40.32 -25.56
C ARG C 113 24.45 39.62 -26.29
N GLU C 114 24.75 39.04 -27.44
CA GLU C 114 23.75 38.37 -28.26
C GLU C 114 23.43 36.90 -28.00
N ASN C 115 24.33 36.16 -27.37
CA ASN C 115 24.07 34.75 -27.11
C ASN C 115 24.11 34.48 -25.62
N LEU C 116 23.47 35.37 -24.89
CA LEU C 116 23.40 35.29 -23.44
C LEU C 116 23.18 33.87 -22.93
N PHE C 117 22.18 33.19 -23.48
CA PHE C 117 21.87 31.83 -23.07
C PHE C 117 23.12 30.94 -23.00
N GLU C 118 23.83 30.87 -24.13
CA GLU C 118 25.04 30.06 -24.21
C GLU C 118 26.07 30.50 -23.16
N ILE C 119 26.27 31.81 -23.02
CA ILE C 119 27.24 32.31 -22.05
C ILE C 119 26.89 31.88 -20.62
N LEU C 120 25.63 32.01 -20.24
CA LEU C 120 25.21 31.61 -18.90
C LEU C 120 25.37 30.12 -18.76
N GLU C 121 25.03 29.39 -19.83
CA GLU C 121 25.14 27.96 -19.82
C GLU C 121 26.59 27.53 -19.55
N ASN C 122 27.54 28.20 -20.18
CA ASN C 122 28.93 27.84 -19.98
C ASN C 122 29.35 28.01 -18.52
N GLU C 123 28.80 29.02 -17.85
CA GLU C 123 29.12 29.25 -16.44
C GLU C 123 28.59 28.12 -15.57
N ALA C 124 27.33 27.75 -15.77
CA ALA C 124 26.72 26.69 -14.99
C ALA C 124 27.42 25.36 -15.26
N LEU C 125 27.75 25.13 -16.53
CA LEU C 125 28.42 23.91 -16.93
C LEU C 125 29.81 23.87 -16.33
N LYS C 126 30.45 25.04 -16.26
CA LYS C 126 31.80 25.16 -15.71
C LYS C 126 31.73 24.91 -14.20
N ALA C 128 29.48 23.16 -12.70
CA ALA C 128 29.17 21.74 -12.53
C ALA C 128 30.42 20.87 -12.63
N TYR C 129 31.35 21.27 -13.49
CA TYR C 129 32.58 20.51 -13.64
C TYR C 129 33.50 20.78 -12.45
N GLU C 130 33.51 22.03 -11.99
CA GLU C 130 34.34 22.39 -10.86
C GLU C 130 33.82 21.73 -9.58
N ASP C 131 32.57 21.26 -9.63
CA ASP C 131 31.97 20.62 -8.47
C ASP C 131 32.52 19.20 -8.34
N ILE C 132 32.52 18.48 -9.44
CA ILE C 132 33.03 17.11 -9.47
C ILE C 132 34.50 17.11 -9.09
N GLU C 133 35.22 18.16 -9.49
CA GLU C 133 36.63 18.28 -9.20
C GLU C 133 36.88 18.62 -7.73
N VAL C 134 36.10 19.55 -7.20
CA VAL C 134 36.24 19.92 -5.81
C VAL C 134 35.86 18.73 -4.92
N ASN C 135 35.14 17.76 -5.50
CA ASN C 135 34.72 16.57 -4.77
C ASN C 135 35.79 15.49 -4.74
N LYS C 136 36.34 15.16 -5.90
CA LYS C 136 37.38 14.13 -5.97
C LYS C 136 38.57 14.61 -5.14
N ALA C 137 38.68 15.92 -5.02
CA ALA C 137 39.76 16.52 -4.27
C ALA C 137 39.46 16.45 -2.79
N ILE C 138 38.35 17.08 -2.38
CA ILE C 138 37.92 17.07 -1.00
C ILE C 138 37.93 15.66 -0.43
N GLY C 139 37.78 14.67 -1.32
CA GLY C 139 37.74 13.29 -0.91
C GLY C 139 39.11 12.62 -0.79
N LYS C 140 40.17 13.33 -1.13
CA LYS C 140 41.51 12.78 -1.05
C LYS C 140 42.27 13.45 0.08
N ASN C 141 41.83 14.66 0.44
CA ASN C 141 42.44 15.36 1.55
C ASN C 141 41.70 14.90 2.78
N GLY C 142 41.08 13.72 2.65
CA GLY C 142 40.34 13.12 3.74
C GLY C 142 40.63 11.63 3.84
N ALA C 143 40.64 10.96 2.69
CA ALA C 143 40.91 9.51 2.64
C ALA C 143 42.28 9.18 3.22
N GLN C 144 42.83 10.10 4.00
CA GLN C 144 44.14 9.91 4.62
C GLN C 144 43.94 9.62 6.11
N LEU C 145 43.03 10.36 6.74
CA LEU C 145 42.75 10.20 8.16
C LEU C 145 41.93 8.94 8.46
N ILE C 146 41.75 8.09 7.45
CA ILE C 146 40.99 6.86 7.61
C ILE C 146 41.91 5.64 7.48
N LYS C 147 42.06 4.92 8.60
CA LYS C 147 42.91 3.75 8.67
C LYS C 147 42.31 2.50 8.02
N ASP C 148 43.13 1.79 7.26
CA ASP C 148 42.71 0.58 6.56
C ASP C 148 42.01 -0.44 7.47
N GLY C 149 40.73 -0.68 7.21
CA GLY C 149 39.98 -1.64 7.98
C GLY C 149 39.06 -1.10 9.06
N SER C 150 38.76 0.19 9.02
CA SER C 150 37.89 0.78 10.04
C SER C 150 36.46 1.05 9.58
N THR C 151 35.64 1.51 10.52
CA THR C 151 34.23 1.80 10.27
C THR C 151 33.92 3.26 10.63
N ILE C 152 33.29 3.97 9.70
CA ILE C 152 32.93 5.38 9.95
C ILE C 152 31.44 5.62 9.84
N LEU C 153 30.92 6.44 10.74
CA LEU C 153 29.50 6.76 10.78
C LEU C 153 29.16 8.04 10.00
N THR C 154 28.12 7.97 9.18
CA THR C 154 27.69 9.14 8.42
C THR C 154 26.28 9.53 8.83
N HIS C 155 25.82 10.66 8.30
CA HIS C 155 24.49 11.15 8.57
C HIS C 155 24.01 11.87 7.30
N CYS C 156 22.77 11.62 6.92
CA CYS C 156 22.16 12.21 5.73
C CYS C 156 22.85 11.64 4.52
N ASN C 157 22.94 12.42 3.45
CA ASN C 157 23.59 11.97 2.23
C ASN C 157 24.48 13.03 1.62
N ALA C 158 25.73 13.09 2.07
CA ALA C 158 26.69 14.04 1.52
C ALA C 158 27.46 13.27 0.46
N GLY C 159 26.74 12.53 -0.38
CA GLY C 159 27.38 11.74 -1.42
C GLY C 159 27.24 12.24 -2.84
N ALA C 160 27.33 11.33 -3.79
CA ALA C 160 27.20 11.68 -5.20
C ALA C 160 25.85 12.31 -5.48
N LEU C 161 24.82 11.91 -4.72
CA LEU C 161 23.49 12.45 -4.94
C LEU C 161 23.25 13.85 -4.38
N ALA C 162 24.15 14.32 -3.52
CA ALA C 162 23.99 15.64 -2.93
C ALA C 162 24.91 16.63 -3.63
N THR C 163 25.54 16.19 -4.70
CA THR C 163 26.46 17.01 -5.47
C THR C 163 26.27 16.67 -6.94
N VAL C 164 27.15 17.21 -7.81
CA VAL C 164 27.05 16.89 -9.22
C VAL C 164 27.51 15.45 -9.39
N ASP C 165 28.52 15.08 -8.61
CA ASP C 165 29.04 13.72 -8.66
C ASP C 165 30.11 13.47 -7.60
N TYR C 166 30.38 12.20 -7.33
CA TYR C 166 31.37 11.78 -6.34
C TYR C 166 30.93 12.00 -4.90
N GLY C 167 30.68 13.24 -4.53
CA GLY C 167 30.23 13.53 -3.19
C GLY C 167 31.31 14.10 -2.29
N THR C 168 30.91 14.61 -1.13
CA THR C 168 31.85 15.18 -0.17
C THR C 168 32.29 14.14 0.85
N ALA C 169 31.59 14.11 1.99
CA ALA C 169 31.91 13.15 3.04
C ALA C 169 31.99 11.75 2.44
N LEU C 170 31.02 11.39 1.60
CA LEU C 170 31.05 10.07 0.98
C LEU C 170 32.13 10.01 -0.08
N GLY C 171 32.63 11.18 -0.47
CA GLY C 171 33.69 11.22 -1.47
C GLY C 171 34.94 10.66 -0.83
N VAL C 172 35.11 11.00 0.45
CA VAL C 172 36.23 10.53 1.24
C VAL C 172 36.23 8.99 1.21
N ILE C 173 35.18 8.41 1.75
CA ILE C 173 35.04 6.96 1.79
C ILE C 173 35.31 6.37 0.40
N ARG C 174 34.90 7.09 -0.63
CA ARG C 174 35.10 6.65 -2.00
C ARG C 174 36.58 6.61 -2.37
N ALA C 175 37.35 7.57 -1.89
CA ALA C 175 38.78 7.62 -2.18
C ALA C 175 39.52 6.53 -1.41
N ALA C 176 39.10 6.27 -0.19
CA ALA C 176 39.71 5.25 0.64
C ALA C 176 39.64 3.90 -0.06
N VAL C 177 38.43 3.48 -0.43
CA VAL C 177 38.25 2.21 -1.11
C VAL C 177 39.03 2.20 -2.43
N GLU C 178 39.17 3.36 -3.04
CA GLU C 178 39.90 3.49 -4.31
C GLU C 178 41.40 3.28 -4.11
N SER C 179 41.93 3.77 -2.99
CA SER C 179 43.35 3.62 -2.69
C SER C 179 43.64 2.15 -2.40
N GLY C 180 42.78 1.54 -1.57
CA GLY C 180 42.95 0.14 -1.22
C GLY C 180 42.36 -0.18 0.15
N LYS C 181 42.53 0.74 1.09
CA LYS C 181 42.03 0.58 2.44
C LYS C 181 40.65 -0.08 2.48
N ARG C 182 40.55 -1.24 3.13
CA ARG C 182 39.28 -1.95 3.22
C ARG C 182 38.46 -1.31 4.36
N ILE C 183 37.21 -0.95 4.07
CA ILE C 183 36.36 -0.32 5.09
C ILE C 183 34.87 -0.58 4.90
N ARG C 184 34.11 -0.38 5.97
CA ARG C 184 32.67 -0.56 5.97
C ARG C 184 32.06 0.71 6.55
N VAL C 185 30.85 1.05 6.12
CA VAL C 185 30.18 2.25 6.60
C VAL C 185 28.88 2.03 7.37
N PHE C 186 28.63 2.89 8.36
CA PHE C 186 27.41 2.83 9.15
C PHE C 186 26.66 4.12 8.81
N ALA C 187 25.47 3.99 8.25
CA ALA C 187 24.70 5.16 7.86
C ALA C 187 23.41 5.38 8.63
N ASP C 188 23.29 6.54 9.27
CA ASP C 188 22.08 6.89 9.99
C ASP C 188 21.00 6.92 8.91
N GLU C 189 19.90 6.17 9.09
CA GLU C 189 18.85 6.19 8.08
C GLU C 189 18.45 7.63 7.83
N THR C 190 18.61 8.44 8.87
CA THR C 190 18.32 9.87 8.82
C THR C 190 16.89 10.26 8.51
N ARG C 191 16.08 10.36 9.56
CA ARG C 191 14.70 10.75 9.39
C ARG C 191 14.63 12.28 9.41
N PRO C 192 13.49 12.85 8.98
CA PRO C 192 12.30 12.16 8.48
C PRO C 192 12.33 11.74 7.00
N TYR C 193 13.15 12.42 6.21
CA TYR C 193 13.25 12.15 4.77
C TYR C 193 13.92 10.80 4.45
N LEU C 194 14.76 10.32 5.35
CA LEU C 194 15.45 9.04 5.18
C LEU C 194 16.51 9.00 4.10
N GLN C 195 17.23 10.11 3.94
CA GLN C 195 18.29 10.19 2.94
C GLN C 195 19.36 9.11 3.14
N GLY C 196 19.59 8.72 4.39
CA GLY C 196 20.59 7.72 4.70
C GLY C 196 20.27 6.32 4.24
N ALA C 197 19.02 5.90 4.44
CA ALA C 197 18.60 4.57 4.05
C ALA C 197 18.19 4.52 2.59
N ARG C 198 17.68 5.62 2.06
CA ARG C 198 17.24 5.64 0.68
C ARG C 198 18.31 6.11 -0.30
N LEU C 199 19.15 7.06 0.12
CA LEU C 199 20.17 7.58 -0.78
C LEU C 199 21.59 7.12 -0.47
N THR C 200 22.08 7.46 0.71
CA THR C 200 23.44 7.08 1.12
C THR C 200 23.72 5.60 0.94
N ALA C 201 22.90 4.75 1.54
CA ALA C 201 23.07 3.30 1.44
C ALA C 201 23.02 2.82 -0.01
N TRP C 202 22.13 3.42 -0.80
CA TRP C 202 21.95 3.04 -2.21
C TRP C 202 23.16 3.30 -3.10
N GLU C 203 23.65 4.53 -3.09
CA GLU C 203 24.78 4.86 -3.94
C GLU C 203 26.04 4.13 -3.49
N LEU C 204 26.11 3.81 -2.21
CA LEU C 204 27.27 3.10 -1.68
C LEU C 204 27.31 1.66 -2.18
N LYS C 206 26.10 0.44 -4.86
CA LYS C 206 26.38 0.33 -6.28
C LYS C 206 27.87 0.41 -6.57
N ASP C 207 28.57 1.23 -5.79
CA ASP C 207 30.01 1.38 -5.96
C ASP C 207 30.75 0.22 -5.29
N GLY C 208 29.98 -0.71 -4.73
CA GLY C 208 30.57 -1.85 -4.07
C GLY C 208 31.20 -1.59 -2.72
N ILE C 209 30.66 -0.63 -1.98
CA ILE C 209 31.19 -0.31 -0.65
C ILE C 209 30.35 -0.98 0.43
N GLU C 210 31.01 -1.39 1.51
CA GLU C 210 30.36 -2.06 2.63
C GLU C 210 29.52 -1.09 3.45
N VAL C 211 28.23 -1.41 3.60
CA VAL C 211 27.31 -0.56 4.36
C VAL C 211 26.31 -1.27 5.27
N TYR C 212 26.16 -0.70 6.45
CA TYR C 212 25.20 -1.17 7.44
C TYR C 212 24.36 0.05 7.76
N VAL C 213 23.05 -0.09 7.64
CA VAL C 213 22.15 1.01 7.94
C VAL C 213 21.68 0.86 9.38
N ILE C 214 21.53 1.98 10.07
CA ILE C 214 21.07 1.97 11.46
C ILE C 214 20.10 3.12 11.67
N THR C 215 19.21 2.98 12.66
CA THR C 215 18.26 4.06 12.93
C THR C 215 19.06 5.12 13.69
N ASP C 216 18.63 6.38 13.58
CA ASP C 216 19.35 7.45 14.24
C ASP C 216 19.49 7.20 15.75
N ASN C 217 18.63 6.34 16.29
CA ASN C 217 18.64 6.00 17.71
C ASN C 217 19.92 5.39 18.23
N ALA C 219 22.92 5.59 17.18
CA ALA C 219 24.16 6.29 16.86
C ALA C 219 25.01 6.41 18.12
N GLY C 220 24.41 6.89 19.20
CA GLY C 220 25.12 7.04 20.45
C GLY C 220 25.60 5.72 21.01
N TRP C 221 24.70 4.76 21.13
CA TRP C 221 25.03 3.44 21.65
C TRP C 221 26.20 2.81 20.89
N LEU C 222 26.02 2.59 19.60
CA LEU C 222 27.07 2.00 18.76
C LEU C 222 28.43 2.63 18.98
N LYS C 224 29.66 4.13 22.14
CA LYS C 224 30.17 3.63 23.42
C LYS C 224 30.68 2.20 23.35
N ARG C 225 30.01 1.39 22.54
CA ARG C 225 30.40 -0.01 22.38
C ARG C 225 31.61 -0.10 21.46
N GLY C 226 32.26 1.05 21.25
CA GLY C 226 33.43 1.10 20.40
C GLY C 226 33.33 0.31 19.11
N LEU C 227 32.65 0.88 18.13
CA LEU C 227 32.48 0.22 16.85
C LEU C 227 32.59 1.27 15.75
N ILE C 228 32.59 2.53 16.19
CA ILE C 228 32.67 3.67 15.28
C ILE C 228 33.96 4.48 15.53
N ASP C 229 34.96 4.27 14.68
CA ASP C 229 36.23 4.97 14.80
C ASP C 229 36.10 6.48 14.55
N ALA C 230 35.47 6.85 13.43
CA ALA C 230 35.30 8.26 13.11
C ALA C 230 33.95 8.55 12.47
N VAL C 231 33.54 9.80 12.54
CA VAL C 231 32.28 10.23 11.95
C VAL C 231 32.59 11.22 10.82
N VAL C 232 31.86 11.13 9.72
CA VAL C 232 32.09 12.03 8.59
C VAL C 232 30.78 12.55 7.99
N VAL C 233 30.41 13.77 8.33
CA VAL C 233 29.19 14.37 7.81
C VAL C 233 29.52 15.35 6.69
N GLY C 234 28.55 16.20 6.37
CA GLY C 234 28.73 17.20 5.33
C GLY C 234 28.30 18.54 5.90
N ALA C 235 27.76 19.43 5.06
CA ALA C 235 27.32 20.72 5.57
C ALA C 235 26.41 21.46 4.61
N ASP C 236 25.77 22.51 5.10
CA ASP C 236 24.87 23.33 4.30
C ASP C 236 25.30 24.78 4.42
N ARG C 237 25.85 25.16 5.56
CA ARG C 237 26.32 26.51 5.76
C ARG C 237 27.28 26.60 6.93
N ILE C 238 28.57 26.71 6.64
CA ILE C 238 29.60 26.81 7.66
C ILE C 238 29.98 28.27 7.83
N ALA C 239 29.62 28.85 8.98
CA ALA C 239 29.95 30.26 9.23
C ALA C 239 31.45 30.42 9.45
N LEU C 240 31.95 31.64 9.27
CA LEU C 240 33.37 31.92 9.47
C LEU C 240 33.69 31.45 10.88
N ASN C 241 32.80 31.77 11.81
CA ASN C 241 32.92 31.38 13.20
C ASN C 241 33.33 29.91 13.30
N GLY C 242 32.67 29.07 12.50
CA GLY C 242 32.96 27.65 12.49
C GLY C 242 31.70 26.83 12.67
N ASP C 243 30.66 27.46 13.20
CA ASP C 243 29.38 26.81 13.42
C ASP C 243 28.85 26.23 12.11
N THR C 244 29.21 24.98 11.81
CA THR C 244 28.76 24.32 10.59
C THR C 244 27.36 23.71 10.75
N ALA C 245 26.42 24.15 9.92
CA ALA C 245 25.05 23.65 9.96
C ALA C 245 24.85 22.50 8.98
N ASN C 246 24.17 21.45 9.43
CA ASN C 246 23.89 20.29 8.59
C ASN C 246 22.52 19.74 8.98
N LYS C 247 22.15 18.59 8.40
CA LYS C 247 20.85 17.98 8.69
C LYS C 247 20.67 17.66 10.16
N ILE C 248 19.43 17.76 10.66
CA ILE C 248 19.14 17.46 12.07
C ILE C 248 19.77 16.15 12.48
N GLY C 249 20.35 16.17 13.68
CA GLY C 249 21.02 14.99 14.20
C GLY C 249 22.52 15.20 14.17
N THR C 250 22.96 16.29 13.56
CA THR C 250 24.38 16.59 13.46
C THR C 250 24.82 17.22 14.78
N TYR C 251 23.99 18.11 15.31
CA TYR C 251 24.29 18.77 16.57
C TYR C 251 24.35 17.71 17.67
N SER C 252 23.46 16.73 17.58
CA SER C 252 23.41 15.63 18.55
C SER C 252 24.59 14.68 18.34
N LEU C 253 24.79 14.22 17.11
CA LEU C 253 25.89 13.31 16.81
C LEU C 253 27.22 13.95 17.23
N ALA C 254 27.23 15.28 17.33
CA ALA C 254 28.44 16.01 17.72
C ALA C 254 28.56 16.03 19.24
N VAL C 255 27.57 16.62 19.91
CA VAL C 255 27.56 16.71 21.37
C VAL C 255 27.67 15.31 21.98
N LEU C 256 27.56 14.29 21.13
CA LEU C 256 27.62 12.91 21.56
C LEU C 256 28.95 12.33 21.10
N ALA C 257 29.54 12.99 20.10
CA ALA C 257 30.80 12.56 19.50
C ALA C 257 32.02 12.65 20.40
N LYS C 258 31.99 13.54 21.38
CA LYS C 258 33.12 13.66 22.28
C LYS C 258 33.12 12.56 23.33
N ARG C 259 31.94 12.33 23.92
CA ARG C 259 31.77 11.32 24.96
C ARG C 259 32.68 10.11 24.81
N ASN C 260 32.70 9.51 23.62
CA ASN C 260 33.53 8.33 23.40
C ASN C 260 34.75 8.70 22.57
N ASN C 261 35.13 9.96 22.67
CA ASN C 261 36.28 10.48 21.96
C ASN C 261 36.26 10.01 20.52
N ILE C 262 35.36 10.59 19.73
CA ILE C 262 35.26 10.21 18.32
C ILE C 262 35.63 11.39 17.43
N PRO C 263 36.38 11.12 16.37
CA PRO C 263 36.82 12.14 15.41
C PRO C 263 35.60 12.58 14.60
N PHE C 264 35.13 13.81 14.82
CA PHE C 264 33.98 14.32 14.09
C PHE C 264 34.39 15.22 12.94
N TYR C 265 34.84 14.61 11.85
CA TYR C 265 35.27 15.37 10.67
C TYR C 265 34.08 15.85 9.83
N VAL C 266 34.13 17.10 9.41
CA VAL C 266 33.06 17.69 8.59
C VAL C 266 33.57 18.06 7.20
N ALA C 267 33.38 17.17 6.23
CA ALA C 267 33.83 17.40 4.85
C ALA C 267 32.86 18.26 4.04
N ALA C 268 33.29 19.46 3.66
CA ALA C 268 32.45 20.35 2.86
C ALA C 268 33.27 21.39 2.10
N PRO C 269 33.06 21.48 0.78
CA PRO C 269 33.78 22.43 -0.09
C PRO C 269 33.66 23.88 0.39
N VAL C 270 34.54 24.74 -0.13
CA VAL C 270 34.55 26.15 0.25
C VAL C 270 33.28 26.91 -0.12
N SER C 271 32.60 26.50 -1.17
CA SER C 271 31.36 27.18 -1.54
C SER C 271 30.34 27.03 -0.41
N THR C 272 30.49 25.97 0.38
CA THR C 272 29.60 25.69 1.48
C THR C 272 29.88 26.56 2.72
N ILE C 273 31.03 27.24 2.74
CA ILE C 273 31.35 28.10 3.88
C ILE C 273 30.85 29.52 3.62
N ASP C 274 29.95 30.00 4.48
CA ASP C 274 29.41 31.34 4.33
C ASP C 274 30.49 32.33 4.77
N PRO C 275 30.62 33.46 4.06
CA PRO C 275 31.63 34.44 4.44
C PRO C 275 30.98 35.66 5.07
N THR C 276 29.66 35.74 4.93
CA THR C 276 28.88 36.86 5.43
C THR C 276 28.44 36.73 6.89
N ILE C 277 28.71 35.58 7.51
CA ILE C 277 28.31 35.38 8.89
C ILE C 277 29.44 34.85 9.78
N ARG C 278 29.49 35.37 11.00
CA ARG C 278 30.48 34.95 11.98
C ARG C 278 29.73 34.68 13.27
N SER C 279 28.66 33.91 13.14
CA SER C 279 27.83 33.53 14.28
C SER C 279 26.85 32.47 13.79
N GLY C 280 27.02 31.25 14.28
CA GLY C 280 26.14 30.15 13.89
C GLY C 280 24.69 30.51 14.09
N GLU C 281 24.44 31.38 15.07
CA GLU C 281 23.08 31.82 15.38
C GLU C 281 22.51 32.66 14.25
N GLU C 282 23.33 32.89 13.22
CA GLU C 282 22.92 33.68 12.07
C GLU C 282 22.41 32.81 10.92
N ILE C 283 22.60 31.51 11.05
CA ILE C 283 22.17 30.56 10.03
C ILE C 283 20.68 30.25 10.10
N PRO C 284 19.93 30.61 9.05
CA PRO C 284 18.48 30.38 9.00
C PRO C 284 18.19 28.88 8.98
N ILE C 285 17.26 28.43 9.81
CA ILE C 285 16.91 27.02 9.87
C ILE C 285 15.55 26.70 9.24
N GLU C 286 15.57 25.98 8.14
CA GLU C 286 14.35 25.61 7.44
C GLU C 286 13.45 24.65 8.22
N GLU C 287 12.17 24.98 8.28
CA GLU C 287 11.20 24.13 8.96
C GLU C 287 10.22 23.68 7.88
N ARG C 288 10.31 22.42 7.48
CA ARG C 288 9.46 21.87 6.43
C ARG C 288 8.08 21.39 6.88
N ARG C 289 7.24 21.03 5.92
CA ARG C 289 5.89 20.57 6.21
C ARG C 289 5.81 19.38 7.15
N PRO C 290 4.74 19.32 7.97
CA PRO C 290 4.51 18.25 8.94
C PRO C 290 4.39 16.88 8.30
N GLU C 291 3.75 16.82 7.13
CA GLU C 291 3.57 15.57 6.42
C GLU C 291 4.82 14.69 6.52
N GLU C 292 5.98 15.32 6.47
CA GLU C 292 7.25 14.59 6.54
C GLU C 292 7.45 13.76 7.79
N VAL C 293 7.02 14.30 8.93
CA VAL C 293 7.19 13.62 10.20
C VAL C 293 6.09 12.62 10.48
N THR C 294 4.87 12.99 10.17
CA THR C 294 3.72 12.12 10.44
C THR C 294 3.69 10.92 9.50
N HIS C 295 4.40 11.00 8.39
CA HIS C 295 4.43 9.92 7.43
C HIS C 295 5.82 9.32 7.31
N CYS C 296 5.89 8.10 6.77
CA CYS C 296 7.15 7.41 6.54
C CYS C 296 7.12 6.94 5.10
N GLY C 297 7.39 7.88 4.19
CA GLY C 297 7.37 7.59 2.76
C GLY C 297 6.09 8.18 2.21
N GLY C 298 4.98 7.50 2.48
CA GLY C 298 3.68 7.96 2.01
C GLY C 298 2.62 7.42 2.95
N ASN C 299 3.06 6.62 3.91
CA ASN C 299 2.16 6.02 4.90
C ASN C 299 2.18 6.83 6.19
N ARG C 300 1.01 7.24 6.64
CA ARG C 300 0.93 7.99 7.89
C ARG C 300 1.22 6.99 8.99
N ILE C 301 2.07 7.36 9.93
CA ILE C 301 2.42 6.47 11.02
C ILE C 301 1.95 7.02 12.37
N ALA C 302 1.87 8.34 12.47
CA ALA C 302 1.43 8.98 13.71
C ALA C 302 -0.09 9.16 13.73
N PRO C 303 -0.66 9.43 14.91
CA PRO C 303 -2.11 9.63 15.05
C PRO C 303 -2.66 10.73 14.17
N GLU C 304 -3.82 10.49 13.59
CA GLU C 304 -4.46 11.46 12.72
C GLU C 304 -4.76 12.78 13.44
N GLY C 305 -4.28 13.88 12.88
CA GLY C 305 -4.52 15.18 13.49
C GLY C 305 -3.53 15.54 14.57
N VAL C 306 -2.42 14.81 14.63
CA VAL C 306 -1.39 15.05 15.63
C VAL C 306 -0.54 16.26 15.24
N LYS C 307 0.31 16.71 16.16
CA LYS C 307 1.19 17.85 15.90
C LYS C 307 2.67 17.45 16.07
N VAL C 308 3.53 17.98 15.20
CA VAL C 308 4.96 17.67 15.25
C VAL C 308 5.81 18.91 15.02
N LEU C 309 7.13 18.71 15.06
CA LEU C 309 8.09 19.76 14.81
C LEU C 309 8.94 19.22 13.66
N ASN C 310 9.29 20.09 12.71
CA ASN C 310 10.08 19.61 11.60
C ASN C 310 11.21 20.52 11.15
N PRO C 311 12.27 20.63 11.96
CA PRO C 311 13.42 21.47 11.60
C PRO C 311 14.28 20.56 10.72
N ALA C 312 14.75 21.07 9.59
CA ALA C 312 15.55 20.28 8.68
C ALA C 312 17.03 20.32 8.97
N PHE C 313 17.45 21.23 9.83
CA PHE C 313 18.86 21.37 10.16
C PHE C 313 19.11 21.78 11.59
N ASP C 314 20.30 21.48 12.08
CA ASP C 314 20.72 21.87 13.42
C ASP C 314 22.13 22.44 13.25
N VAL C 315 22.59 23.20 14.24
CA VAL C 315 23.91 23.79 14.15
C VAL C 315 24.90 23.28 15.18
N THR C 316 26.01 22.74 14.71
CA THR C 316 27.07 22.23 15.56
C THR C 316 28.01 23.38 15.91
N GLU C 317 28.96 23.13 16.81
CA GLU C 317 29.93 24.13 17.21
C GLU C 317 31.34 23.65 16.85
N ASN C 318 32.19 24.57 16.40
CA ASN C 318 33.55 24.23 16.01
C ASN C 318 34.22 23.35 17.04
N THR C 319 34.07 23.74 18.31
CA THR C 319 34.66 23.00 19.42
C THR C 319 34.15 21.56 19.46
N LEU C 320 32.90 21.38 19.08
CA LEU C 320 32.28 20.05 19.08
C LEU C 320 32.73 19.23 17.86
N ILE C 321 33.48 19.86 16.97
CA ILE C 321 33.96 19.18 15.75
C ILE C 321 35.48 19.17 15.64
N THR C 322 36.01 18.03 15.20
CA THR C 322 37.44 17.85 15.03
C THR C 322 37.95 18.79 13.94
N ALA C 323 38.20 18.22 12.76
CA ALA C 323 38.69 18.96 11.60
C ALA C 323 37.60 19.21 10.57
N ILE C 324 37.95 19.92 9.50
CA ILE C 324 37.01 20.24 8.42
C ILE C 324 37.67 20.05 7.06
N ILE C 325 37.32 18.96 6.39
CA ILE C 325 37.88 18.66 5.07
C ILE C 325 37.47 19.70 4.03
N THR C 326 38.31 19.87 3.01
CA THR C 326 38.08 20.83 1.94
C THR C 326 38.79 20.38 0.65
N GLU C 327 38.44 20.99 -0.47
CA GLU C 327 39.08 20.64 -1.74
C GLU C 327 40.51 21.20 -1.67
N LYS C 328 40.71 22.16 -0.77
CA LYS C 328 42.01 22.78 -0.57
C LYS C 328 42.54 22.54 0.85
N GLY C 329 42.73 21.27 1.20
CA GLY C 329 43.26 20.92 2.51
C GLY C 329 42.27 20.71 3.64
N VAL C 330 42.79 20.74 4.87
CA VAL C 330 42.01 20.56 6.09
C VAL C 330 42.17 21.78 6.99
N ILE C 331 41.17 22.07 7.82
CA ILE C 331 41.23 23.22 8.71
C ILE C 331 41.07 22.84 10.18
N ARG C 332 41.52 23.73 11.08
CA ARG C 332 41.44 23.51 12.53
C ARG C 332 41.30 24.86 13.24
N PRO C 333 40.82 24.86 14.50
CA PRO C 333 40.66 26.13 15.22
C PRO C 333 42.01 26.82 15.43
N PRO C 334 42.01 28.11 15.78
CA PRO C 334 40.86 28.99 16.02
C PRO C 334 40.17 29.32 14.70
N PHE C 335 39.27 28.43 14.26
CA PHE C 335 38.56 28.60 13.02
C PHE C 335 38.29 30.04 12.58
N GLU C 336 37.72 30.86 13.47
CA GLU C 336 37.41 32.25 13.14
C GLU C 336 38.55 32.96 12.41
N GLU C 337 39.76 32.86 12.95
CA GLU C 337 40.91 33.49 12.33
C GLU C 337 41.97 32.47 11.90
N ASN C 338 41.54 31.51 11.08
CA ASN C 338 42.40 30.47 10.55
C ASN C 338 41.67 29.89 9.34
N ILE C 339 40.46 30.41 9.12
CA ILE C 339 39.63 29.97 8.00
C ILE C 339 39.84 30.97 6.86
N LYS C 340 40.13 32.21 7.22
CA LYS C 340 40.37 33.28 6.25
C LYS C 340 41.59 32.97 5.40
N LYS C 341 42.57 32.30 6.00
CA LYS C 341 43.80 31.95 5.30
C LYS C 341 43.49 31.12 4.06
N ILE C 342 42.25 30.63 3.97
CA ILE C 342 41.84 29.83 2.81
C ILE C 342 41.12 30.75 1.82
N LEU C 343 40.64 31.90 2.32
CA LEU C 343 39.96 32.87 1.48
C LEU C 343 41.01 33.86 0.97
N GLU C 344 41.94 33.35 0.18
CA GLU C 344 43.02 34.16 -0.36
C GLU C 344 42.61 34.97 -1.60
N LYS D 4 -12.08 -10.50 35.05
CA LYS D 4 -11.49 -9.94 36.26
C LYS D 4 -10.47 -8.83 36.01
N LEU D 5 -10.16 -8.55 34.74
CA LEU D 5 -9.21 -7.49 34.39
C LEU D 5 -9.51 -6.96 32.99
N LYS D 6 -9.71 -5.65 32.90
CA LYS D 6 -10.02 -5.03 31.62
C LYS D 6 -9.37 -3.66 31.46
N THR D 7 -8.24 -3.62 30.75
CA THR D 7 -7.53 -2.37 30.50
C THR D 7 -7.25 -2.27 29.00
N LYS D 8 -6.73 -1.13 28.57
CA LYS D 8 -6.45 -0.94 27.16
C LYS D 8 -5.39 -1.90 26.67
N THR D 9 -4.45 -2.22 27.55
CA THR D 9 -3.36 -3.13 27.22
C THR D 9 -3.78 -4.59 27.18
N GLU D 11 -6.82 -7.80 28.74
CA GLU D 11 -8.10 -8.18 29.30
C GLU D 11 -8.05 -9.65 29.70
N TRP D 12 -8.29 -9.92 30.99
CA TRP D 12 -8.28 -11.29 31.48
C TRP D 12 -9.73 -11.74 31.70
N SER D 13 -10.18 -12.72 30.91
CA SER D 13 -11.55 -13.22 31.01
C SER D 13 -11.65 -14.42 31.96
N GLY D 14 -10.55 -14.76 32.61
CA GLY D 14 -10.54 -15.88 33.53
C GLY D 14 -10.21 -17.20 32.86
N ASN D 15 -10.16 -17.20 31.52
CA ASN D 15 -9.86 -18.41 30.76
C ASN D 15 -8.86 -18.15 29.63
N SER D 16 -8.79 -16.90 29.18
CA SER D 16 -7.89 -16.52 28.11
C SER D 16 -7.37 -15.09 28.31
N LEU D 17 -6.14 -14.83 27.88
CA LEU D 17 -5.58 -13.50 28.01
C LEU D 17 -5.76 -12.72 26.71
N LYS D 18 -6.38 -11.55 26.79
CA LYS D 18 -6.62 -10.71 25.62
C LYS D 18 -5.57 -9.61 25.60
N LEU D 19 -4.88 -9.48 24.49
CA LEU D 19 -3.83 -8.48 24.36
C LEU D 19 -4.07 -7.51 23.21
N LEU D 20 -3.91 -6.22 23.49
CA LEU D 20 -4.09 -5.20 22.47
C LEU D 20 -2.91 -5.37 21.54
N ASP D 21 -3.18 -5.58 20.26
CA ASP D 21 -2.11 -5.76 19.29
C ASP D 21 -1.37 -4.42 19.14
N GLN D 22 -0.35 -4.23 19.96
CA GLN D 22 0.42 -2.99 19.94
C GLN D 22 1.29 -2.74 18.73
N ARG D 23 1.21 -3.60 17.73
CA ARG D 23 2.03 -3.40 16.54
C ARG D 23 1.18 -2.93 15.37
N LYS D 24 -0.12 -2.77 15.60
CA LYS D 24 -1.04 -2.30 14.57
C LYS D 24 -1.61 -0.93 14.90
N LEU D 25 -1.30 -0.43 16.09
CA LEU D 25 -1.74 0.91 16.45
C LEU D 25 -0.96 1.84 15.53
N PRO D 26 -1.40 3.09 15.39
CA PRO D 26 -2.58 3.65 16.06
C PRO D 26 -3.84 3.70 15.21
N PHE D 27 -3.84 3.09 14.05
CA PHE D 27 -5.00 3.12 13.18
C PHE D 27 -5.87 1.86 13.23
N ILE D 28 -5.34 0.81 13.81
CA ILE D 28 -6.08 -0.43 13.94
C ILE D 28 -6.10 -0.80 15.42
N GLU D 29 -7.30 -1.09 15.93
CA GLU D 29 -7.46 -1.44 17.33
C GLU D 29 -8.12 -2.79 17.52
N GLU D 30 -7.36 -3.87 17.33
CA GLU D 30 -7.91 -5.18 17.54
C GLU D 30 -7.13 -5.91 18.63
N TYR D 31 -7.74 -6.94 19.20
CA TYR D 31 -7.12 -7.71 20.28
C TYR D 31 -6.80 -9.12 19.86
N VAL D 32 -5.63 -9.60 20.27
CA VAL D 32 -5.19 -10.96 19.97
C VAL D 32 -5.50 -11.80 21.19
N GLU D 33 -6.22 -12.90 21.03
CA GLU D 33 -6.53 -13.74 22.17
C GLU D 33 -5.50 -14.84 22.39
N CYS D 34 -5.10 -15.04 23.64
CA CYS D 34 -4.11 -16.06 23.97
C CYS D 34 -4.74 -17.10 24.88
N LYS D 35 -4.89 -18.32 24.36
CA LYS D 35 -5.49 -19.41 25.11
C LYS D 35 -4.47 -20.35 25.77
N THR D 36 -3.23 -20.35 25.27
CA THR D 36 -2.19 -21.21 25.83
C THR D 36 -0.97 -20.39 26.26
N HIS D 37 -0.03 -21.04 26.93
CA HIS D 37 1.16 -20.32 27.36
C HIS D 37 2.10 -20.03 26.20
N GLU D 38 2.07 -20.89 25.17
CA GLU D 38 2.95 -20.68 24.03
C GLU D 38 2.48 -19.49 23.21
N GLU D 39 1.17 -19.27 23.17
CA GLU D 39 0.62 -18.15 22.44
C GLU D 39 0.99 -16.82 23.12
N VAL D 40 1.06 -16.83 24.44
CA VAL D 40 1.43 -15.62 25.16
C VAL D 40 2.92 -15.35 24.93
N ALA D 41 3.73 -16.41 25.01
CA ALA D 41 5.17 -16.29 24.78
C ALA D 41 5.37 -15.68 23.39
N HIS D 42 4.55 -16.13 22.45
CA HIS D 42 4.62 -15.65 21.08
C HIS D 42 4.25 -14.18 21.03
N ALA D 43 3.18 -13.82 21.73
CA ALA D 43 2.71 -12.43 21.76
C ALA D 43 3.83 -11.52 22.27
N ILE D 44 4.62 -12.05 23.19
CA ILE D 44 5.73 -11.33 23.78
C ILE D 44 6.87 -11.13 22.79
N LYS D 45 7.32 -12.21 22.15
CA LYS D 45 8.41 -12.13 21.17
C LYS D 45 8.04 -11.25 19.99
N GLU D 46 6.81 -11.38 19.52
CA GLU D 46 6.35 -10.61 18.38
C GLU D 46 5.96 -9.19 18.74
N ILE D 48 3.52 -8.10 20.40
CA ILE D 48 2.09 -7.83 20.29
C ILE D 48 1.79 -7.03 21.55
N VAL D 49 2.42 -7.45 22.65
CA VAL D 49 2.31 -6.74 23.91
C VAL D 49 3.78 -6.44 24.18
N ARG D 50 4.06 -5.27 24.72
CA ARG D 50 5.44 -4.88 25.01
C ARG D 50 5.46 -3.82 26.10
N GLY D 51 6.65 -3.55 26.63
CA GLY D 51 6.79 -2.59 27.71
C GLY D 51 7.07 -3.46 28.92
N ALA D 52 8.26 -3.34 29.49
CA ALA D 52 8.69 -4.15 30.64
C ALA D 52 7.61 -4.59 31.62
N PRO D 53 6.98 -3.65 32.34
CA PRO D 53 5.94 -4.07 33.29
C PRO D 53 4.87 -4.97 32.67
N ALA D 54 4.23 -4.47 31.62
CA ALA D 54 3.16 -5.21 30.94
C ALA D 54 3.60 -6.60 30.49
N ILE D 55 4.86 -6.70 30.06
CA ILE D 55 5.38 -7.98 29.61
C ILE D 55 5.39 -8.96 30.77
N GLY D 56 5.81 -8.46 31.93
CA GLY D 56 5.89 -9.29 33.12
C GLY D 56 4.54 -9.86 33.52
N VAL D 57 3.54 -9.00 33.61
CA VAL D 57 2.21 -9.44 33.99
C VAL D 57 1.65 -10.41 32.94
N ALA D 58 1.78 -10.03 31.67
CA ALA D 58 1.30 -10.86 30.58
C ALA D 58 1.90 -12.25 30.72
N ALA D 59 3.16 -12.29 31.12
CA ALA D 59 3.86 -13.56 31.28
C ALA D 59 3.33 -14.33 32.49
N ALA D 60 2.96 -13.61 33.55
CA ALA D 60 2.45 -14.26 34.75
C ALA D 60 1.17 -14.97 34.38
N PHE D 61 0.37 -14.34 33.52
CA PHE D 61 -0.86 -14.97 33.08
C PHE D 61 -0.50 -16.12 32.15
N GLY D 62 0.62 -15.98 31.43
CA GLY D 62 1.05 -17.04 30.54
C GLY D 62 1.33 -18.27 31.38
N TYR D 63 1.88 -18.05 32.57
CA TYR D 63 2.20 -19.12 33.49
C TYR D 63 0.94 -19.88 33.94
N VAL D 64 -0.13 -19.15 34.26
CA VAL D 64 -1.35 -19.81 34.70
C VAL D 64 -1.93 -20.60 33.52
N LEU D 65 -1.88 -20.03 32.33
CA LEU D 65 -2.40 -20.73 31.18
C LEU D 65 -1.61 -22.01 31.00
N GLY D 66 -0.34 -21.95 31.39
CA GLY D 66 0.53 -23.10 31.27
C GLY D 66 0.01 -24.25 32.10
N LEU D 67 -0.38 -23.94 33.33
CA LEU D 67 -0.92 -24.98 34.22
C LEU D 67 -2.10 -25.66 33.55
N ARG D 68 -2.85 -24.90 32.76
CA ARG D 68 -4.03 -25.42 32.07
C ARG D 68 -3.70 -26.13 30.75
N ASP D 69 -2.47 -26.02 30.29
CA ASP D 69 -2.06 -26.68 29.06
C ASP D 69 -1.51 -28.07 29.39
N TYR D 70 -1.19 -28.27 30.67
CA TYR D 70 -0.67 -29.55 31.15
C TYR D 70 -1.51 -30.70 30.64
N LYS D 71 -0.86 -31.84 30.38
CA LYS D 71 -1.54 -33.02 29.88
C LYS D 71 -1.01 -34.32 30.48
N THR D 72 0.29 -34.53 30.40
CA THR D 72 0.88 -35.75 30.95
C THR D 72 2.25 -35.47 31.53
N GLY D 73 2.85 -36.51 32.11
CA GLY D 73 4.16 -36.36 32.70
C GLY D 73 4.11 -35.64 34.03
N SER D 74 5.28 -35.35 34.57
CA SER D 74 5.40 -34.66 35.84
C SER D 74 4.84 -33.23 35.73
N LEU D 75 3.99 -32.85 36.68
CA LEU D 75 3.42 -31.51 36.68
C LEU D 75 4.55 -30.51 36.88
N THR D 76 5.50 -30.88 37.73
CA THR D 76 6.64 -30.04 38.03
C THR D 76 7.54 -29.85 36.81
N ASP D 77 7.92 -30.94 36.17
CA ASP D 77 8.77 -30.83 34.99
C ASP D 77 8.06 -29.94 33.97
N TRP D 78 6.74 -30.06 33.91
CA TRP D 78 5.94 -29.29 32.96
C TRP D 78 5.93 -27.79 33.25
N LYS D 80 8.09 -26.32 34.89
CA LYS D 80 9.49 -25.93 34.78
C LYS D 80 9.73 -25.58 33.32
N GLN D 81 9.03 -26.32 32.45
CA GLN D 81 9.12 -26.13 31.02
C GLN D 81 8.34 -24.90 30.55
N VAL D 82 7.23 -24.60 31.22
CA VAL D 82 6.41 -23.44 30.85
C VAL D 82 7.16 -22.15 31.16
N LYS D 83 7.79 -22.10 32.33
CA LYS D 83 8.53 -20.92 32.73
C LYS D 83 9.64 -20.67 31.72
N GLU D 84 10.35 -21.74 31.37
CA GLU D 84 11.44 -21.69 30.42
C GLU D 84 10.99 -21.07 29.10
N THR D 85 9.89 -21.59 28.54
CA THR D 85 9.34 -21.10 27.29
C THR D 85 9.01 -19.61 27.36
N LEU D 86 8.36 -19.21 28.44
CA LEU D 86 7.99 -17.82 28.64
C LEU D 86 9.20 -16.94 28.89
N ALA D 87 10.20 -17.50 29.56
CA ALA D 87 11.42 -16.77 29.89
C ALA D 87 12.29 -16.49 28.67
N ARG D 88 12.32 -17.43 27.73
CA ARG D 88 13.13 -17.28 26.53
C ARG D 88 12.51 -16.47 25.41
N THR D 89 11.64 -15.53 25.76
CA THR D 89 11.00 -14.70 24.74
C THR D 89 11.85 -13.48 24.40
N ARG D 90 12.15 -12.66 25.40
CA ARG D 90 12.96 -11.46 25.23
C ARG D 90 13.84 -11.28 26.47
N PRO D 91 15.16 -11.10 26.28
CA PRO D 91 16.17 -10.92 27.32
C PRO D 91 16.18 -9.70 28.24
N THR D 92 16.52 -8.55 27.68
CA THR D 92 16.65 -7.31 28.44
C THR D 92 15.75 -7.03 29.63
N ALA D 93 14.47 -6.70 29.38
CA ALA D 93 13.53 -6.38 30.46
C ALA D 93 13.60 -7.42 31.58
N VAL D 94 13.80 -6.96 32.81
CA VAL D 94 13.90 -7.86 33.96
C VAL D 94 12.56 -8.25 34.59
N ASN D 95 11.54 -7.43 34.40
CA ASN D 95 10.23 -7.72 34.96
C ASN D 95 9.75 -9.11 34.54
N LEU D 96 10.12 -9.50 33.33
CA LEU D 96 9.75 -10.80 32.79
C LEU D 96 10.06 -11.93 33.75
N PHE D 97 11.32 -11.97 34.20
CA PHE D 97 11.80 -12.99 35.11
C PHE D 97 11.33 -12.77 36.54
N TRP D 98 11.25 -11.51 36.94
CA TRP D 98 10.78 -11.17 38.26
C TRP D 98 9.38 -11.78 38.41
N ALA D 99 8.52 -11.55 37.43
CA ALA D 99 7.16 -12.07 37.45
C ALA D 99 7.15 -13.60 37.40
N LEU D 100 7.91 -14.17 36.46
CA LEU D 100 7.95 -15.61 36.32
C LEU D 100 8.44 -16.29 37.58
N ASN D 101 9.32 -15.62 38.32
CA ASN D 101 9.84 -16.19 39.53
C ASN D 101 8.82 -16.11 40.66
N ARG D 102 8.09 -15.00 40.75
CA ARG D 102 7.08 -14.85 41.78
C ARG D 102 5.98 -15.88 41.56
N GLU D 104 6.31 -18.82 40.07
CA GLU D 104 6.83 -20.15 40.36
C GLU D 104 6.84 -20.42 41.86
N LYS D 105 7.34 -19.47 42.64
CA LYS D 105 7.38 -19.65 44.09
C LYS D 105 5.97 -20.01 44.56
N VAL D 106 4.98 -19.34 44.00
CA VAL D 106 3.60 -19.61 44.35
C VAL D 106 3.21 -21.03 43.97
N PHE D 107 3.62 -21.44 42.77
CA PHE D 107 3.32 -22.80 42.31
C PHE D 107 4.00 -23.85 43.18
N PHE D 108 5.25 -23.58 43.56
CA PHE D 108 6.02 -24.49 44.40
C PHE D 108 5.39 -24.66 45.78
N GLU D 109 4.80 -23.59 46.30
CA GLU D 109 4.17 -23.61 47.60
C GLU D 109 2.76 -24.21 47.59
N ASN D 110 2.27 -24.56 46.42
CA ASN D 110 0.92 -25.14 46.32
C ASN D 110 0.77 -26.20 45.24
N ALA D 111 1.86 -26.85 44.87
CA ALA D 111 1.82 -27.88 43.85
C ALA D 111 0.77 -28.96 44.09
N ASP D 112 0.62 -29.39 45.35
CA ASP D 112 -0.33 -30.43 45.66
C ASP D 112 -1.79 -30.01 45.78
N ARG D 113 -2.05 -28.72 45.97
CA ARG D 113 -3.43 -28.22 46.10
C ARG D 113 -4.31 -28.65 44.95
N GLU D 114 -5.63 -28.64 45.18
CA GLU D 114 -6.60 -29.04 44.17
C GLU D 114 -7.11 -28.00 43.17
N ASN D 115 -6.93 -26.72 43.46
CA ASN D 115 -7.41 -25.70 42.53
C ASN D 115 -6.26 -24.77 42.18
N LEU D 116 -5.16 -25.39 41.78
CA LEU D 116 -3.94 -24.70 41.42
C LEU D 116 -4.20 -23.54 40.45
N PHE D 117 -5.01 -23.79 39.43
CA PHE D 117 -5.32 -22.76 38.44
C PHE D 117 -5.79 -21.46 39.10
N GLU D 118 -6.80 -21.58 39.97
CA GLU D 118 -7.33 -20.40 40.67
C GLU D 118 -6.25 -19.73 41.51
N ILE D 119 -5.49 -20.51 42.27
CA ILE D 119 -4.44 -19.96 43.11
C ILE D 119 -3.42 -19.15 42.30
N LEU D 120 -2.90 -19.72 41.22
CA LEU D 120 -1.95 -19.01 40.39
C LEU D 120 -2.61 -17.78 39.78
N GLU D 121 -3.85 -17.97 39.33
CA GLU D 121 -4.60 -16.88 38.73
C GLU D 121 -4.73 -15.71 39.69
N ASN D 122 -4.96 -15.99 40.98
CA ASN D 122 -5.10 -14.92 41.94
C ASN D 122 -3.81 -14.12 42.08
N GLU D 123 -2.67 -14.80 41.99
CA GLU D 123 -1.38 -14.12 42.09
C GLU D 123 -1.17 -13.17 40.93
N ALA D 124 -1.41 -13.65 39.72
CA ALA D 124 -1.24 -12.84 38.53
C ALA D 124 -2.18 -11.64 38.58
N LEU D 125 -3.41 -11.90 39.01
CA LEU D 125 -4.43 -10.86 39.12
C LEU D 125 -4.03 -9.86 40.20
N LYS D 126 -3.39 -10.34 41.26
CA LYS D 126 -2.96 -9.46 42.34
C LYS D 126 -1.80 -8.62 41.83
N ALA D 128 -1.32 -7.80 38.71
CA ALA D 128 -1.89 -6.85 37.76
C ALA D 128 -2.49 -5.64 38.46
N TYR D 129 -3.10 -5.86 39.62
CA TYR D 129 -3.70 -4.77 40.37
C TYR D 129 -2.61 -3.95 41.04
N GLU D 130 -1.57 -4.61 41.51
CA GLU D 130 -0.46 -3.90 42.16
C GLU D 130 0.29 -3.04 41.16
N ASP D 131 0.31 -3.48 39.90
CA ASP D 131 1.00 -2.73 38.85
C ASP D 131 0.35 -1.37 38.68
N ILE D 132 -0.97 -1.34 38.59
CA ILE D 132 -1.72 -0.11 38.43
C ILE D 132 -1.48 0.81 39.62
N GLU D 133 -1.43 0.23 40.81
CA GLU D 133 -1.22 1.00 42.02
C GLU D 133 0.20 1.56 42.08
N VAL D 134 1.17 0.76 41.68
CA VAL D 134 2.55 1.20 41.67
C VAL D 134 2.70 2.32 40.63
N ASN D 135 1.84 2.31 39.62
CA ASN D 135 1.88 3.31 38.56
C ASN D 135 1.27 4.64 39.01
N LYS D 136 0.06 4.61 39.53
CA LYS D 136 -0.58 5.83 40.00
C LYS D 136 0.30 6.48 41.05
N ALA D 137 1.01 5.66 41.81
CA ALA D 137 1.90 6.16 42.84
C ALA D 137 3.16 6.73 42.19
N ILE D 138 3.90 5.87 41.50
CA ILE D 138 5.13 6.29 40.83
C ILE D 138 4.91 7.53 39.98
N GLY D 139 3.67 7.71 39.52
CA GLY D 139 3.34 8.85 38.69
C GLY D 139 2.90 10.09 39.45
N LYS D 140 2.76 9.97 40.77
CA LYS D 140 2.35 11.10 41.59
C LYS D 140 3.53 11.55 42.43
N ASN D 141 4.55 10.70 42.52
CA ASN D 141 5.75 11.02 43.25
C ASN D 141 6.73 11.59 42.23
N GLY D 142 6.16 12.05 41.12
CA GLY D 142 6.92 12.64 40.04
C GLY D 142 6.27 13.92 39.57
N ALA D 143 4.95 13.93 39.52
CA ALA D 143 4.20 15.10 39.09
C ALA D 143 4.43 16.27 40.03
N GLN D 144 5.59 16.27 40.68
CA GLN D 144 5.98 17.31 41.62
C GLN D 144 7.14 18.10 41.01
N LEU D 145 8.07 17.36 40.41
CA LEU D 145 9.25 17.97 39.79
C LEU D 145 8.94 18.65 38.46
N ILE D 146 7.64 18.74 38.14
CA ILE D 146 7.22 19.36 36.89
C ILE D 146 6.45 20.66 37.16
N LYS D 147 6.98 21.76 36.65
CA LYS D 147 6.39 23.08 36.85
C LYS D 147 5.26 23.40 35.87
N ASP D 148 4.16 23.92 36.40
CA ASP D 148 2.98 24.27 35.60
C ASP D 148 3.29 25.05 34.32
N GLY D 149 3.03 24.42 33.17
CA GLY D 149 3.27 25.08 31.90
C GLY D 149 4.52 24.69 31.14
N SER D 150 5.22 23.67 31.59
CA SER D 150 6.46 23.25 30.93
C SER D 150 6.29 22.15 29.89
N THR D 151 7.39 21.84 29.21
CA THR D 151 7.42 20.81 28.17
C THR D 151 8.48 19.76 28.51
N ILE D 152 8.08 18.49 28.47
CA ILE D 152 9.00 17.40 28.77
C ILE D 152 9.14 16.43 27.60
N LEU D 153 10.36 15.93 27.41
CA LEU D 153 10.66 15.00 26.33
C LEU D 153 10.65 13.54 26.79
N THR D 154 9.94 12.68 26.04
CA THR D 154 9.89 11.26 26.37
C THR D 154 10.54 10.44 25.27
N HIS D 155 10.74 9.16 25.55
CA HIS D 155 11.32 8.24 24.59
C HIS D 155 10.60 6.90 24.75
N CYS D 156 10.30 6.26 23.62
CA CYS D 156 9.60 4.97 23.61
C CYS D 156 8.19 5.17 24.13
N ASN D 157 7.67 4.19 24.87
CA ASN D 157 6.33 4.28 25.43
C ASN D 157 6.26 3.68 26.82
N ALA D 158 6.59 4.48 27.82
CA ALA D 158 6.52 4.01 29.19
C ALA D 158 5.19 4.49 29.72
N GLY D 159 4.13 4.22 28.93
CA GLY D 159 2.80 4.65 29.32
C GLY D 159 1.85 3.54 29.72
N ALA D 160 0.55 3.82 29.58
CA ALA D 160 -0.47 2.86 29.91
C ALA D 160 -0.31 1.58 29.10
N LEU D 161 0.24 1.69 27.89
CA LEU D 161 0.42 0.53 27.03
C LEU D 161 1.63 -0.35 27.36
N ALA D 162 2.54 0.17 28.19
CA ALA D 162 3.72 -0.59 28.56
C ALA D 162 3.57 -1.17 29.96
N THR D 163 2.38 -1.01 30.52
CA THR D 163 2.07 -1.49 31.86
C THR D 163 0.65 -2.03 31.84
N VAL D 164 0.10 -2.38 33.00
CA VAL D 164 -1.27 -2.86 33.05
C VAL D 164 -2.16 -1.65 32.81
N ASP D 165 -1.76 -0.50 33.35
CA ASP D 165 -2.52 0.72 33.18
C ASP D 165 -1.82 1.94 33.76
N TYR D 166 -2.20 3.12 33.29
CA TYR D 166 -1.63 4.40 33.74
C TYR D 166 -0.26 4.69 33.14
N GLY D 167 0.71 3.86 33.47
CA GLY D 167 2.05 4.04 32.94
C GLY D 167 3.05 4.53 33.97
N THR D 168 4.32 4.55 33.59
CA THR D 168 5.38 4.99 34.48
C THR D 168 5.71 6.45 34.16
N ALA D 169 6.68 6.67 33.28
CA ALA D 169 7.06 8.01 32.88
C ALA D 169 5.83 8.77 32.43
N LEU D 170 5.00 8.14 31.60
CA LEU D 170 3.79 8.81 31.13
C LEU D 170 2.77 8.89 32.25
N GLY D 171 3.03 8.15 33.33
CA GLY D 171 2.12 8.16 34.46
C GLY D 171 2.29 9.51 35.14
N VAL D 172 3.53 9.99 35.13
CA VAL D 172 3.86 11.27 35.71
C VAL D 172 3.05 12.37 35.00
N ILE D 173 3.27 12.50 33.71
CA ILE D 173 2.57 13.49 32.91
C ILE D 173 1.07 13.45 33.17
N ARG D 174 0.56 12.25 33.45
CA ARG D 174 -0.86 12.07 33.72
C ARG D 174 -1.26 12.68 35.06
N ALA D 175 -0.38 12.61 36.05
CA ALA D 175 -0.67 13.16 37.37
C ALA D 175 -0.67 14.69 37.34
N ALA D 176 0.31 15.26 36.65
CA ALA D 176 0.42 16.70 36.52
C ALA D 176 -0.84 17.29 35.91
N VAL D 177 -1.34 16.68 34.85
CA VAL D 177 -2.54 17.16 34.19
C VAL D 177 -3.76 16.99 35.09
N GLU D 178 -3.88 15.82 35.72
CA GLU D 178 -5.00 15.54 36.62
C GLU D 178 -4.92 16.53 37.79
N SER D 179 -3.70 16.92 38.14
CA SER D 179 -3.45 17.86 39.20
C SER D 179 -3.94 19.25 38.77
N GLY D 180 -3.39 19.75 37.67
CA GLY D 180 -3.78 21.05 37.14
C GLY D 180 -2.69 21.67 36.28
N LYS D 181 -1.44 21.38 36.60
CA LYS D 181 -0.30 21.90 35.86
C LYS D 181 -0.43 21.72 34.35
N ARG D 182 -0.77 22.80 33.65
CA ARG D 182 -0.92 22.76 32.19
C ARG D 182 0.43 22.41 31.55
N ILE D 183 0.45 21.40 30.69
CA ILE D 183 1.70 21.00 30.03
C ILE D 183 1.52 20.36 28.66
N ARG D 184 2.61 20.27 27.92
CA ARG D 184 2.61 19.67 26.58
C ARG D 184 3.80 18.71 26.53
N VAL D 185 3.69 17.66 25.72
CA VAL D 185 4.77 16.68 25.61
C VAL D 185 5.36 16.54 24.22
N PHE D 186 6.66 16.26 24.19
CA PHE D 186 7.39 16.04 22.93
C PHE D 186 7.84 14.60 22.99
N ALA D 187 7.30 13.77 22.10
CA ALA D 187 7.65 12.36 22.10
C ALA D 187 8.50 11.93 20.91
N ASP D 188 9.66 11.35 21.21
CA ASP D 188 10.53 10.83 20.16
C ASP D 188 9.69 9.77 19.46
N GLU D 189 9.56 9.84 18.14
CA GLU D 189 8.77 8.83 17.44
C GLU D 189 9.32 7.45 17.80
N THR D 190 10.61 7.44 18.13
CA THR D 190 11.32 6.23 18.55
C THR D 190 11.37 5.08 17.55
N ARG D 191 12.37 5.09 16.70
CA ARG D 191 12.53 4.02 15.73
C ARG D 191 13.31 2.87 16.36
N PRO D 192 13.27 1.68 15.74
CA PRO D 192 12.55 1.36 14.50
C PRO D 192 11.07 0.98 14.66
N TYR D 193 10.67 0.56 15.85
CA TYR D 193 9.29 0.14 16.12
C TYR D 193 8.31 1.31 16.13
N LEU D 194 8.80 2.51 16.44
CA LEU D 194 7.96 3.71 16.46
C LEU D 194 6.93 3.75 17.58
N GLN D 195 7.30 3.25 18.76
CA GLN D 195 6.39 3.25 19.89
C GLN D 195 5.97 4.68 20.26
N GLY D 196 6.84 5.64 20.01
CA GLY D 196 6.53 7.03 20.33
C GLY D 196 5.39 7.61 19.52
N ALA D 197 5.51 7.53 18.20
CA ALA D 197 4.48 8.05 17.30
C ALA D 197 3.24 7.17 17.25
N ARG D 198 3.42 5.85 17.36
CA ARG D 198 2.29 4.96 17.27
C ARG D 198 1.60 4.68 18.60
N LEU D 199 2.36 4.64 19.69
CA LEU D 199 1.77 4.35 20.99
C LEU D 199 1.68 5.55 21.93
N THR D 200 2.84 6.04 22.36
CA THR D 200 2.90 7.18 23.27
C THR D 200 1.98 8.33 22.87
N ALA D 201 2.15 8.85 21.67
CA ALA D 201 1.34 9.95 21.17
C ALA D 201 -0.15 9.59 21.19
N TRP D 202 -0.46 8.37 20.75
CA TRP D 202 -1.84 7.88 20.69
C TRP D 202 -2.56 7.86 22.03
N GLU D 203 -1.95 7.25 23.03
CA GLU D 203 -2.60 7.16 24.32
C GLU D 203 -2.64 8.52 25.01
N LEU D 204 -1.75 9.41 24.63
CA LEU D 204 -1.72 10.73 25.23
C LEU D 204 -2.84 11.60 24.70
N LYS D 206 -5.77 10.59 23.62
CA LYS D 206 -7.08 10.13 24.07
C LYS D 206 -7.42 10.67 25.45
N ASP D 207 -6.41 10.86 26.28
CA ASP D 207 -6.62 11.38 27.62
C ASP D 207 -6.74 12.91 27.60
N GLY D 208 -6.49 13.49 26.43
CA GLY D 208 -6.59 14.93 26.28
C GLY D 208 -5.33 15.70 26.63
N ILE D 209 -4.18 15.05 26.50
CA ILE D 209 -2.90 15.68 26.79
C ILE D 209 -2.26 16.25 25.52
N GLU D 210 -1.56 17.37 25.69
CA GLU D 210 -0.90 18.08 24.59
C GLU D 210 0.39 17.38 24.19
N VAL D 211 0.48 16.97 22.92
CA VAL D 211 1.68 16.29 22.43
C VAL D 211 2.14 16.66 21.03
N TYR D 212 3.46 16.73 20.90
CA TYR D 212 4.10 17.03 19.63
C TYR D 212 5.05 15.87 19.40
N VAL D 213 4.95 15.24 18.23
CA VAL D 213 5.81 14.12 17.91
C VAL D 213 7.00 14.66 17.12
N ILE D 214 8.19 14.14 17.41
CA ILE D 214 9.40 14.59 16.71
C ILE D 214 10.22 13.36 16.33
N THR D 215 11.11 13.51 15.35
CA THR D 215 11.95 12.39 14.97
C THR D 215 13.07 12.32 15.99
N ASP D 216 13.65 11.15 16.19
CA ASP D 216 14.71 11.01 17.18
C ASP D 216 15.88 11.96 16.88
N ASN D 217 15.98 12.40 15.63
CA ASN D 217 17.04 13.32 15.19
C ASN D 217 17.05 14.65 15.91
N ALA D 219 16.14 15.62 18.72
CA ALA D 219 16.12 15.58 20.17
C ALA D 219 17.20 16.53 20.71
N GLY D 220 18.43 16.34 20.26
CA GLY D 220 19.51 17.19 20.71
C GLY D 220 19.25 18.66 20.39
N TRP D 221 18.89 18.94 19.14
CA TRP D 221 18.62 20.30 18.70
C TRP D 221 17.56 20.98 19.57
N LEU D 222 16.35 20.42 19.60
CA LEU D 222 15.26 20.99 20.40
C LEU D 222 15.69 21.33 21.81
N LYS D 224 19.04 22.36 22.92
CA LYS D 224 19.81 23.60 22.88
C LYS D 224 18.98 24.83 22.62
N ARG D 225 17.95 24.69 21.79
CA ARG D 225 17.08 25.81 21.46
C ARG D 225 16.17 26.15 22.64
N GLY D 226 16.47 25.56 23.79
CA GLY D 226 15.68 25.80 24.99
C GLY D 226 14.18 25.64 24.79
N LEU D 227 13.72 24.39 24.73
CA LEU D 227 12.31 24.11 24.54
C LEU D 227 11.93 22.89 25.37
N ILE D 228 12.96 22.23 25.90
CA ILE D 228 12.79 21.02 26.70
C ILE D 228 13.26 21.23 28.15
N ASP D 229 12.31 21.41 29.05
CA ASP D 229 12.62 21.61 30.47
C ASP D 229 13.18 20.36 31.16
N ALA D 230 12.60 19.20 30.87
CA ALA D 230 13.06 17.96 31.47
C ALA D 230 12.72 16.75 30.63
N VAL D 231 13.44 15.66 30.85
CA VAL D 231 13.20 14.42 30.12
C VAL D 231 12.64 13.40 31.11
N VAL D 232 11.73 12.55 30.63
CA VAL D 232 11.13 11.52 31.49
C VAL D 232 10.96 10.21 30.73
N VAL D 233 11.85 9.24 31.01
CA VAL D 233 11.77 7.94 30.34
C VAL D 233 11.42 6.83 31.33
N GLY D 234 11.56 5.59 30.87
CA GLY D 234 11.28 4.43 31.71
C GLY D 234 12.49 3.54 31.70
N ALA D 235 12.31 2.25 32.01
CA ALA D 235 13.46 1.34 32.03
C ALA D 235 13.04 -0.10 31.80
N ASP D 236 14.04 -0.96 31.60
CA ASP D 236 13.79 -2.38 31.40
C ASP D 236 14.58 -3.17 32.43
N ARG D 237 15.67 -2.59 32.89
CA ARG D 237 16.49 -3.23 33.91
C ARG D 237 17.48 -2.25 34.51
N ILE D 238 17.17 -1.76 35.71
CA ILE D 238 18.04 -0.83 36.41
C ILE D 238 18.90 -1.61 37.39
N ALA D 239 20.19 -1.70 37.14
CA ALA D 239 21.08 -2.44 38.03
C ALA D 239 21.27 -1.69 39.33
N LEU D 240 21.72 -2.41 40.37
CA LEU D 240 21.97 -1.83 41.67
C LEU D 240 22.94 -0.69 41.44
N ASN D 241 23.93 -0.97 40.58
CA ASN D 241 24.95 0.00 40.19
C ASN D 241 24.29 1.34 39.84
N GLY D 242 23.19 1.26 39.10
CA GLY D 242 22.47 2.46 38.70
C GLY D 242 22.24 2.51 37.20
N ASP D 243 23.06 1.78 36.47
CA ASP D 243 22.96 1.72 35.02
C ASP D 243 21.57 1.25 34.59
N THR D 244 20.67 2.20 34.34
CA THR D 244 19.32 1.88 33.92
C THR D 244 19.24 1.68 32.40
N ALA D 245 18.76 0.50 31.99
CA ALA D 245 18.64 0.18 30.56
C ALA D 245 17.26 0.57 30.03
N ASN D 246 17.20 0.94 28.77
CA ASN D 246 15.93 1.32 28.14
C ASN D 246 16.13 1.29 26.62
N LYS D 247 15.08 1.62 25.87
CA LYS D 247 15.12 1.61 24.42
C LYS D 247 16.28 2.42 23.85
N ILE D 248 16.87 1.93 22.75
CA ILE D 248 17.98 2.63 22.11
C ILE D 248 17.63 4.10 21.94
N GLY D 249 18.61 4.95 22.21
CA GLY D 249 18.41 6.38 22.12
C GLY D 249 18.34 6.99 23.50
N THR D 250 18.34 6.13 24.52
CA THR D 250 18.29 6.59 25.91
C THR D 250 19.69 7.00 26.32
N TYR D 251 20.67 6.17 25.97
CA TYR D 251 22.06 6.45 26.28
C TYR D 251 22.48 7.75 25.59
N SER D 252 21.89 8.00 24.43
CA SER D 252 22.17 9.21 23.66
C SER D 252 21.43 10.40 24.26
N LEU D 253 20.14 10.23 24.53
CA LEU D 253 19.37 11.32 25.12
C LEU D 253 19.95 11.70 26.47
N ALA D 254 20.70 10.79 27.07
CA ALA D 254 21.32 11.04 28.36
C ALA D 254 22.58 11.87 28.15
N VAL D 255 23.57 11.28 27.46
CA VAL D 255 24.83 11.95 27.17
C VAL D 255 24.61 13.26 26.42
N LEU D 256 23.35 13.60 26.18
CA LEU D 256 23.00 14.82 25.46
C LEU D 256 22.14 15.71 26.35
N ALA D 257 21.65 15.15 27.45
CA ALA D 257 20.79 15.88 28.37
C ALA D 257 21.55 16.81 29.31
N LYS D 258 22.84 16.54 29.50
CA LYS D 258 23.64 17.39 30.36
C LYS D 258 24.03 18.67 29.63
N ARG D 259 24.51 18.51 28.40
CA ARG D 259 24.95 19.62 27.57
C ARG D 259 24.16 20.91 27.79
N ASN D 260 22.84 20.80 27.82
CA ASN D 260 22.01 21.98 28.00
C ASN D 260 21.37 21.98 29.37
N ASN D 261 22.00 21.27 30.30
CA ASN D 261 21.53 21.17 31.66
C ASN D 261 20.05 20.81 31.71
N ILE D 262 19.74 19.58 31.33
CA ILE D 262 18.37 19.13 31.36
C ILE D 262 18.21 18.01 32.38
N PRO D 263 17.14 18.06 33.17
CA PRO D 263 16.87 17.05 34.20
C PRO D 263 16.51 15.72 33.51
N PHE D 264 17.32 14.69 33.73
CA PHE D 264 17.06 13.39 33.13
C PHE D 264 16.47 12.42 34.14
N TYR D 265 15.17 12.55 34.40
CA TYR D 265 14.49 11.68 35.35
C TYR D 265 14.10 10.35 34.71
N VAL D 266 14.33 9.25 35.42
CA VAL D 266 14.00 7.92 34.93
C VAL D 266 12.96 7.25 35.81
N ALA D 267 11.69 7.31 35.40
CA ALA D 267 10.59 6.70 36.15
C ALA D 267 10.48 5.19 35.89
N ALA D 268 10.57 4.39 36.95
CA ALA D 268 10.47 2.94 36.81
C ALA D 268 10.23 2.25 38.16
N PRO D 269 9.16 1.44 38.25
CA PRO D 269 8.82 0.73 39.49
C PRO D 269 9.97 -0.12 40.02
N VAL D 270 9.88 -0.50 41.30
CA VAL D 270 10.92 -1.29 41.93
C VAL D 270 11.13 -2.67 41.28
N SER D 271 10.09 -3.24 40.69
CA SER D 271 10.24 -4.54 40.05
C SER D 271 11.21 -4.45 38.88
N THR D 272 11.32 -3.24 38.31
CA THR D 272 12.20 -2.99 37.18
C THR D 272 13.68 -2.92 37.56
N ILE D 273 13.96 -2.80 38.86
CA ILE D 273 15.34 -2.76 39.31
C ILE D 273 15.84 -4.17 39.55
N ASP D 274 16.96 -4.52 38.93
CA ASP D 274 17.54 -5.85 39.09
C ASP D 274 18.40 -5.87 40.36
N PRO D 275 18.29 -6.93 41.17
CA PRO D 275 19.11 -6.99 42.39
C PRO D 275 20.27 -7.95 42.21
N THR D 276 20.23 -8.73 41.14
CA THR D 276 21.25 -9.72 40.84
C THR D 276 22.49 -9.19 40.16
N ILE D 277 22.48 -7.92 39.76
CA ILE D 277 23.64 -7.34 39.08
C ILE D 277 24.01 -5.95 39.55
N ARG D 278 25.31 -5.71 39.63
CA ARG D 278 25.84 -4.40 40.04
C ARG D 278 26.88 -4.02 39.01
N SER D 279 26.44 -3.96 37.77
CA SER D 279 27.29 -3.60 36.64
C SER D 279 26.42 -3.57 35.39
N GLY D 280 26.14 -2.37 34.89
CA GLY D 280 25.33 -2.23 33.69
C GLY D 280 25.80 -3.14 32.58
N GLU D 281 27.10 -3.34 32.52
CA GLU D 281 27.70 -4.19 31.50
C GLU D 281 27.20 -5.62 31.63
N GLU D 282 26.42 -5.87 32.68
CA GLU D 282 25.88 -7.20 32.95
C GLU D 282 24.48 -7.36 32.35
N ILE D 283 23.90 -6.24 31.91
CA ILE D 283 22.56 -6.24 31.32
C ILE D 283 22.55 -6.77 29.89
N PRO D 284 21.86 -7.91 29.66
CA PRO D 284 21.77 -8.51 28.32
C PRO D 284 21.04 -7.59 27.35
N ILE D 285 21.59 -7.43 26.15
CA ILE D 285 20.98 -6.55 25.16
C ILE D 285 20.36 -7.32 24.00
N GLU D 286 19.04 -7.19 23.83
CA GLU D 286 18.34 -7.87 22.76
C GLU D 286 18.58 -7.26 21.37
N GLU D 287 18.94 -8.11 20.42
CA GLU D 287 19.15 -7.69 19.05
C GLU D 287 18.07 -8.37 18.24
N ARG D 288 17.08 -7.59 17.82
CA ARG D 288 15.96 -8.12 17.05
C ARG D 288 16.19 -8.22 15.54
N ARG D 289 15.25 -8.88 14.85
CA ARG D 289 15.36 -9.09 13.41
C ARG D 289 15.56 -7.83 12.57
N PRO D 290 16.30 -7.96 11.45
CA PRO D 290 16.61 -6.89 10.50
C PRO D 290 15.38 -6.19 9.96
N GLU D 291 14.38 -6.99 9.58
CA GLU D 291 13.14 -6.46 9.03
C GLU D 291 12.73 -5.14 9.68
N GLU D 292 12.87 -5.07 11.00
CA GLU D 292 12.50 -3.87 11.75
C GLU D 292 13.15 -2.58 11.27
N VAL D 293 14.42 -2.65 10.92
CA VAL D 293 15.14 -1.47 10.46
C VAL D 293 14.93 -1.18 8.99
N THR D 294 15.03 -2.20 8.16
CA THR D 294 14.88 -2.05 6.72
C THR D 294 13.48 -1.64 6.30
N HIS D 295 12.52 -1.79 7.22
CA HIS D 295 11.13 -1.44 6.93
C HIS D 295 10.64 -0.33 7.86
N CYS D 296 9.56 0.33 7.45
CA CYS D 296 8.95 1.38 8.26
C CYS D 296 7.46 1.09 8.29
N GLY D 297 7.09 0.08 9.09
CA GLY D 297 5.71 -0.33 9.20
C GLY D 297 5.57 -1.68 8.52
N GLY D 298 5.47 -1.65 7.20
CA GLY D 298 5.33 -2.85 6.43
C GLY D 298 5.95 -2.63 5.07
N ASN D 299 6.44 -1.40 4.86
CA ASN D 299 7.07 -1.03 3.60
C ASN D 299 8.58 -0.97 3.74
N ARG D 300 9.28 -1.66 2.84
CA ARG D 300 10.73 -1.67 2.88
C ARG D 300 11.15 -0.27 2.45
N ILE D 301 12.16 0.27 3.11
CA ILE D 301 12.62 1.61 2.78
C ILE D 301 14.10 1.62 2.38
N ALA D 302 14.87 0.67 2.90
CA ALA D 302 16.30 0.58 2.58
C ALA D 302 16.51 -0.33 1.38
N PRO D 303 17.68 -0.24 0.73
CA PRO D 303 17.99 -1.06 -0.44
C PRO D 303 17.85 -2.57 -0.21
N GLU D 304 17.24 -3.25 -1.16
CA GLU D 304 17.05 -4.69 -1.06
C GLU D 304 18.37 -5.44 -0.86
N GLY D 305 18.41 -6.27 0.18
CA GLY D 305 19.63 -7.03 0.45
C GLY D 305 20.64 -6.28 1.29
N VAL D 306 20.25 -5.13 1.81
CA VAL D 306 21.14 -4.31 2.64
C VAL D 306 21.34 -4.96 4.01
N LYS D 307 22.31 -4.46 4.75
CA LYS D 307 22.61 -4.98 6.09
C LYS D 307 22.44 -3.88 7.14
N VAL D 308 21.90 -4.24 8.31
CA VAL D 308 21.68 -3.27 9.39
C VAL D 308 22.04 -3.84 10.76
N LEU D 309 21.92 -2.99 11.77
CA LEU D 309 22.18 -3.36 13.15
C LEU D 309 20.87 -3.09 13.88
N ASN D 310 20.46 -3.99 14.76
CA ASN D 310 19.22 -3.76 15.47
C ASN D 310 19.22 -4.04 16.97
N PRO D 311 19.93 -3.21 17.74
CA PRO D 311 19.96 -3.42 19.19
C PRO D 311 18.69 -2.73 19.68
N ALA D 312 17.95 -3.38 20.56
CA ALA D 312 16.70 -2.81 21.05
C ALA D 312 16.85 -1.96 22.31
N PHE D 313 18.04 -1.98 22.90
CA PHE D 313 18.27 -1.21 24.12
C PHE D 313 19.69 -0.69 24.24
N ASP D 314 19.85 0.34 25.06
CA ASP D 314 21.15 0.92 25.35
C ASP D 314 21.20 1.16 26.85
N VAL D 315 22.40 1.24 27.42
CA VAL D 315 22.52 1.43 28.85
C VAL D 315 23.10 2.78 29.23
N THR D 316 22.34 3.53 30.02
CA THR D 316 22.75 4.83 30.50
C THR D 316 23.60 4.61 31.77
N GLU D 317 24.11 5.68 32.34
CA GLU D 317 24.92 5.61 33.56
C GLU D 317 24.30 6.54 34.60
N ASN D 318 24.28 6.11 35.86
CA ASN D 318 23.68 6.92 36.92
C ASN D 318 24.13 8.37 36.85
N THR D 319 25.43 8.57 36.63
CA THR D 319 26.00 9.90 36.53
C THR D 319 25.33 10.71 35.43
N LEU D 320 24.99 10.04 34.34
CA LEU D 320 24.34 10.67 33.21
C LEU D 320 22.86 10.91 33.48
N ILE D 321 22.37 10.41 34.62
CA ILE D 321 20.97 10.58 34.99
C ILE D 321 20.77 11.31 36.31
N THR D 322 19.76 12.18 36.34
CA THR D 322 19.42 12.95 37.52
C THR D 322 18.93 12.01 38.62
N ALA D 323 17.62 11.97 38.80
CA ALA D 323 16.99 11.13 39.82
C ALA D 323 16.32 9.89 39.21
N ILE D 324 15.58 9.17 40.05
CA ILE D 324 14.88 7.96 39.63
C ILE D 324 13.54 7.83 40.37
N ILE D 325 12.46 8.13 39.67
CA ILE D 325 11.12 8.05 40.25
C ILE D 325 10.76 6.62 40.63
N THR D 326 9.90 6.46 41.63
CA THR D 326 9.48 5.14 42.10
C THR D 326 8.10 5.22 42.78
N GLU D 327 7.46 4.07 42.97
CA GLU D 327 6.16 4.03 43.62
C GLU D 327 6.38 4.36 45.09
N LYS D 328 7.62 4.21 45.54
CA LYS D 328 7.98 4.48 46.92
C LYS D 328 9.05 5.59 47.02
N GLY D 329 8.74 6.75 46.43
CA GLY D 329 9.66 7.87 46.49
C GLY D 329 10.61 8.07 45.32
N VAL D 330 11.53 9.03 45.48
CA VAL D 330 12.53 9.37 44.48
C VAL D 330 13.93 9.05 45.02
N ILE D 331 14.86 8.69 44.13
CA ILE D 331 16.21 8.35 44.55
C ILE D 331 17.26 9.28 43.95
N ARG D 332 18.49 9.21 44.47
CA ARG D 332 19.63 10.01 44.02
C ARG D 332 20.92 9.25 44.34
N PRO D 333 22.05 9.60 43.70
CA PRO D 333 23.30 8.87 44.01
C PRO D 333 23.67 9.05 45.48
N PRO D 334 24.69 8.32 45.97
CA PRO D 334 25.56 7.36 45.30
C PRO D 334 24.82 6.18 44.65
N PHE D 335 23.50 6.18 44.76
CA PHE D 335 22.66 5.13 44.18
C PHE D 335 23.01 3.73 44.70
N GLU D 336 24.18 3.21 44.31
CA GLU D 336 24.62 1.88 44.76
C GLU D 336 24.51 1.73 46.26
N GLU D 337 24.11 2.81 46.93
CA GLU D 337 23.94 2.81 48.38
C GLU D 337 22.95 3.88 48.80
N ASN D 338 21.72 3.73 48.34
CA ASN D 338 20.60 4.62 48.65
C ASN D 338 19.42 3.95 47.96
N ILE D 339 19.76 2.93 47.17
CA ILE D 339 18.78 2.15 46.44
C ILE D 339 18.40 0.97 47.33
N LYS D 340 19.42 0.39 47.98
CA LYS D 340 19.23 -0.74 48.88
C LYS D 340 18.32 -0.34 50.03
N LYS D 341 18.40 0.93 50.42
CA LYS D 341 17.58 1.44 51.51
C LYS D 341 16.10 1.22 51.19
N ILE D 342 15.80 0.98 49.91
CA ILE D 342 14.43 0.73 49.49
C ILE D 342 14.16 -0.78 49.49
N LEU D 343 15.21 -1.57 49.33
CA LEU D 343 15.09 -3.03 49.35
C LEU D 343 15.07 -3.45 50.81
N GLU D 344 14.10 -2.92 51.55
CA GLU D 344 13.96 -3.20 52.97
C GLU D 344 13.02 -4.38 53.26
#